data_2K40
#
_entry.id   2K40
#
_cell.length_a   1.000
_cell.length_b   1.000
_cell.length_c   1.000
_cell.angle_alpha   90.00
_cell.angle_beta   90.00
_cell.angle_gamma   90.00
#
_symmetry.space_group_name_H-M   'P 1'
#
_entity_poly.entity_id   1
_entity_poly.type   'polypeptide(L)'
_entity_poly.pdbx_seq_one_letter_code
;GRRPRTAFTQNQIEVLENVFRVNCYPGIDILEDLAQKLNLELDRIQIWFQNRRAKLKRSHRESQFLM
;
_entity_poly.pdbx_strand_id   A
#
# COMPACT_ATOMS: atom_id res chain seq x y z
N GLY A 1 15.28 -7.11 -6.32
CA GLY A 1 14.86 -8.39 -6.92
C GLY A 1 13.69 -8.98 -6.16
N ARG A 2 12.61 -9.29 -6.87
CA ARG A 2 11.33 -9.92 -6.47
C ARG A 2 11.05 -10.03 -4.95
N ARG A 3 10.88 -8.88 -4.31
CA ARG A 3 10.77 -8.78 -2.84
C ARG A 3 9.43 -9.35 -2.31
N PRO A 4 9.42 -9.94 -1.09
CA PRO A 4 8.20 -10.49 -0.47
C PRO A 4 7.27 -9.37 0.00
N ARG A 5 6.10 -9.72 0.58
CA ARG A 5 5.17 -8.78 1.22
C ARG A 5 5.89 -8.01 2.32
N THR A 6 6.35 -6.81 1.96
CA THR A 6 7.10 -5.89 2.81
C THR A 6 6.16 -5.22 3.82
N ALA A 7 6.66 -4.96 5.03
CA ALA A 7 5.95 -4.20 6.07
C ALA A 7 6.86 -3.11 6.66
N PHE A 8 6.25 -2.15 7.37
CA PHE A 8 6.90 -0.99 7.98
C PHE A 8 6.47 -0.81 9.44
N THR A 9 6.87 0.31 10.05
CA THR A 9 6.17 0.89 11.20
C THR A 9 4.77 1.38 10.79
N GLN A 10 3.77 1.28 11.66
CA GLN A 10 2.44 1.81 11.41
C GLN A 10 2.42 3.35 11.20
N ASN A 11 3.45 4.08 11.65
CA ASN A 11 3.65 5.51 11.35
C ASN A 11 4.01 5.78 9.87
N GLN A 12 4.39 4.74 9.11
CA GLN A 12 4.62 4.76 7.66
C GLN A 12 3.37 4.24 6.92
N ILE A 13 2.77 3.16 7.43
CA ILE A 13 1.50 2.62 6.93
C ILE A 13 0.41 3.67 6.94
N GLU A 14 0.25 4.44 8.02
CA GLU A 14 -0.82 5.44 8.11
C GLU A 14 -0.75 6.56 7.06
N VAL A 15 0.44 6.93 6.56
CA VAL A 15 0.49 7.88 5.43
C VAL A 15 -0.07 7.21 4.17
N LEU A 16 0.37 5.98 3.89
CA LEU A 16 -0.07 5.19 2.75
C LEU A 16 -1.58 4.86 2.81
N GLU A 17 -2.10 4.44 3.97
CA GLU A 17 -3.54 4.36 4.27
C GLU A 17 -4.30 5.63 3.92
N ASN A 18 -3.92 6.77 4.50
CA ASN A 18 -4.66 8.02 4.30
C ASN A 18 -4.58 8.57 2.86
N VAL A 19 -3.58 8.15 2.06
CA VAL A 19 -3.56 8.29 0.60
C VAL A 19 -4.51 7.30 -0.08
N PHE A 20 -4.44 6.00 0.25
CA PHE A 20 -5.23 4.91 -0.33
C PHE A 20 -6.75 5.15 -0.25
N ARG A 21 -7.25 5.88 0.76
CA ARG A 21 -8.63 6.41 0.79
C ARG A 21 -9.01 7.16 -0.50
N VAL A 22 -8.16 8.13 -0.86
CA VAL A 22 -8.30 9.08 -1.97
C VAL A 22 -8.11 8.40 -3.32
N ASN A 23 -7.03 7.64 -3.49
CA ASN A 23 -6.71 6.88 -4.69
C ASN A 23 -6.33 5.41 -4.38
N CYS A 24 -7.30 4.50 -4.48
CA CYS A 24 -7.08 3.07 -4.30
C CYS A 24 -6.09 2.45 -5.31
N TYR A 25 -5.71 3.15 -6.39
CA TYR A 25 -4.51 2.87 -7.18
C TYR A 25 -3.90 4.17 -7.73
N PRO A 26 -2.79 4.69 -7.17
CA PRO A 26 -2.18 5.97 -7.59
C PRO A 26 -1.40 5.85 -8.92
N GLY A 27 -0.88 6.99 -9.41
CA GLY A 27 0.07 7.07 -10.53
C GLY A 27 1.51 7.27 -10.09
N ILE A 28 2.45 7.30 -11.06
CA ILE A 28 3.89 7.25 -10.78
C ILE A 28 4.38 8.46 -9.96
N ASP A 29 3.88 9.66 -10.23
CA ASP A 29 4.28 10.87 -9.51
C ASP A 29 3.87 10.87 -8.04
N ILE A 30 2.73 10.24 -7.69
CA ILE A 30 2.32 10.02 -6.30
C ILE A 30 3.19 8.95 -5.64
N LEU A 31 3.56 7.89 -6.38
CA LEU A 31 4.52 6.88 -5.89
C LEU A 31 5.91 7.49 -5.66
N GLU A 32 6.46 8.26 -6.62
CA GLU A 32 7.69 9.04 -6.42
C GLU A 32 7.58 10.09 -5.31
N ASP A 33 6.47 10.82 -5.17
CA ASP A 33 6.25 11.73 -4.03
C ASP A 33 6.36 10.99 -2.69
N LEU A 34 5.65 9.88 -2.53
CA LEU A 34 5.75 9.02 -1.35
C LEU A 34 7.17 8.44 -1.16
N ALA A 35 7.83 8.00 -2.23
CA ALA A 35 9.21 7.52 -2.21
C ALA A 35 10.18 8.56 -1.66
N GLN A 36 10.17 9.78 -2.23
CA GLN A 36 11.06 10.86 -1.78
C GLN A 36 10.77 11.33 -0.33
N LYS A 37 9.53 11.25 0.13
CA LYS A 37 9.10 11.65 1.49
C LYS A 37 9.38 10.59 2.56
N LEU A 38 8.85 9.38 2.37
CA LEU A 38 8.86 8.28 3.36
C LEU A 38 10.23 7.61 3.54
N ASN A 39 11.20 7.93 2.66
CA ASN A 39 12.39 7.15 2.35
C ASN A 39 12.05 5.67 2.11
N LEU A 40 11.40 5.43 0.97
CA LEU A 40 11.11 4.13 0.37
C LEU A 40 11.41 4.21 -1.12
N GLU A 41 11.64 3.07 -1.76
CA GLU A 41 11.72 2.91 -3.21
C GLU A 41 10.33 2.64 -3.79
N LEU A 42 10.07 3.15 -5.02
CA LEU A 42 8.79 2.95 -5.72
C LEU A 42 8.33 1.49 -5.74
N ASP A 43 9.24 0.53 -5.94
CA ASP A 43 8.98 -0.91 -5.90
C ASP A 43 8.33 -1.35 -4.57
N ARG A 44 8.87 -0.95 -3.41
CA ARG A 44 8.26 -1.26 -2.11
C ARG A 44 6.85 -0.68 -1.99
N ILE A 45 6.61 0.54 -2.48
CA ILE A 45 5.26 1.15 -2.40
C ILE A 45 4.29 0.54 -3.43
N GLN A 46 4.75 0.15 -4.61
CA GLN A 46 4.00 -0.68 -5.56
C GLN A 46 3.56 -2.02 -4.93
N ILE A 47 4.51 -2.78 -4.34
CA ILE A 47 4.18 -4.00 -3.59
C ILE A 47 3.22 -3.69 -2.43
N TRP A 48 3.33 -2.56 -1.72
CA TRP A 48 2.33 -2.17 -0.71
C TRP A 48 0.94 -1.96 -1.33
N PHE A 49 0.79 -1.04 -2.30
CA PHE A 49 -0.51 -0.76 -2.94
C PHE A 49 -1.17 -1.99 -3.59
N GLN A 50 -0.40 -2.84 -4.28
CA GLN A 50 -0.92 -4.09 -4.84
C GLN A 50 -1.26 -5.15 -3.78
N ASN A 51 -0.48 -5.32 -2.71
CA ASN A 51 -0.95 -6.17 -1.61
C ASN A 51 -2.23 -5.62 -0.95
N ARG A 52 -2.39 -4.30 -0.89
CA ARG A 52 -3.62 -3.62 -0.44
C ARG A 52 -4.85 -4.03 -1.22
N ARG A 53 -4.82 -3.80 -2.54
CA ARG A 53 -5.87 -4.22 -3.46
C ARG A 53 -6.13 -5.73 -3.38
N ALA A 54 -5.09 -6.56 -3.46
CA ALA A 54 -5.22 -8.01 -3.27
C ALA A 54 -5.94 -8.40 -1.95
N LYS A 55 -5.56 -7.81 -0.80
CA LYS A 55 -6.23 -8.04 0.50
C LYS A 55 -7.69 -7.64 0.48
N LEU A 56 -8.01 -6.44 -0.02
CA LEU A 56 -9.38 -5.93 -0.18
C LEU A 56 -10.26 -6.82 -1.08
N LYS A 57 -9.70 -7.39 -2.16
CA LYS A 57 -10.39 -8.36 -3.02
C LYS A 57 -10.68 -9.68 -2.31
N ARG A 58 -9.70 -10.21 -1.57
CA ARG A 58 -9.75 -11.36 -0.63
C ARG A 58 -9.89 -12.73 -1.31
N SER A 59 -10.72 -12.85 -2.34
CA SER A 59 -10.77 -13.97 -3.31
C SER A 59 -10.90 -13.44 -4.75
N HIS A 60 -10.61 -14.30 -5.73
CA HIS A 60 -10.59 -14.07 -7.18
C HIS A 60 -9.52 -13.05 -7.66
N ARG A 61 -9.36 -12.89 -8.99
CA ARG A 61 -8.49 -11.91 -9.69
C ARG A 61 -8.97 -11.68 -11.14
N GLU A 62 -8.76 -10.50 -11.71
CA GLU A 62 -9.16 -10.12 -13.08
C GLU A 62 -8.71 -11.15 -14.14
N SER A 63 -7.40 -11.27 -14.36
CA SER A 63 -6.78 -12.19 -15.36
C SER A 63 -6.83 -13.68 -14.93
N GLN A 64 -7.79 -14.06 -14.09
CA GLN A 64 -7.88 -15.37 -13.45
C GLN A 64 -9.34 -15.87 -13.39
N PHE A 65 -9.48 -17.19 -13.31
CA PHE A 65 -10.74 -17.92 -13.16
C PHE A 65 -10.46 -19.26 -12.47
N LEU A 66 -9.53 -20.06 -13.01
CA LEU A 66 -9.25 -21.48 -12.74
C LEU A 66 -10.45 -22.42 -12.97
N MET A 67 -11.62 -22.08 -12.43
CA MET A 67 -12.88 -22.84 -12.47
C MET A 67 -12.71 -24.26 -11.92
N GLY A 1 15.92 -1.39 3.03
CA GLY A 1 16.66 -2.59 3.45
C GLY A 1 16.15 -3.84 2.75
N ARG A 2 17.03 -4.59 2.08
CA ARG A 2 16.78 -5.86 1.36
C ARG A 2 16.30 -6.95 2.32
N ARG A 3 14.99 -7.07 2.52
CA ARG A 3 14.37 -7.86 3.61
C ARG A 3 12.96 -8.32 3.22
N PRO A 4 12.56 -9.59 3.47
CA PRO A 4 11.24 -10.13 3.07
C PRO A 4 10.07 -9.70 3.98
N ARG A 5 9.90 -8.38 4.16
CA ARG A 5 8.73 -7.76 4.81
C ARG A 5 8.46 -6.37 4.22
N THR A 6 7.21 -6.13 3.81
CA THR A 6 6.72 -4.85 3.25
C THR A 6 5.74 -4.14 4.19
N ALA A 7 5.19 -4.84 5.18
CA ALA A 7 4.49 -4.25 6.32
C ALA A 7 5.44 -3.42 7.22
N PHE A 8 5.50 -2.13 6.93
CA PHE A 8 6.34 -1.07 7.53
C PHE A 8 6.04 -0.76 9.01
N THR A 9 6.60 0.35 9.49
CA THR A 9 6.21 1.07 10.72
C THR A 9 4.82 1.69 10.55
N GLN A 10 3.98 1.66 11.59
CA GLN A 10 2.60 2.14 11.55
C GLN A 10 2.46 3.60 11.11
N ASN A 11 3.41 4.48 11.41
CA ASN A 11 3.37 5.87 10.93
C ASN A 11 3.45 5.97 9.39
N GLN A 12 4.18 5.06 8.75
CA GLN A 12 4.26 4.94 7.30
C GLN A 12 3.01 4.26 6.72
N ILE A 13 2.49 3.21 7.38
CA ILE A 13 1.21 2.58 7.01
C ILE A 13 0.08 3.60 7.02
N GLU A 14 -0.16 4.30 8.13
CA GLU A 14 -1.28 5.23 8.27
C GLU A 14 -1.18 6.50 7.42
N VAL A 15 -0.03 6.79 6.79
CA VAL A 15 0.10 7.73 5.67
C VAL A 15 -0.27 7.05 4.34
N LEU A 16 0.33 5.89 4.04
CA LEU A 16 0.06 5.11 2.82
C LEU A 16 -1.43 4.71 2.69
N GLU A 17 -2.06 4.17 3.73
CA GLU A 17 -3.51 3.90 3.80
C GLU A 17 -4.35 5.17 3.60
N ASN A 18 -3.93 6.32 4.14
CA ASN A 18 -4.59 7.60 3.84
C ASN A 18 -4.57 7.99 2.36
N VAL A 19 -3.53 7.63 1.61
CA VAL A 19 -3.52 7.77 0.13
C VAL A 19 -4.42 6.72 -0.51
N PHE A 20 -4.25 5.43 -0.16
CA PHE A 20 -5.07 4.31 -0.67
C PHE A 20 -6.59 4.49 -0.46
N ARG A 21 -7.00 5.23 0.58
CA ARG A 21 -8.37 5.77 0.79
C ARG A 21 -8.82 6.64 -0.39
N VAL A 22 -8.17 7.77 -0.66
CA VAL A 22 -8.56 8.75 -1.70
C VAL A 22 -8.30 8.28 -3.14
N ASN A 23 -7.22 7.52 -3.38
CA ASN A 23 -6.91 6.87 -4.65
C ASN A 23 -6.30 5.48 -4.44
N CYS A 24 -7.07 4.43 -4.70
CA CYS A 24 -6.60 3.04 -4.65
C CYS A 24 -5.47 2.74 -5.66
N TYR A 25 -5.43 3.49 -6.76
CA TYR A 25 -4.33 3.60 -7.72
C TYR A 25 -3.87 5.07 -7.81
N PRO A 26 -2.81 5.47 -7.09
CA PRO A 26 -2.14 6.74 -7.32
C PRO A 26 -1.52 6.82 -8.72
N GLY A 27 -1.13 8.02 -9.16
CA GLY A 27 -0.21 8.18 -10.30
C GLY A 27 1.24 7.86 -9.91
N ILE A 28 2.13 7.67 -10.89
CA ILE A 28 3.54 7.36 -10.61
C ILE A 28 4.22 8.50 -9.85
N ASP A 29 3.82 9.74 -10.08
CA ASP A 29 4.31 10.95 -9.41
C ASP A 29 3.95 10.97 -7.92
N ILE A 30 2.83 10.34 -7.53
CA ILE A 30 2.42 10.20 -6.12
C ILE A 30 3.19 9.04 -5.48
N LEU A 31 3.42 7.94 -6.21
CA LEU A 31 4.29 6.85 -5.76
C LEU A 31 5.75 7.33 -5.60
N GLU A 32 6.27 8.12 -6.54
CA GLU A 32 7.50 8.90 -6.38
C GLU A 32 7.43 9.86 -5.20
N ASP A 33 6.46 10.76 -5.09
CA ASP A 33 6.42 11.71 -3.95
C ASP A 33 6.43 11.01 -2.59
N LEU A 34 5.71 9.89 -2.46
CA LEU A 34 5.79 9.00 -1.31
C LEU A 34 7.22 8.45 -1.12
N ALA A 35 7.85 7.84 -2.13
CA ALA A 35 9.24 7.38 -2.08
C ALA A 35 10.21 8.50 -1.62
N GLN A 36 10.19 9.63 -2.33
CA GLN A 36 10.99 10.83 -2.07
C GLN A 36 10.80 11.34 -0.63
N LYS A 37 9.57 11.34 -0.09
CA LYS A 37 9.28 11.77 1.29
C LYS A 37 9.54 10.72 2.37
N LEU A 38 9.44 9.42 2.07
CA LEU A 38 9.48 8.34 3.07
C LEU A 38 10.83 7.62 3.16
N ASN A 39 11.67 7.72 2.12
CA ASN A 39 12.91 6.94 1.93
C ASN A 39 12.69 5.42 1.80
N LEU A 40 11.55 5.04 1.21
CA LEU A 40 11.38 3.80 0.44
C LEU A 40 11.68 4.06 -1.04
N GLU A 41 11.76 3.00 -1.85
CA GLU A 41 11.65 3.09 -3.30
C GLU A 41 10.22 2.78 -3.81
N LEU A 42 9.98 3.17 -5.07
CA LEU A 42 8.80 2.88 -5.88
C LEU A 42 8.33 1.42 -5.71
N ASP A 43 9.22 0.45 -5.87
CA ASP A 43 8.96 -1.01 -5.77
C ASP A 43 8.30 -1.42 -4.45
N ARG A 44 8.88 -1.09 -3.30
CA ARG A 44 8.32 -1.49 -1.99
C ARG A 44 6.97 -0.81 -1.73
N ILE A 45 6.77 0.42 -2.20
CA ILE A 45 5.45 1.09 -2.13
C ILE A 45 4.45 0.47 -3.12
N GLN A 46 4.85 0.14 -4.35
CA GLN A 46 4.00 -0.57 -5.32
C GLN A 46 3.54 -1.91 -4.74
N ILE A 47 4.47 -2.75 -4.27
CA ILE A 47 4.14 -4.02 -3.60
C ILE A 47 3.23 -3.79 -2.40
N TRP A 48 3.46 -2.76 -1.55
CA TRP A 48 2.51 -2.40 -0.49
C TRP A 48 1.11 -2.11 -1.03
N PHE A 49 0.95 -1.16 -1.97
CA PHE A 49 -0.35 -0.78 -2.54
C PHE A 49 -1.08 -1.97 -3.17
N GLN A 50 -0.38 -2.74 -4.00
CA GLN A 50 -0.94 -3.94 -4.65
C GLN A 50 -1.34 -4.99 -3.62
N ASN A 51 -0.52 -5.29 -2.60
CA ASN A 51 -0.95 -6.20 -1.54
C ASN A 51 -2.17 -5.67 -0.75
N ARG A 52 -2.29 -4.35 -0.54
CA ARG A 52 -3.49 -3.70 0.01
C ARG A 52 -4.75 -4.01 -0.79
N ARG A 53 -4.84 -3.58 -2.06
CA ARG A 53 -6.01 -3.91 -2.90
C ARG A 53 -6.24 -5.42 -3.05
N ALA A 54 -5.18 -6.21 -3.25
CA ALA A 54 -5.28 -7.68 -3.27
C ALA A 54 -5.74 -8.35 -1.95
N LYS A 55 -5.83 -7.61 -0.83
CA LYS A 55 -6.26 -8.13 0.48
C LYS A 55 -7.35 -7.29 1.16
N LEU A 56 -7.94 -6.29 0.51
CA LEU A 56 -8.96 -5.41 1.12
C LEU A 56 -10.08 -6.22 1.78
N LYS A 57 -10.77 -7.09 1.01
CA LYS A 57 -11.77 -8.06 1.50
C LYS A 57 -11.25 -9.20 2.41
N ARG A 58 -10.01 -9.11 2.93
CA ARG A 58 -9.47 -9.94 4.03
C ARG A 58 -8.61 -9.14 5.04
N SER A 59 -8.75 -7.81 5.07
CA SER A 59 -7.96 -6.90 5.93
C SER A 59 -8.70 -6.54 7.21
N HIS A 60 -8.79 -7.51 8.13
CA HIS A 60 -9.54 -7.46 9.40
C HIS A 60 -8.94 -6.53 10.49
N ARG A 61 -8.63 -5.27 10.12
CA ARG A 61 -8.17 -4.14 10.98
C ARG A 61 -8.91 -2.83 10.65
N GLU A 62 -9.85 -2.87 9.71
CA GLU A 62 -10.86 -1.81 9.55
C GLU A 62 -11.90 -1.88 10.69
N SER A 63 -12.62 -0.79 10.93
CA SER A 63 -13.78 -0.72 11.85
C SER A 63 -14.83 0.27 11.34
N GLN A 64 -15.00 0.35 10.02
CA GLN A 64 -15.93 1.28 9.34
C GLN A 64 -17.37 0.74 9.40
N PHE A 65 -17.67 -0.37 8.73
CA PHE A 65 -18.97 -1.05 8.82
C PHE A 65 -18.86 -2.58 8.66
N LEU A 66 -18.77 -3.05 7.42
CA LEU A 66 -18.72 -4.45 6.99
C LEU A 66 -18.18 -4.50 5.54
N MET A 67 -17.68 -5.64 5.06
CA MET A 67 -17.35 -5.86 3.64
C MET A 67 -17.60 -7.31 3.23
N GLY A 1 14.76 -16.97 -0.78
CA GLY A 1 13.74 -16.07 -0.24
C GLY A 1 12.59 -15.91 -1.22
N ARG A 2 11.36 -15.79 -0.70
CA ARG A 2 10.09 -15.72 -1.43
C ARG A 2 9.17 -14.59 -0.90
N ARG A 3 7.95 -14.48 -1.46
CA ARG A 3 6.90 -13.44 -1.25
C ARG A 3 7.32 -12.21 -0.43
N PRO A 4 8.11 -11.27 -1.01
CA PRO A 4 8.69 -10.12 -0.29
C PRO A 4 7.69 -8.97 -0.04
N ARG A 5 6.49 -9.27 0.47
CA ARG A 5 5.47 -8.28 0.85
C ARG A 5 6.02 -7.35 1.95
N THR A 6 6.38 -6.13 1.57
CA THR A 6 7.05 -5.17 2.46
C THR A 6 6.09 -4.64 3.52
N ALA A 7 6.54 -4.58 4.78
CA ALA A 7 5.77 -4.11 5.93
C ALA A 7 6.59 -3.09 6.75
N PHE A 8 6.06 -1.89 6.92
CA PHE A 8 6.67 -0.78 7.67
C PHE A 8 6.19 -0.72 9.13
N THR A 9 6.51 0.37 9.82
CA THR A 9 5.80 0.76 11.06
C THR A 9 4.42 1.38 10.75
N GLN A 10 3.47 1.29 11.68
CA GLN A 10 2.12 1.82 11.51
C GLN A 10 2.12 3.31 11.13
N ASN A 11 2.99 4.14 11.72
CA ASN A 11 3.09 5.57 11.42
C ASN A 11 3.51 5.89 9.96
N GLN A 12 3.95 4.88 9.18
CA GLN A 12 4.16 4.94 7.73
C GLN A 12 3.01 4.28 6.96
N ILE A 13 2.45 3.18 7.47
CA ILE A 13 1.23 2.54 6.93
C ILE A 13 0.08 3.54 6.87
N GLU A 14 -0.23 4.24 7.96
CA GLU A 14 -1.36 5.17 8.04
C GLU A 14 -1.27 6.33 7.05
N VAL A 15 -0.07 6.77 6.67
CA VAL A 15 0.14 7.78 5.60
C VAL A 15 -0.19 7.18 4.23
N LEU A 16 0.32 5.98 3.96
CA LEU A 16 0.09 5.24 2.71
C LEU A 16 -1.40 4.86 2.56
N GLU A 17 -2.03 4.33 3.61
CA GLU A 17 -3.48 4.17 3.76
C GLU A 17 -4.23 5.48 3.53
N ASN A 18 -3.88 6.57 4.19
CA ASN A 18 -4.53 7.87 4.02
C ASN A 18 -4.53 8.38 2.55
N VAL A 19 -3.52 8.02 1.74
CA VAL A 19 -3.58 8.22 0.27
C VAL A 19 -4.55 7.22 -0.38
N PHE A 20 -4.36 5.92 -0.17
CA PHE A 20 -5.21 4.83 -0.68
C PHE A 20 -6.72 5.02 -0.39
N ARG A 21 -7.06 5.64 0.75
CA ARG A 21 -8.41 5.92 1.27
C ARG A 21 -9.22 6.92 0.44
N VAL A 22 -8.57 7.78 -0.34
CA VAL A 22 -9.18 8.73 -1.29
C VAL A 22 -8.79 8.46 -2.75
N ASN A 23 -7.56 8.03 -2.98
CA ASN A 23 -6.99 7.68 -4.28
C ASN A 23 -6.67 6.18 -4.32
N CYS A 24 -7.70 5.37 -4.52
CA CYS A 24 -7.66 3.90 -4.51
C CYS A 24 -6.65 3.26 -5.49
N TYR A 25 -6.22 4.01 -6.51
CA TYR A 25 -5.06 3.69 -7.34
C TYR A 25 -4.33 5.00 -7.76
N PRO A 26 -3.25 5.41 -7.06
CA PRO A 26 -2.51 6.62 -7.40
C PRO A 26 -1.73 6.46 -8.72
N GLY A 27 -1.19 7.57 -9.25
CA GLY A 27 -0.25 7.53 -10.36
C GLY A 27 1.20 7.43 -9.89
N ILE A 28 2.13 7.12 -10.82
CA ILE A 28 3.54 6.86 -10.46
C ILE A 28 4.23 8.10 -9.90
N ASP A 29 3.87 9.33 -10.30
CA ASP A 29 4.37 10.57 -9.66
C ASP A 29 4.03 10.67 -8.17
N ILE A 30 2.83 10.25 -7.76
CA ILE A 30 2.46 10.16 -6.35
C ILE A 30 3.23 9.03 -5.64
N LEU A 31 3.43 7.88 -6.31
CA LEU A 31 4.23 6.77 -5.76
C LEU A 31 5.72 7.13 -5.62
N GLU A 32 6.33 7.76 -6.64
CA GLU A 32 7.63 8.44 -6.60
C GLU A 32 7.72 9.45 -5.47
N ASP A 33 6.85 10.46 -5.41
CA ASP A 33 6.95 11.46 -4.35
C ASP A 33 6.76 10.86 -2.94
N LEU A 34 5.88 9.86 -2.75
CA LEU A 34 5.80 9.08 -1.52
C LEU A 34 7.11 8.34 -1.21
N ALA A 35 7.70 7.65 -2.19
CA ALA A 35 8.98 6.95 -2.06
C ALA A 35 10.07 7.93 -1.62
N GLN A 36 10.24 9.00 -2.39
CA GLN A 36 11.17 10.11 -2.15
C GLN A 36 10.88 10.95 -0.88
N LYS A 37 9.82 10.68 -0.12
CA LYS A 37 9.42 11.45 1.09
C LYS A 37 9.17 10.60 2.35
N LEU A 38 8.95 9.30 2.19
CA LEU A 38 9.02 8.26 3.24
C LEU A 38 10.39 7.52 3.25
N ASN A 39 11.29 7.96 2.36
CA ASN A 39 12.57 7.35 2.02
C ASN A 39 12.52 5.82 1.85
N LEU A 40 11.69 5.41 0.88
CA LEU A 40 11.55 4.07 0.30
C LEU A 40 11.86 4.17 -1.20
N GLU A 41 11.92 3.06 -1.92
CA GLU A 41 11.87 3.06 -3.39
C GLU A 41 10.46 2.80 -3.94
N LEU A 42 10.31 3.07 -5.24
CA LEU A 42 9.07 2.83 -5.97
C LEU A 42 8.54 1.40 -5.80
N ASP A 43 9.39 0.38 -5.95
CA ASP A 43 9.02 -1.03 -5.74
C ASP A 43 8.38 -1.26 -4.36
N ARG A 44 9.03 -0.86 -3.27
CA ARG A 44 8.52 -1.19 -1.92
C ARG A 44 7.18 -0.52 -1.62
N ILE A 45 6.91 0.66 -2.19
CA ILE A 45 5.56 1.26 -2.13
C ILE A 45 4.59 0.62 -3.14
N GLN A 46 5.01 0.30 -4.38
CA GLN A 46 4.21 -0.49 -5.31
C GLN A 46 3.76 -1.84 -4.72
N ILE A 47 4.68 -2.65 -4.20
CA ILE A 47 4.38 -3.91 -3.51
C ILE A 47 3.53 -3.65 -2.27
N TRP A 48 3.70 -2.56 -1.51
CA TRP A 48 2.72 -2.21 -0.47
C TRP A 48 1.31 -2.02 -1.05
N PHE A 49 1.10 -1.05 -1.96
CA PHE A 49 -0.23 -0.77 -2.52
C PHE A 49 -0.86 -2.01 -3.17
N GLN A 50 -0.13 -2.71 -4.04
CA GLN A 50 -0.58 -3.95 -4.69
C GLN A 50 -0.90 -5.06 -3.67
N ASN A 51 -0.16 -5.18 -2.55
CA ASN A 51 -0.58 -6.12 -1.50
C ASN A 51 -1.93 -5.71 -0.88
N ARG A 52 -2.11 -4.46 -0.42
CA ARG A 52 -3.39 -4.03 0.18
C ARG A 52 -4.56 -4.21 -0.80
N ARG A 53 -4.38 -3.74 -2.05
CA ARG A 53 -5.38 -3.84 -3.13
C ARG A 53 -5.71 -5.29 -3.52
N ALA A 54 -4.73 -6.21 -3.49
CA ALA A 54 -5.00 -7.66 -3.60
C ALA A 54 -5.71 -8.25 -2.36
N LYS A 55 -5.20 -7.96 -1.16
CA LYS A 55 -5.74 -8.38 0.16
C LYS A 55 -7.21 -7.97 0.35
N LEU A 56 -7.63 -6.88 -0.29
CA LEU A 56 -9.04 -6.45 -0.39
C LEU A 56 -9.92 -7.52 -1.06
N LYS A 57 -9.53 -8.05 -2.24
CA LYS A 57 -10.32 -9.10 -2.94
C LYS A 57 -10.43 -10.38 -2.11
N ARG A 58 -9.35 -10.78 -1.43
CA ARG A 58 -9.35 -11.81 -0.35
C ARG A 58 -9.84 -11.24 0.99
N SER A 59 -11.04 -10.65 1.02
CA SER A 59 -11.81 -10.36 2.24
C SER A 59 -13.32 -10.40 1.97
N HIS A 60 -14.15 -10.36 3.01
CA HIS A 60 -15.61 -10.51 2.88
C HIS A 60 -16.40 -9.61 3.86
N ARG A 61 -16.58 -8.33 3.50
CA ARG A 61 -17.53 -7.39 4.14
C ARG A 61 -18.19 -6.52 3.07
N GLU A 62 -19.30 -5.86 3.42
CA GLU A 62 -20.10 -4.99 2.55
C GLU A 62 -20.51 -3.74 3.35
N SER A 63 -20.62 -2.58 2.68
CA SER A 63 -20.98 -1.30 3.32
C SER A 63 -22.39 -0.84 2.93
N GLN A 64 -23.13 -0.31 3.90
CA GLN A 64 -24.50 0.14 3.69
C GLN A 64 -24.55 1.51 3.02
N PHE A 65 -25.38 1.62 1.97
CA PHE A 65 -25.52 2.80 1.10
C PHE A 65 -26.22 3.99 1.81
N LEU A 66 -26.22 5.17 1.17
CA LEU A 66 -26.75 6.44 1.70
C LEU A 66 -27.57 7.20 0.64
N MET A 67 -28.12 8.36 0.99
CA MET A 67 -28.93 9.23 0.11
C MET A 67 -28.44 10.67 0.13
N GLY A 1 17.89 -14.30 2.62
CA GLY A 1 17.31 -14.33 1.26
C GLY A 1 16.87 -12.94 0.90
N ARG A 2 15.57 -12.76 0.60
CA ARG A 2 14.90 -11.46 0.48
C ARG A 2 13.53 -11.52 1.19
N ARG A 3 13.43 -10.91 2.39
CA ARG A 3 12.38 -11.13 3.41
C ARG A 3 10.95 -11.27 2.86
N PRO A 4 10.17 -12.29 3.26
CA PRO A 4 8.78 -12.46 2.84
C PRO A 4 7.90 -11.34 3.42
N ARG A 5 7.26 -10.57 2.53
CA ARG A 5 6.48 -9.33 2.79
C ARG A 5 7.37 -8.17 3.29
N THR A 6 7.28 -7.02 2.61
CA THR A 6 8.14 -5.84 2.80
C THR A 6 8.15 -5.31 4.25
N ALA A 7 6.97 -4.95 4.75
CA ALA A 7 6.65 -4.27 6.01
C ALA A 7 7.31 -2.88 6.24
N PHE A 8 6.58 -2.03 6.97
CA PHE A 8 6.98 -0.71 7.46
C PHE A 8 6.70 -0.58 8.97
N THR A 9 6.80 0.63 9.52
CA THR A 9 6.16 1.01 10.80
C THR A 9 4.71 1.43 10.55
N GLN A 10 3.78 1.20 11.50
CA GLN A 10 2.38 1.63 11.39
C GLN A 10 2.26 3.16 11.21
N ASN A 11 3.18 3.93 11.80
CA ASN A 11 3.34 5.38 11.57
C ASN A 11 3.53 5.75 10.08
N GLN A 12 4.14 4.87 9.29
CA GLN A 12 4.36 5.01 7.84
C GLN A 12 3.17 4.44 7.06
N ILE A 13 2.63 3.29 7.47
CA ILE A 13 1.38 2.72 6.92
C ILE A 13 0.26 3.75 6.94
N GLU A 14 0.04 4.45 8.06
CA GLU A 14 -0.96 5.53 8.18
C GLU A 14 -0.98 6.56 7.04
N VAL A 15 0.17 7.13 6.67
CA VAL A 15 0.26 8.11 5.57
C VAL A 15 -0.06 7.44 4.22
N LEU A 16 0.46 6.24 4.02
CA LEU A 16 0.22 5.43 2.81
C LEU A 16 -1.26 5.02 2.67
N GLU A 17 -1.91 4.51 3.73
CA GLU A 17 -3.34 4.23 3.75
C GLU A 17 -4.20 5.49 3.62
N ASN A 18 -3.78 6.61 4.22
CA ASN A 18 -4.46 7.90 4.00
C ASN A 18 -4.45 8.35 2.53
N VAL A 19 -3.41 8.04 1.73
CA VAL A 19 -3.46 8.22 0.27
C VAL A 19 -4.38 7.20 -0.40
N PHE A 20 -4.21 5.91 -0.10
CA PHE A 20 -5.03 4.80 -0.62
C PHE A 20 -6.55 4.99 -0.40
N ARG A 21 -6.93 5.65 0.71
CA ARG A 21 -8.29 6.07 1.09
C ARG A 21 -8.94 7.03 0.09
N VAL A 22 -8.15 7.80 -0.66
CA VAL A 22 -8.59 8.78 -1.68
C VAL A 22 -8.30 8.29 -3.11
N ASN A 23 -7.17 7.63 -3.33
CA ASN A 23 -6.73 7.07 -4.62
C ASN A 23 -6.37 5.58 -4.46
N CYS A 24 -7.40 4.73 -4.56
CA CYS A 24 -7.31 3.26 -4.44
C CYS A 24 -6.25 2.65 -5.41
N TYR A 25 -6.09 3.25 -6.59
CA TYR A 25 -4.85 3.18 -7.38
C TYR A 25 -4.25 4.58 -7.53
N PRO A 26 -3.02 4.83 -7.03
CA PRO A 26 -2.31 6.09 -7.22
C PRO A 26 -1.74 6.23 -8.64
N GLY A 27 -1.23 7.42 -8.96
CA GLY A 27 -0.37 7.65 -10.12
C GLY A 27 1.09 7.30 -9.83
N ILE A 28 1.95 7.30 -10.85
CA ILE A 28 3.38 7.01 -10.70
C ILE A 28 4.05 8.07 -9.83
N ASP A 29 3.81 9.34 -10.14
CA ASP A 29 4.23 10.53 -9.39
C ASP A 29 3.80 10.52 -7.91
N ILE A 30 2.69 9.86 -7.58
CA ILE A 30 2.22 9.68 -6.20
C ILE A 30 2.99 8.54 -5.51
N LEU A 31 3.35 7.47 -6.25
CA LEU A 31 4.26 6.43 -5.78
C LEU A 31 5.70 6.97 -5.60
N GLU A 32 6.22 7.74 -6.56
CA GLU A 32 7.46 8.50 -6.48
C GLU A 32 7.48 9.45 -5.28
N ASP A 33 6.48 10.33 -5.14
CA ASP A 33 6.44 11.25 -3.99
C ASP A 33 6.38 10.48 -2.66
N LEU A 34 5.57 9.42 -2.54
CA LEU A 34 5.57 8.59 -1.33
C LEU A 34 6.91 7.91 -1.07
N ALA A 35 7.57 7.35 -2.09
CA ALA A 35 8.92 6.79 -1.97
C ALA A 35 9.91 7.87 -1.48
N GLN A 36 10.03 8.97 -2.23
CA GLN A 36 10.96 10.06 -1.95
C GLN A 36 10.71 10.76 -0.60
N LYS A 37 9.47 10.86 -0.13
CA LYS A 37 9.07 11.61 1.08
C LYS A 37 9.10 10.78 2.35
N LEU A 38 8.58 9.55 2.35
CA LEU A 38 8.60 8.62 3.50
C LEU A 38 9.96 7.92 3.67
N ASN A 39 10.82 8.03 2.65
CA ASN A 39 12.23 7.60 2.60
C ASN A 39 12.33 6.10 2.30
N LEU A 40 11.79 5.70 1.15
CA LEU A 40 11.62 4.35 0.63
C LEU A 40 12.01 4.32 -0.86
N GLU A 41 11.63 3.27 -1.59
CA GLU A 41 11.82 3.14 -3.04
C GLU A 41 10.53 2.64 -3.72
N LEU A 42 10.30 3.06 -4.97
CA LEU A 42 9.04 2.87 -5.69
C LEU A 42 8.58 1.41 -5.75
N ASP A 43 9.49 0.44 -5.91
CA ASP A 43 9.17 -1.00 -5.87
C ASP A 43 8.47 -1.41 -4.57
N ARG A 44 8.93 -0.91 -3.42
CA ARG A 44 8.31 -1.17 -2.12
C ARG A 44 6.93 -0.54 -2.02
N ILE A 45 6.74 0.65 -2.58
CA ILE A 45 5.41 1.30 -2.60
C ILE A 45 4.45 0.61 -3.58
N GLN A 46 4.93 0.17 -4.74
CA GLN A 46 4.21 -0.69 -5.68
C GLN A 46 3.76 -1.99 -5.01
N ILE A 47 4.68 -2.79 -4.45
CA ILE A 47 4.34 -4.01 -3.70
C ILE A 47 3.39 -3.70 -2.55
N TRP A 48 3.60 -2.60 -1.80
CA TRP A 48 2.68 -2.20 -0.74
C TRP A 48 1.26 -1.93 -1.24
N PHE A 49 1.07 -1.04 -2.23
CA PHE A 49 -0.27 -0.76 -2.78
C PHE A 49 -0.88 -2.01 -3.41
N GLN A 50 -0.13 -2.77 -4.21
CA GLN A 50 -0.61 -4.02 -4.81
C GLN A 50 -1.05 -5.02 -3.73
N ASN A 51 -0.30 -5.21 -2.65
CA ASN A 51 -0.76 -6.05 -1.53
C ASN A 51 -2.06 -5.51 -0.91
N ARG A 52 -2.12 -4.22 -0.57
CA ARG A 52 -3.32 -3.56 -0.03
C ARG A 52 -4.54 -3.72 -0.94
N ARG A 53 -4.44 -3.27 -2.19
CA ARG A 53 -5.50 -3.31 -3.20
C ARG A 53 -5.93 -4.74 -3.52
N ALA A 54 -5.01 -5.72 -3.59
CA ALA A 54 -5.38 -7.12 -3.73
C ALA A 54 -6.16 -7.63 -2.50
N LYS A 55 -5.67 -7.36 -1.27
CA LYS A 55 -6.20 -7.94 -0.03
C LYS A 55 -7.38 -7.18 0.58
N LEU A 56 -7.69 -5.97 0.10
CA LEU A 56 -8.63 -5.00 0.70
C LEU A 56 -9.79 -5.65 1.45
N LYS A 57 -10.65 -6.41 0.76
CA LYS A 57 -11.83 -7.04 1.35
C LYS A 57 -11.53 -8.06 2.47
N ARG A 58 -10.42 -8.81 2.40
CA ARG A 58 -9.98 -9.68 3.51
C ARG A 58 -9.31 -8.89 4.65
N SER A 59 -8.71 -7.74 4.35
CA SER A 59 -8.05 -6.82 5.27
C SER A 59 -7.06 -7.55 6.21
N HIS A 60 -7.30 -7.55 7.53
CA HIS A 60 -6.75 -8.50 8.49
C HIS A 60 -7.70 -8.66 9.71
N ARG A 61 -7.29 -9.45 10.71
CA ARG A 61 -7.73 -9.30 12.10
C ARG A 61 -7.15 -7.99 12.68
N GLU A 62 -7.77 -6.87 12.33
CA GLU A 62 -7.40 -5.56 12.86
C GLU A 62 -8.63 -4.73 13.26
N SER A 63 -8.47 -3.96 14.34
CA SER A 63 -9.55 -3.37 15.14
C SER A 63 -9.12 -2.06 15.81
N GLN A 64 -8.63 -1.11 15.01
CA GLN A 64 -8.26 0.25 15.43
C GLN A 64 -8.56 1.26 14.32
N PHE A 65 -9.84 1.61 14.16
CA PHE A 65 -10.32 2.58 13.18
C PHE A 65 -11.59 3.29 13.68
N LEU A 66 -11.86 4.47 13.15
CA LEU A 66 -13.01 5.31 13.54
C LEU A 66 -14.29 4.87 12.79
N MET A 67 -14.88 3.75 13.21
CA MET A 67 -16.31 3.42 13.01
C MET A 67 -16.86 2.56 14.14
N GLY A 1 18.48 -4.05 0.88
CA GLY A 1 17.07 -4.43 1.01
C GLY A 1 16.57 -5.19 -0.22
N ARG A 2 15.31 -5.62 -0.15
CA ARG A 2 14.41 -6.36 -1.10
C ARG A 2 13.94 -7.72 -0.52
N ARG A 3 14.00 -7.91 0.80
CA ARG A 3 13.55 -9.13 1.50
C ARG A 3 12.00 -9.22 1.55
N PRO A 4 11.41 -10.43 1.75
CA PRO A 4 9.97 -10.65 1.68
C PRO A 4 9.17 -10.23 2.93
N ARG A 5 9.44 -9.03 3.46
CA ARG A 5 8.63 -8.30 4.45
C ARG A 5 8.65 -6.80 4.12
N THR A 6 7.73 -6.34 3.28
CA THR A 6 7.57 -4.92 2.94
C THR A 6 6.92 -4.12 4.08
N ALA A 7 6.18 -4.78 4.97
CA ALA A 7 5.46 -4.17 6.10
C ALA A 7 6.35 -3.28 7.00
N PHE A 8 6.13 -1.97 6.87
CA PHE A 8 6.79 -0.88 7.60
C PHE A 8 6.36 -0.80 9.09
N THR A 9 6.79 0.28 9.76
CA THR A 9 6.16 0.79 10.99
C THR A 9 4.75 1.32 10.68
N GLN A 10 3.81 1.20 11.62
CA GLN A 10 2.47 1.80 11.52
C GLN A 10 2.53 3.30 11.21
N ASN A 11 3.50 4.05 11.71
CA ASN A 11 3.60 5.48 11.42
C ASN A 11 3.97 5.82 9.95
N GLN A 12 4.40 4.83 9.15
CA GLN A 12 4.53 4.87 7.68
C GLN A 12 3.23 4.43 7.02
N ILE A 13 2.64 3.33 7.52
CA ILE A 13 1.37 2.77 7.06
C ILE A 13 0.27 3.82 7.09
N GLU A 14 0.18 4.64 8.13
CA GLU A 14 -0.76 5.77 8.22
C GLU A 14 -0.76 6.70 7.00
N VAL A 15 0.41 7.15 6.52
CA VAL A 15 0.43 8.05 5.35
C VAL A 15 -0.04 7.30 4.10
N LEU A 16 0.43 6.07 3.94
CA LEU A 16 0.11 5.21 2.80
C LEU A 16 -1.39 4.81 2.78
N GLU A 17 -2.00 4.44 3.92
CA GLU A 17 -3.44 4.23 4.05
C GLU A 17 -4.26 5.51 3.80
N ASN A 18 -3.86 6.67 4.34
CA ASN A 18 -4.56 7.91 4.01
C ASN A 18 -4.56 8.27 2.51
N VAL A 19 -3.49 8.00 1.75
CA VAL A 19 -3.53 8.16 0.28
C VAL A 19 -4.39 7.07 -0.38
N PHE A 20 -4.23 5.79 0.01
CA PHE A 20 -5.04 4.66 -0.49
C PHE A 20 -6.55 4.89 -0.33
N ARG A 21 -6.98 5.58 0.74
CA ARG A 21 -8.36 5.97 1.05
C ARG A 21 -9.05 6.74 -0.08
N VAL A 22 -8.31 7.63 -0.74
CA VAL A 22 -8.74 8.40 -1.92
C VAL A 22 -8.43 7.63 -3.22
N ASN A 23 -7.22 7.09 -3.32
CA ASN A 23 -6.63 6.52 -4.53
C ASN A 23 -6.06 5.11 -4.28
N CYS A 24 -6.88 4.07 -4.42
CA CYS A 24 -6.48 2.66 -4.20
C CYS A 24 -5.31 2.17 -5.08
N TYR A 25 -5.04 2.83 -6.20
CA TYR A 25 -3.87 2.63 -7.08
C TYR A 25 -3.58 3.94 -7.83
N PRO A 26 -2.76 4.85 -7.26
CA PRO A 26 -2.51 6.18 -7.83
C PRO A 26 -1.51 6.16 -8.99
N GLY A 27 -1.25 7.33 -9.59
CA GLY A 27 -0.25 7.50 -10.63
C GLY A 27 1.20 7.48 -10.12
N ILE A 28 2.17 7.33 -11.02
CA ILE A 28 3.58 7.10 -10.64
C ILE A 28 4.16 8.29 -9.86
N ASP A 29 3.90 9.52 -10.27
CA ASP A 29 4.39 10.72 -9.59
C ASP A 29 3.89 10.84 -8.13
N ILE A 30 2.77 10.20 -7.79
CA ILE A 30 2.22 10.11 -6.43
C ILE A 30 2.93 9.00 -5.64
N LEU A 31 3.19 7.86 -6.30
CA LEU A 31 3.99 6.76 -5.75
C LEU A 31 5.44 7.20 -5.49
N GLU A 32 6.13 7.82 -6.45
CA GLU A 32 7.43 8.47 -6.26
C GLU A 32 7.40 9.60 -5.22
N ASP A 33 6.37 10.44 -5.15
CA ASP A 33 6.25 11.40 -4.03
C ASP A 33 6.34 10.71 -2.66
N LEU A 34 5.59 9.63 -2.46
CA LEU A 34 5.60 8.84 -1.23
C LEU A 34 6.93 8.11 -1.04
N ALA A 35 7.51 7.56 -2.10
CA ALA A 35 8.86 6.98 -2.10
C ALA A 35 9.90 7.99 -1.56
N GLN A 36 9.98 9.18 -2.16
CA GLN A 36 10.93 10.21 -1.71
C GLN A 36 10.64 10.67 -0.26
N LYS A 37 9.40 11.06 0.04
CA LYS A 37 9.00 11.67 1.34
C LYS A 37 8.97 10.72 2.53
N LEU A 38 9.11 9.41 2.32
CA LEU A 38 9.14 8.38 3.37
C LEU A 38 10.45 7.57 3.36
N ASN A 39 11.42 7.96 2.50
CA ASN A 39 12.61 7.24 2.08
C ASN A 39 12.37 5.73 1.93
N LEU A 40 11.70 5.39 0.84
CA LEU A 40 11.48 4.05 0.29
C LEU A 40 11.71 4.13 -1.24
N GLU A 41 11.87 2.99 -1.91
CA GLU A 41 11.81 2.92 -3.37
C GLU A 41 10.38 2.69 -3.88
N LEU A 42 10.15 3.12 -5.13
CA LEU A 42 8.91 2.96 -5.89
C LEU A 42 8.37 1.52 -5.77
N ASP A 43 9.20 0.50 -5.98
CA ASP A 43 8.82 -0.92 -5.89
C ASP A 43 8.26 -1.32 -4.51
N ARG A 44 8.82 -0.81 -3.39
CA ARG A 44 8.30 -1.09 -2.03
C ARG A 44 6.93 -0.44 -1.83
N ILE A 45 6.74 0.81 -2.27
CA ILE A 45 5.42 1.46 -2.20
C ILE A 45 4.42 0.77 -3.13
N GLN A 46 4.81 0.39 -4.34
CA GLN A 46 3.99 -0.41 -5.27
C GLN A 46 3.55 -1.73 -4.63
N ILE A 47 4.48 -2.53 -4.09
CA ILE A 47 4.14 -3.75 -3.35
C ILE A 47 3.24 -3.46 -2.14
N TRP A 48 3.43 -2.35 -1.42
CA TRP A 48 2.49 -1.96 -0.37
C TRP A 48 1.08 -1.71 -0.94
N PHE A 49 0.93 -0.76 -1.86
CA PHE A 49 -0.39 -0.42 -2.46
C PHE A 49 -1.05 -1.65 -3.08
N GLN A 50 -0.30 -2.42 -3.86
CA GLN A 50 -0.77 -3.64 -4.50
C GLN A 50 -1.19 -4.71 -3.50
N ASN A 51 -0.50 -4.92 -2.37
CA ASN A 51 -1.01 -5.86 -1.35
C ASN A 51 -2.37 -5.40 -0.81
N ARG A 52 -2.58 -4.09 -0.59
CA ARG A 52 -3.87 -3.58 -0.14
C ARG A 52 -4.98 -3.73 -1.19
N ARG A 53 -4.80 -3.23 -2.42
CA ARG A 53 -5.83 -3.39 -3.48
C ARG A 53 -5.98 -4.82 -3.99
N ALA A 54 -5.00 -5.71 -3.77
CA ALA A 54 -5.20 -7.16 -3.88
C ALA A 54 -6.10 -7.69 -2.75
N LYS A 55 -5.70 -7.55 -1.47
CA LYS A 55 -6.45 -8.10 -0.32
C LYS A 55 -7.92 -7.66 -0.31
N LEU A 56 -8.17 -6.39 -0.62
CA LEU A 56 -9.51 -5.78 -0.75
C LEU A 56 -10.53 -6.69 -1.45
N LYS A 57 -10.15 -7.29 -2.59
CA LYS A 57 -10.93 -8.33 -3.29
C LYS A 57 -10.01 -9.50 -3.68
N ARG A 58 -9.41 -10.14 -2.68
CA ARG A 58 -8.53 -11.30 -2.90
C ARG A 58 -9.31 -12.46 -3.51
N SER A 59 -8.68 -13.20 -4.42
CA SER A 59 -9.12 -14.54 -4.78
C SER A 59 -9.03 -15.46 -3.55
N HIS A 60 -10.09 -16.21 -3.24
CA HIS A 60 -10.20 -17.08 -2.07
C HIS A 60 -9.49 -18.44 -2.27
N ARG A 61 -8.31 -18.39 -2.90
CA ARG A 61 -7.56 -19.50 -3.51
C ARG A 61 -6.67 -20.30 -2.54
N GLU A 62 -6.10 -21.39 -3.06
CA GLU A 62 -5.13 -22.26 -2.38
C GLU A 62 -3.71 -22.10 -2.94
N SER A 63 -2.73 -22.59 -2.19
CA SER A 63 -1.42 -23.03 -2.69
C SER A 63 -0.93 -24.24 -1.87
N GLN A 64 0.16 -24.87 -2.29
CA GLN A 64 0.73 -26.07 -1.68
C GLN A 64 2.12 -25.76 -1.09
N PHE A 65 2.29 -26.04 0.20
CA PHE A 65 3.54 -25.94 0.94
C PHE A 65 3.49 -26.85 2.17
N LEU A 66 4.63 -27.28 2.71
CA LEU A 66 4.75 -28.14 3.89
C LEU A 66 5.95 -27.73 4.78
N MET A 67 6.07 -28.36 5.95
CA MET A 67 7.26 -28.39 6.81
C MET A 67 7.32 -29.74 7.53
N GLY A 1 17.41 -5.63 0.04
CA GLY A 1 16.79 -5.46 -1.28
C GLY A 1 15.53 -6.31 -1.42
N ARG A 2 15.67 -7.60 -1.72
CA ARG A 2 14.57 -8.44 -2.21
C ARG A 2 13.57 -8.84 -1.11
N ARG A 3 12.50 -8.05 -0.94
CA ARG A 3 11.48 -8.23 0.10
C ARG A 3 10.04 -8.12 -0.43
N PRO A 4 9.43 -9.22 -0.92
CA PRO A 4 7.99 -9.23 -1.23
C PRO A 4 7.15 -8.95 0.03
N ARG A 5 5.93 -8.44 -0.17
CA ARG A 5 5.04 -7.83 0.85
C ARG A 5 5.79 -7.08 1.96
N THR A 6 6.64 -6.11 1.56
CA THR A 6 7.26 -5.17 2.50
C THR A 6 6.21 -4.38 3.27
N ALA A 7 6.43 -4.19 4.57
CA ALA A 7 5.71 -3.26 5.44
C ALA A 7 6.72 -2.46 6.30
N PHE A 8 6.22 -1.48 7.06
CA PHE A 8 6.98 -0.45 7.77
C PHE A 8 6.42 -0.26 9.20
N THR A 9 6.90 0.74 9.94
CA THR A 9 6.18 1.23 11.14
C THR A 9 4.76 1.67 10.77
N GLN A 10 3.80 1.48 11.69
CA GLN A 10 2.40 1.84 11.49
C GLN A 10 2.19 3.34 11.19
N ASN A 11 3.10 4.23 11.61
CA ASN A 11 3.12 5.64 11.21
C ASN A 11 3.30 5.85 9.69
N GLN A 12 4.17 5.07 9.04
CA GLN A 12 4.38 5.10 7.59
C GLN A 12 3.29 4.31 6.83
N ILE A 13 2.75 3.25 7.45
CA ILE A 13 1.54 2.57 6.96
C ILE A 13 0.34 3.50 6.94
N GLU A 14 0.03 4.23 8.02
CA GLU A 14 -1.17 5.08 8.07
C GLU A 14 -1.19 6.21 7.04
N VAL A 15 -0.03 6.75 6.64
CA VAL A 15 0.09 7.69 5.51
C VAL A 15 -0.26 6.99 4.19
N LEU A 16 0.29 5.80 3.94
CA LEU A 16 0.03 4.99 2.74
C LEU A 16 -1.42 4.49 2.67
N GLU A 17 -1.99 4.01 3.78
CA GLU A 17 -3.43 3.78 3.97
C GLU A 17 -4.27 5.02 3.65
N ASN A 18 -3.94 6.18 4.25
CA ASN A 18 -4.62 7.45 3.96
C ASN A 18 -4.61 7.79 2.45
N VAL A 19 -3.47 7.66 1.77
CA VAL A 19 -3.40 7.81 0.31
C VAL A 19 -4.30 6.80 -0.39
N PHE A 20 -4.24 5.49 -0.10
CA PHE A 20 -5.15 4.51 -0.72
C PHE A 20 -6.63 4.85 -0.47
N ARG A 21 -6.97 5.29 0.74
CA ARG A 21 -8.32 5.67 1.18
C ARG A 21 -8.92 6.83 0.39
N VAL A 22 -8.08 7.71 -0.18
CA VAL A 22 -8.47 8.81 -1.09
C VAL A 22 -8.24 8.45 -2.57
N ASN A 23 -7.28 7.59 -2.88
CA ASN A 23 -6.76 7.24 -4.21
C ASN A 23 -6.46 5.74 -4.31
N CYS A 24 -7.48 4.90 -4.59
CA CYS A 24 -7.33 3.44 -4.70
C CYS A 24 -6.29 2.98 -5.74
N TYR A 25 -6.01 3.80 -6.75
CA TYR A 25 -4.88 3.68 -7.67
C TYR A 25 -4.22 5.06 -7.88
N PRO A 26 -3.14 5.42 -7.16
CA PRO A 26 -2.39 6.65 -7.40
C PRO A 26 -1.58 6.56 -8.71
N GLY A 27 -1.12 7.70 -9.23
CA GLY A 27 -0.20 7.77 -10.37
C GLY A 27 1.27 7.57 -9.98
N ILE A 28 2.16 7.40 -10.96
CA ILE A 28 3.59 7.11 -10.75
C ILE A 28 4.29 8.24 -10.00
N ASP A 29 3.95 9.48 -10.28
CA ASP A 29 4.49 10.68 -9.61
C ASP A 29 4.06 10.78 -8.16
N ILE A 30 2.88 10.27 -7.79
CA ILE A 30 2.46 10.14 -6.39
C ILE A 30 3.26 9.01 -5.71
N LEU A 31 3.48 7.88 -6.40
CA LEU A 31 4.37 6.82 -5.92
C LEU A 31 5.82 7.32 -5.71
N GLU A 32 6.38 8.05 -6.68
CA GLU A 32 7.67 8.73 -6.58
C GLU A 32 7.74 9.83 -5.50
N ASP A 33 6.66 10.60 -5.31
CA ASP A 33 6.60 11.60 -4.24
C ASP A 33 6.55 10.93 -2.85
N LEU A 34 5.82 9.83 -2.70
CA LEU A 34 5.85 8.99 -1.51
C LEU A 34 7.23 8.36 -1.31
N ALA A 35 7.84 7.80 -2.36
CA ALA A 35 9.20 7.27 -2.34
C ALA A 35 10.21 8.28 -1.79
N GLN A 36 10.32 9.44 -2.44
CA GLN A 36 11.24 10.51 -2.03
C GLN A 36 10.93 11.10 -0.64
N LYS A 37 9.67 11.07 -0.17
CA LYS A 37 9.23 11.77 1.07
C LYS A 37 8.94 10.85 2.26
N LEU A 38 9.01 9.53 2.06
CA LEU A 38 9.08 8.48 3.10
C LEU A 38 10.47 7.83 3.18
N ASN A 39 11.38 8.16 2.26
CA ASN A 39 12.68 7.50 2.06
C ASN A 39 12.51 5.97 1.87
N LEU A 40 11.78 5.61 0.82
CA LEU A 40 11.56 4.26 0.32
C LEU A 40 11.79 4.23 -1.19
N GLU A 41 12.13 3.07 -1.75
CA GLU A 41 11.99 2.81 -3.17
C GLU A 41 10.52 2.56 -3.55
N LEU A 42 10.13 3.06 -4.74
CA LEU A 42 8.82 2.87 -5.34
C LEU A 42 8.42 1.39 -5.37
N ASP A 43 9.36 0.46 -5.58
CA ASP A 43 9.18 -1.01 -5.52
C ASP A 43 8.47 -1.48 -4.25
N ARG A 44 8.95 -1.06 -3.06
CA ARG A 44 8.32 -1.38 -1.78
C ARG A 44 6.93 -0.77 -1.69
N ILE A 45 6.76 0.47 -2.13
CA ILE A 45 5.44 1.13 -2.09
C ILE A 45 4.44 0.52 -3.08
N GLN A 46 4.87 0.12 -4.28
CA GLN A 46 4.08 -0.61 -5.26
C GLN A 46 3.62 -1.95 -4.70
N ILE A 47 4.56 -2.75 -4.17
CA ILE A 47 4.24 -4.00 -3.47
C ILE A 47 3.29 -3.72 -2.30
N TRP A 48 3.49 -2.68 -1.50
CA TRP A 48 2.54 -2.33 -0.44
C TRP A 48 1.13 -2.06 -0.99
N PHE A 49 0.94 -1.06 -1.84
CA PHE A 49 -0.41 -0.73 -2.37
C PHE A 49 -1.08 -1.93 -3.05
N GLN A 50 -0.35 -2.65 -3.88
CA GLN A 50 -0.83 -3.82 -4.60
C GLN A 50 -1.21 -4.97 -3.67
N ASN A 51 -0.48 -5.23 -2.58
CA ASN A 51 -0.96 -6.19 -1.57
C ASN A 51 -2.30 -5.77 -0.94
N ARG A 52 -2.46 -4.49 -0.52
CA ARG A 52 -3.73 -4.02 0.06
C ARG A 52 -4.90 -4.15 -0.91
N ARG A 53 -4.74 -3.63 -2.15
CA ARG A 53 -5.73 -3.75 -3.23
C ARG A 53 -6.08 -5.22 -3.53
N ALA A 54 -5.10 -6.12 -3.61
CA ALA A 54 -5.37 -7.56 -3.76
C ALA A 54 -6.22 -8.13 -2.60
N LYS A 55 -5.87 -7.82 -1.34
CA LYS A 55 -6.64 -8.26 -0.16
C LYS A 55 -8.09 -7.77 -0.18
N LEU A 56 -8.31 -6.51 -0.53
CA LEU A 56 -9.63 -5.85 -0.64
C LEU A 56 -10.52 -6.35 -1.80
N LYS A 57 -10.16 -7.48 -2.43
CA LYS A 57 -10.97 -8.24 -3.40
C LYS A 57 -11.03 -9.73 -3.01
N ARG A 58 -9.88 -10.36 -2.70
CA ARG A 58 -9.81 -11.77 -2.26
C ARG A 58 -10.68 -12.01 -1.01
N SER A 59 -11.12 -13.26 -0.83
CA SER A 59 -11.90 -13.71 0.34
C SER A 59 -13.33 -13.13 0.45
N HIS A 60 -13.91 -12.56 -0.62
CA HIS A 60 -15.34 -12.18 -0.68
C HIS A 60 -16.31 -13.32 -0.27
N ARG A 61 -15.93 -14.60 -0.49
CA ARG A 61 -16.52 -15.84 0.08
C ARG A 61 -17.95 -16.19 -0.35
N GLU A 62 -18.52 -15.48 -1.32
CA GLU A 62 -19.83 -15.78 -1.91
C GLU A 62 -19.90 -17.23 -2.44
N SER A 63 -21.03 -17.90 -2.21
CA SER A 63 -21.30 -19.30 -2.61
C SER A 63 -21.60 -19.47 -4.12
N GLN A 64 -20.71 -19.01 -5.00
CA GLN A 64 -20.75 -19.21 -6.45
C GLN A 64 -19.32 -19.48 -6.97
N PHE A 65 -19.10 -20.64 -7.59
CA PHE A 65 -17.80 -21.02 -8.14
C PHE A 65 -17.96 -22.00 -9.32
N LEU A 66 -18.12 -21.47 -10.54
CA LEU A 66 -18.11 -22.21 -11.80
C LEU A 66 -17.26 -21.48 -12.84
N MET A 67 -16.75 -22.20 -13.85
CA MET A 67 -15.88 -21.70 -14.94
C MET A 67 -16.03 -22.57 -16.18
N GLY A 1 13.53 -14.76 -5.77
CA GLY A 1 12.08 -14.83 -5.54
C GLY A 1 11.75 -14.90 -4.07
N ARG A 2 11.96 -13.81 -3.31
CA ARG A 2 11.69 -13.75 -1.86
C ARG A 2 10.84 -12.54 -1.48
N ARG A 3 10.27 -12.57 -0.26
CA ARG A 3 9.38 -11.56 0.38
C ARG A 3 8.72 -10.54 -0.58
N PRO A 4 7.73 -10.95 -1.41
CA PRO A 4 6.95 -10.05 -2.30
C PRO A 4 5.92 -9.21 -1.53
N ARG A 5 6.33 -8.63 -0.40
CA ARG A 5 5.53 -7.88 0.56
C ARG A 5 6.44 -6.95 1.36
N THR A 6 5.96 -5.75 1.67
CA THR A 6 6.71 -4.78 2.47
C THR A 6 5.77 -4.01 3.38
N ALA A 7 5.83 -4.28 4.69
CA ALA A 7 5.22 -3.45 5.73
C ALA A 7 6.30 -2.73 6.55
N PHE A 8 5.90 -1.67 7.25
CA PHE A 8 6.77 -0.67 7.87
C PHE A 8 6.39 -0.45 9.35
N THR A 9 6.89 0.63 9.93
CA THR A 9 6.26 1.27 11.11
C THR A 9 4.84 1.75 10.75
N GLN A 10 3.88 1.67 11.66
CA GLN A 10 2.48 2.01 11.33
C GLN A 10 2.28 3.50 11.02
N ASN A 11 3.08 4.42 11.57
CA ASN A 11 3.10 5.83 11.16
C ASN A 11 3.66 6.11 9.75
N GLN A 12 4.11 5.06 9.03
CA GLN A 12 4.42 5.07 7.60
C GLN A 12 3.32 4.34 6.80
N ILE A 13 2.78 3.23 7.33
CA ILE A 13 1.59 2.58 6.79
C ILE A 13 0.42 3.54 6.67
N GLU A 14 0.05 4.23 7.75
CA GLU A 14 -1.11 5.12 7.73
C GLU A 14 -0.95 6.31 6.78
N VAL A 15 0.26 6.79 6.48
CA VAL A 15 0.47 7.81 5.44
C VAL A 15 0.12 7.22 4.07
N LEU A 16 0.70 6.06 3.74
CA LEU A 16 0.42 5.34 2.49
C LEU A 16 -1.06 4.99 2.37
N GLU A 17 -1.66 4.45 3.43
CA GLU A 17 -3.07 4.09 3.44
C GLU A 17 -4.03 5.29 3.46
N ASN A 18 -3.68 6.44 4.05
CA ASN A 18 -4.43 7.68 3.85
C ASN A 18 -4.35 8.21 2.40
N VAL A 19 -3.39 7.77 1.57
CA VAL A 19 -3.49 7.93 0.10
C VAL A 19 -4.43 6.88 -0.53
N PHE A 20 -4.24 5.59 -0.25
CA PHE A 20 -5.10 4.49 -0.78
C PHE A 20 -6.60 4.67 -0.44
N ARG A 21 -6.90 5.30 0.70
CA ARG A 21 -8.17 5.83 1.23
C ARG A 21 -8.92 6.80 0.30
N VAL A 22 -8.26 7.26 -0.77
CA VAL A 22 -8.80 8.12 -1.84
C VAL A 22 -8.42 7.56 -3.22
N ASN A 23 -7.11 7.35 -3.47
CA ASN A 23 -6.55 6.84 -4.72
C ASN A 23 -6.21 5.34 -4.61
N CYS A 24 -7.14 4.47 -4.99
CA CYS A 24 -6.93 3.01 -5.00
C CYS A 24 -5.71 2.57 -5.85
N TYR A 25 -5.40 3.30 -6.92
CA TYR A 25 -4.19 3.19 -7.74
C TYR A 25 -3.77 4.59 -8.22
N PRO A 26 -2.82 5.28 -7.56
CA PRO A 26 -2.43 6.65 -7.90
C PRO A 26 -1.46 6.71 -9.11
N GLY A 27 -1.06 7.93 -9.48
CA GLY A 27 0.02 8.19 -10.46
C GLY A 27 1.42 7.87 -9.91
N ILE A 28 2.38 7.72 -10.82
CA ILE A 28 3.77 7.37 -10.46
C ILE A 28 4.45 8.51 -9.70
N ASP A 29 4.07 9.76 -9.97
CA ASP A 29 4.47 10.98 -9.25
C ASP A 29 4.01 11.00 -7.79
N ILE A 30 2.84 10.43 -7.48
CA ILE A 30 2.39 10.22 -6.09
C ILE A 30 3.22 9.11 -5.43
N LEU A 31 3.50 8.02 -6.16
CA LEU A 31 4.34 6.93 -5.65
C LEU A 31 5.80 7.40 -5.40
N GLU A 32 6.37 8.21 -6.30
CA GLU A 32 7.61 8.98 -6.13
C GLU A 32 7.57 9.96 -4.95
N ASP A 33 6.54 10.80 -4.85
CA ASP A 33 6.37 11.74 -3.72
C ASP A 33 6.31 11.03 -2.36
N LEU A 34 5.61 9.89 -2.28
CA LEU A 34 5.62 9.01 -1.12
C LEU A 34 7.00 8.36 -0.90
N ALA A 35 7.63 7.81 -1.93
CA ALA A 35 8.97 7.23 -1.87
C ALA A 35 10.01 8.23 -1.32
N GLN A 36 10.00 9.47 -1.83
CA GLN A 36 10.79 10.58 -1.29
C GLN A 36 10.50 10.84 0.20
N LYS A 37 9.25 11.15 0.56
CA LYS A 37 8.81 11.54 1.92
C LYS A 37 8.92 10.44 3.00
N LEU A 38 9.34 9.23 2.62
CA LEU A 38 9.42 8.06 3.50
C LEU A 38 10.81 7.36 3.49
N ASN A 39 11.74 7.78 2.62
CA ASN A 39 12.89 6.99 2.17
C ASN A 39 12.46 5.54 1.85
N LEU A 40 11.77 5.39 0.72
CA LEU A 40 11.39 4.13 0.10
C LEU A 40 11.64 4.22 -1.42
N GLU A 41 11.24 3.20 -2.18
CA GLU A 41 11.43 3.09 -3.63
C GLU A 41 10.16 2.56 -4.30
N LEU A 42 9.90 2.96 -5.56
CA LEU A 42 8.65 2.69 -6.29
C LEU A 42 8.11 1.26 -6.10
N ASP A 43 8.90 0.22 -6.37
CA ASP A 43 8.41 -1.16 -6.25
C ASP A 43 7.99 -1.55 -4.83
N ARG A 44 8.58 -0.97 -3.77
CA ARG A 44 8.15 -1.23 -2.39
C ARG A 44 6.81 -0.56 -2.11
N ILE A 45 6.57 0.65 -2.64
CA ILE A 45 5.23 1.27 -2.55
C ILE A 45 4.22 0.54 -3.43
N GLN A 46 4.55 0.23 -4.69
CA GLN A 46 3.70 -0.58 -5.57
C GLN A 46 3.32 -1.92 -4.94
N ILE A 47 4.28 -2.70 -4.43
CA ILE A 47 4.02 -3.96 -3.70
C ILE A 47 3.21 -3.71 -2.42
N TRP A 48 3.45 -2.62 -1.67
CA TRP A 48 2.56 -2.24 -0.57
C TRP A 48 1.12 -2.03 -1.03
N PHE A 49 0.87 -1.12 -1.99
CA PHE A 49 -0.47 -0.83 -2.54
C PHE A 49 -1.14 -2.09 -3.11
N GLN A 50 -0.43 -2.87 -3.92
CA GLN A 50 -0.94 -4.14 -4.50
C GLN A 50 -1.27 -5.16 -3.42
N ASN A 51 -0.47 -5.33 -2.36
CA ASN A 51 -0.86 -6.22 -1.25
C ASN A 51 -2.11 -5.71 -0.52
N ARG A 52 -2.21 -4.40 -0.26
CA ARG A 52 -3.42 -3.75 0.30
C ARG A 52 -4.66 -4.03 -0.54
N ARG A 53 -4.63 -3.61 -1.82
CA ARG A 53 -5.70 -3.82 -2.79
C ARG A 53 -6.11 -5.29 -2.89
N ALA A 54 -5.15 -6.20 -3.04
CA ALA A 54 -5.43 -7.64 -3.06
C ALA A 54 -6.18 -8.12 -1.81
N LYS A 55 -5.81 -7.63 -0.61
CA LYS A 55 -6.43 -8.04 0.67
C LYS A 55 -7.84 -7.47 0.88
N LEU A 56 -8.12 -6.25 0.39
CA LEU A 56 -9.50 -5.75 0.32
C LEU A 56 -10.34 -6.59 -0.65
N LYS A 57 -9.87 -6.77 -1.88
CA LYS A 57 -10.55 -7.52 -2.95
C LYS A 57 -10.85 -8.96 -2.51
N ARG A 58 -9.87 -9.70 -1.98
CA ARG A 58 -10.08 -10.96 -1.24
C ARG A 58 -10.26 -10.71 0.26
N SER A 59 -11.30 -9.97 0.63
CA SER A 59 -11.73 -9.85 2.04
C SER A 59 -12.06 -11.23 2.62
N HIS A 60 -12.93 -11.98 1.94
CA HIS A 60 -13.37 -13.35 2.27
C HIS A 60 -13.41 -14.21 0.98
N ARG A 61 -14.27 -15.25 0.92
CA ARG A 61 -14.59 -15.99 -0.31
C ARG A 61 -16.08 -15.81 -0.66
N GLU A 62 -16.39 -15.71 -1.94
CA GLU A 62 -17.75 -15.81 -2.47
C GLU A 62 -17.74 -16.42 -3.89
N SER A 63 -18.92 -16.62 -4.50
CA SER A 63 -19.11 -17.01 -5.91
C SER A 63 -18.26 -18.21 -6.36
N GLN A 64 -18.09 -19.22 -5.51
CA GLN A 64 -17.40 -20.46 -5.82
C GLN A 64 -17.95 -21.62 -4.99
N PHE A 65 -18.08 -22.80 -5.59
CA PHE A 65 -18.36 -24.06 -4.91
C PHE A 65 -17.20 -25.05 -5.14
N LEU A 66 -17.17 -26.14 -4.38
CA LEU A 66 -16.13 -27.18 -4.44
C LEU A 66 -16.69 -28.52 -3.97
N MET A 67 -16.53 -29.56 -4.79
CA MET A 67 -16.77 -30.97 -4.45
C MET A 67 -15.87 -31.85 -5.29
N GLY A 1 12.51 -7.01 1.40
CA GLY A 1 13.23 -8.27 1.19
C GLY A 1 13.15 -8.64 -0.27
N ARG A 2 13.78 -9.75 -0.71
CA ARG A 2 13.67 -10.20 -2.11
C ARG A 2 12.26 -10.69 -2.49
N ARG A 3 11.43 -11.03 -1.49
CA ARG A 3 9.99 -11.28 -1.66
C ARG A 3 9.18 -9.98 -1.73
N PRO A 4 8.00 -9.95 -2.41
CA PRO A 4 7.06 -8.84 -2.44
C PRO A 4 6.25 -8.72 -1.13
N ARG A 5 6.96 -8.61 0.02
CA ARG A 5 6.42 -8.73 1.39
C ARG A 5 6.87 -7.62 2.34
N THR A 6 7.23 -6.48 1.75
CA THR A 6 7.77 -5.31 2.44
C THR A 6 6.70 -4.58 3.26
N ALA A 7 6.89 -4.48 4.58
CA ALA A 7 6.11 -3.63 5.48
C ALA A 7 6.97 -2.54 6.16
N PHE A 8 6.32 -1.62 6.88
CA PHE A 8 6.88 -0.41 7.46
C PHE A 8 6.59 -0.33 8.98
N THR A 9 6.81 0.85 9.57
CA THR A 9 6.19 1.27 10.84
C THR A 9 4.72 1.67 10.60
N GLN A 10 3.84 1.55 11.59
CA GLN A 10 2.44 1.99 11.46
C GLN A 10 2.31 3.49 11.15
N ASN A 11 3.15 4.35 11.75
CA ASN A 11 3.15 5.78 11.46
C ASN A 11 3.66 6.14 10.04
N GLN A 12 4.23 5.17 9.32
CA GLN A 12 4.46 5.21 7.86
C GLN A 12 3.27 4.63 7.11
N ILE A 13 2.73 3.46 7.50
CA ILE A 13 1.52 2.85 6.90
C ILE A 13 0.35 3.84 6.86
N GLU A 14 0.06 4.56 7.94
CA GLU A 14 -1.05 5.51 7.97
C GLU A 14 -0.92 6.66 6.97
N VAL A 15 0.28 7.01 6.50
CA VAL A 15 0.45 7.96 5.37
C VAL A 15 -0.04 7.32 4.07
N LEU A 16 0.43 6.10 3.76
CA LEU A 16 -0.01 5.36 2.59
C LEU A 16 -1.52 5.04 2.62
N GLU A 17 -2.08 4.60 3.75
CA GLU A 17 -3.53 4.50 3.93
C GLU A 17 -4.28 5.81 3.71
N ASN A 18 -3.77 6.95 4.20
CA ASN A 18 -4.35 8.25 3.89
C ASN A 18 -4.33 8.64 2.40
N VAL A 19 -3.42 8.09 1.58
CA VAL A 19 -3.52 8.17 0.11
C VAL A 19 -4.55 7.16 -0.43
N PHE A 20 -4.53 5.91 0.03
CA PHE A 20 -5.40 4.81 -0.41
C PHE A 20 -6.90 5.04 -0.14
N ARG A 21 -7.29 5.78 0.92
CA ARG A 21 -8.70 6.14 1.20
C ARG A 21 -9.36 6.95 0.07
N VAL A 22 -8.57 7.55 -0.81
CA VAL A 22 -8.98 8.26 -2.04
C VAL A 22 -8.52 7.54 -3.31
N ASN A 23 -7.32 6.95 -3.31
CA ASN A 23 -6.64 6.41 -4.49
C ASN A 23 -6.55 4.87 -4.44
N CYS A 24 -7.53 4.16 -5.00
CA CYS A 24 -7.42 2.71 -5.26
C CYS A 24 -6.21 2.35 -6.17
N TYR A 25 -5.83 3.27 -7.06
CA TYR A 25 -4.52 3.39 -7.71
C TYR A 25 -4.15 4.89 -7.79
N PRO A 26 -3.08 5.37 -7.11
CA PRO A 26 -2.52 6.70 -7.36
C PRO A 26 -1.67 6.71 -8.66
N GLY A 27 -1.11 7.85 -9.04
CA GLY A 27 -0.10 7.95 -10.12
C GLY A 27 1.33 7.68 -9.65
N ILE A 28 2.28 7.47 -10.58
CA ILE A 28 3.67 7.15 -10.26
C ILE A 28 4.38 8.32 -9.58
N ASP A 29 4.13 9.57 -9.97
CA ASP A 29 4.69 10.73 -9.24
C ASP A 29 4.24 10.81 -7.78
N ILE A 30 3.06 10.26 -7.43
CA ILE A 30 2.63 10.09 -6.04
C ILE A 30 3.39 8.95 -5.35
N LEU A 31 3.68 7.86 -6.08
CA LEU A 31 4.54 6.78 -5.56
C LEU A 31 6.00 7.23 -5.40
N GLU A 32 6.56 8.00 -6.34
CA GLU A 32 7.82 8.72 -6.23
C GLU A 32 7.84 9.71 -5.06
N ASP A 33 6.82 10.56 -4.90
CA ASP A 33 6.73 11.47 -3.76
C ASP A 33 6.68 10.71 -2.41
N LEU A 34 5.90 9.63 -2.30
CA LEU A 34 5.92 8.72 -1.15
C LEU A 34 7.30 8.08 -0.94
N ALA A 35 7.94 7.57 -2.00
CA ALA A 35 9.30 7.01 -1.96
C ALA A 35 10.31 8.03 -1.41
N GLN A 36 10.32 9.23 -1.98
CA GLN A 36 11.07 10.38 -1.48
C GLN A 36 10.77 10.68 0.00
N LYS A 37 9.53 11.03 0.38
CA LYS A 37 9.18 11.53 1.74
C LYS A 37 9.24 10.49 2.87
N LEU A 38 9.32 9.20 2.55
CA LEU A 38 9.35 8.11 3.54
C LEU A 38 10.68 7.32 3.52
N ASN A 39 11.63 7.73 2.68
CA ASN A 39 12.79 6.98 2.22
C ASN A 39 12.48 5.49 1.94
N LEU A 40 11.68 5.28 0.90
CA LEU A 40 11.34 3.99 0.29
C LEU A 40 11.78 4.02 -1.20
N GLU A 41 11.32 3.06 -2.00
CA GLU A 41 11.48 3.08 -3.46
C GLU A 41 10.16 2.71 -4.16
N LEU A 42 10.04 3.09 -5.42
CA LEU A 42 8.84 2.95 -6.26
C LEU A 42 8.20 1.56 -6.12
N ASP A 43 8.95 0.49 -6.35
CA ASP A 43 8.42 -0.87 -6.23
C ASP A 43 8.02 -1.27 -4.80
N ARG A 44 8.62 -0.71 -3.73
CA ARG A 44 8.11 -0.98 -2.37
C ARG A 44 6.72 -0.38 -2.19
N ILE A 45 6.45 0.80 -2.76
CA ILE A 45 5.11 1.39 -2.76
C ILE A 45 4.15 0.64 -3.68
N GLN A 46 4.59 0.22 -4.87
CA GLN A 46 3.79 -0.64 -5.75
C GLN A 46 3.40 -1.95 -5.05
N ILE A 47 4.36 -2.71 -4.51
CA ILE A 47 4.10 -3.93 -3.73
C ILE A 47 3.21 -3.62 -2.52
N TRP A 48 3.34 -2.47 -1.85
CA TRP A 48 2.42 -2.08 -0.78
C TRP A 48 0.98 -1.93 -1.27
N PHE A 49 0.72 -1.02 -2.23
CA PHE A 49 -0.65 -0.79 -2.75
C PHE A 49 -1.25 -2.07 -3.35
N GLN A 50 -0.46 -2.81 -4.13
CA GLN A 50 -0.85 -4.09 -4.70
C GLN A 50 -1.20 -5.11 -3.62
N ASN A 51 -0.38 -5.33 -2.58
CA ASN A 51 -0.79 -6.23 -1.50
C ASN A 51 -2.09 -5.76 -0.83
N ARG A 52 -2.26 -4.45 -0.63
CA ARG A 52 -3.46 -3.85 -0.03
C ARG A 52 -4.73 -4.19 -0.80
N ARG A 53 -4.88 -3.77 -2.07
CA ARG A 53 -6.06 -4.18 -2.86
C ARG A 53 -6.14 -5.70 -3.09
N ALA A 54 -5.01 -6.41 -3.26
CA ALA A 54 -5.04 -7.88 -3.41
C ALA A 54 -5.50 -8.66 -2.16
N LYS A 55 -5.49 -8.05 -0.96
CA LYS A 55 -5.79 -8.74 0.33
C LYS A 55 -6.78 -7.96 1.21
N LEU A 56 -7.55 -7.03 0.64
CA LEU A 56 -8.44 -6.09 1.33
C LEU A 56 -9.29 -6.75 2.45
N LYS A 57 -10.07 -7.79 2.11
CA LYS A 57 -10.91 -8.53 3.07
C LYS A 57 -10.14 -9.34 4.13
N ARG A 58 -8.84 -9.61 3.96
CA ARG A 58 -7.95 -10.17 5.02
C ARG A 58 -7.52 -9.13 6.08
N SER A 59 -8.39 -8.18 6.43
CA SER A 59 -8.18 -7.24 7.54
C SER A 59 -8.09 -7.98 8.90
N HIS A 60 -7.68 -7.28 9.95
CA HIS A 60 -7.91 -7.69 11.35
C HIS A 60 -9.42 -7.62 11.68
N ARG A 61 -10.03 -6.47 11.40
CA ARG A 61 -11.47 -6.15 11.54
C ARG A 61 -11.91 -5.34 10.31
N GLU A 62 -13.05 -5.66 9.71
CA GLU A 62 -13.66 -4.78 8.70
C GLU A 62 -14.46 -3.66 9.36
N SER A 63 -14.13 -2.40 9.05
CA SER A 63 -14.75 -1.19 9.63
C SER A 63 -16.21 -0.99 9.20
N GLN A 64 -17.14 -1.58 9.96
CA GLN A 64 -18.57 -1.24 9.96
C GLN A 64 -19.06 -1.09 11.41
N PHE A 65 -19.97 -0.14 11.66
CA PHE A 65 -20.56 0.07 12.99
C PHE A 65 -21.97 0.71 12.91
N LEU A 66 -22.59 0.93 14.08
CA LEU A 66 -23.97 1.37 14.27
C LEU A 66 -24.04 2.65 15.14
N MET A 67 -25.22 3.27 15.19
CA MET A 67 -25.61 4.27 16.19
C MET A 67 -25.56 3.70 17.61
N GLY A 1 13.96 -7.96 -3.45
CA GLY A 1 13.24 -8.02 -2.17
C GLY A 1 12.49 -9.33 -2.03
N ARG A 2 13.00 -10.25 -1.20
CA ARG A 2 12.48 -11.61 -0.98
C ARG A 2 11.05 -11.66 -0.42
N ARG A 3 10.16 -12.27 -1.22
CA ARG A 3 8.69 -12.26 -1.22
C ARG A 3 8.05 -10.85 -1.24
N PRO A 4 7.18 -10.53 -2.22
CA PRO A 4 6.59 -9.19 -2.37
C PRO A 4 5.46 -8.93 -1.35
N ARG A 5 5.79 -8.86 -0.06
CA ARG A 5 4.88 -8.58 1.07
C ARG A 5 5.40 -7.40 1.89
N THR A 6 5.57 -6.26 1.24
CA THR A 6 6.18 -5.04 1.80
C THR A 6 5.24 -4.31 2.78
N ALA A 7 5.20 -4.78 4.03
CA ALA A 7 4.71 -3.99 5.16
C ALA A 7 5.79 -3.00 5.64
N PHE A 8 5.37 -2.01 6.44
CA PHE A 8 6.20 -1.05 7.15
C PHE A 8 5.79 -0.99 8.64
N THR A 9 6.37 -0.02 9.37
CA THR A 9 5.85 0.38 10.69
C THR A 9 4.51 1.12 10.54
N GLN A 10 3.63 0.98 11.53
CA GLN A 10 2.28 1.56 11.58
C GLN A 10 2.24 3.05 11.26
N ASN A 11 3.16 3.89 11.75
CA ASN A 11 3.12 5.31 11.43
C ASN A 11 3.53 5.64 9.98
N GLN A 12 4.19 4.72 9.26
CA GLN A 12 4.40 4.79 7.80
C GLN A 12 3.18 4.22 7.07
N ILE A 13 2.59 3.12 7.55
CA ILE A 13 1.32 2.57 7.05
C ILE A 13 0.21 3.63 7.06
N GLU A 14 -0.03 4.33 8.18
CA GLU A 14 -1.07 5.35 8.28
C GLU A 14 -0.98 6.46 7.22
N VAL A 15 0.22 6.91 6.83
CA VAL A 15 0.37 7.89 5.71
C VAL A 15 -0.05 7.26 4.37
N LEU A 16 0.45 6.06 4.10
CA LEU A 16 0.15 5.30 2.89
C LEU A 16 -1.34 4.92 2.78
N GLU A 17 -1.97 4.46 3.87
CA GLU A 17 -3.43 4.35 4.03
C GLU A 17 -4.12 5.66 3.66
N ASN A 18 -3.73 6.78 4.27
CA ASN A 18 -4.30 8.09 3.95
C ASN A 18 -4.14 8.55 2.48
N VAL A 19 -3.31 7.90 1.64
CA VAL A 19 -3.40 8.00 0.17
C VAL A 19 -4.39 6.98 -0.42
N PHE A 20 -4.28 5.70 -0.04
CA PHE A 20 -5.17 4.62 -0.52
C PHE A 20 -6.67 4.91 -0.30
N ARG A 21 -7.04 5.66 0.74
CA ARG A 21 -8.44 6.10 1.01
C ARG A 21 -9.11 6.82 -0.16
N VAL A 22 -8.30 7.47 -0.99
CA VAL A 22 -8.69 8.21 -2.20
C VAL A 22 -8.22 7.50 -3.48
N ASN A 23 -6.95 7.10 -3.54
CA ASN A 23 -6.32 6.49 -4.72
C ASN A 23 -6.01 5.00 -4.49
N CYS A 24 -7.00 4.11 -4.68
CA CYS A 24 -6.78 2.66 -4.72
C CYS A 24 -5.72 2.25 -5.76
N TYR A 25 -5.65 3.00 -6.88
CA TYR A 25 -4.59 2.98 -7.88
C TYR A 25 -4.06 4.42 -8.06
N PRO A 26 -2.88 4.77 -7.50
CA PRO A 26 -2.25 6.09 -7.67
C PRO A 26 -1.48 6.21 -9.00
N GLY A 27 -0.94 7.41 -9.26
CA GLY A 27 0.00 7.67 -10.34
C GLY A 27 1.47 7.46 -9.93
N ILE A 28 2.37 7.34 -10.91
CA ILE A 28 3.80 7.09 -10.71
C ILE A 28 4.45 8.20 -9.88
N ASP A 29 4.02 9.44 -10.11
CA ASP A 29 4.51 10.67 -9.48
C ASP A 29 4.06 10.80 -8.02
N ILE A 30 2.91 10.21 -7.66
CA ILE A 30 2.44 10.09 -6.26
C ILE A 30 3.23 8.97 -5.56
N LEU A 31 3.49 7.87 -6.26
CA LEU A 31 4.35 6.78 -5.78
C LEU A 31 5.79 7.28 -5.54
N GLU A 32 6.39 8.04 -6.47
CA GLU A 32 7.61 8.80 -6.23
C GLU A 32 7.48 9.81 -5.10
N ASP A 33 6.46 10.67 -5.03
CA ASP A 33 6.32 11.63 -3.91
C ASP A 33 6.24 10.96 -2.52
N LEU A 34 5.69 9.75 -2.42
CA LEU A 34 5.79 8.92 -1.22
C LEU A 34 7.21 8.36 -1.01
N ALA A 35 7.84 7.78 -2.03
CA ALA A 35 9.21 7.27 -1.98
C ALA A 35 10.22 8.35 -1.53
N GLN A 36 10.17 9.52 -2.17
CA GLN A 36 11.00 10.72 -1.96
C GLN A 36 10.80 11.38 -0.57
N LYS A 37 9.76 11.00 0.18
CA LYS A 37 9.41 11.59 1.49
C LYS A 37 9.45 10.61 2.66
N LEU A 38 9.09 9.34 2.44
CA LEU A 38 9.13 8.28 3.45
C LEU A 38 10.51 7.60 3.57
N ASN A 39 11.41 7.82 2.59
CA ASN A 39 12.68 7.12 2.38
C ASN A 39 12.47 5.65 1.97
N LEU A 40 11.90 5.47 0.79
CA LEU A 40 11.63 4.19 0.11
C LEU A 40 11.94 4.34 -1.40
N GLU A 41 11.79 3.25 -2.17
CA GLU A 41 11.73 3.27 -3.64
C GLU A 41 10.37 2.80 -4.17
N LEU A 42 10.06 3.19 -5.41
CA LEU A 42 8.74 3.05 -6.03
C LEU A 42 8.18 1.62 -5.99
N ASP A 43 8.99 0.59 -6.23
CA ASP A 43 8.57 -0.81 -6.15
C ASP A 43 8.09 -1.21 -4.74
N ARG A 44 8.66 -0.66 -3.66
CA ARG A 44 8.19 -0.92 -2.29
C ARG A 44 6.83 -0.27 -2.06
N ILE A 45 6.60 0.92 -2.61
CA ILE A 45 5.27 1.54 -2.60
C ILE A 45 4.27 0.76 -3.48
N GLN A 46 4.62 0.40 -4.71
CA GLN A 46 3.79 -0.42 -5.60
C GLN A 46 3.39 -1.74 -4.94
N ILE A 47 4.35 -2.48 -4.38
CA ILE A 47 4.08 -3.70 -3.62
C ILE A 47 3.23 -3.41 -2.39
N TRP A 48 3.42 -2.30 -1.67
CA TRP A 48 2.46 -1.92 -0.62
C TRP A 48 1.04 -1.73 -1.18
N PHE A 49 0.84 -0.85 -2.16
CA PHE A 49 -0.48 -0.59 -2.77
C PHE A 49 -1.15 -1.87 -3.27
N GLN A 50 -0.46 -2.67 -4.09
CA GLN A 50 -0.98 -3.97 -4.56
C GLN A 50 -1.29 -4.92 -3.39
N ASN A 51 -0.48 -4.99 -2.32
CA ASN A 51 -0.85 -5.81 -1.16
C ASN A 51 -2.14 -5.32 -0.48
N ARG A 52 -2.32 -4.02 -0.22
CA ARG A 52 -3.58 -3.52 0.36
C ARG A 52 -4.75 -3.79 -0.56
N ARG A 53 -4.62 -3.49 -1.85
CA ARG A 53 -5.67 -3.71 -2.85
C ARG A 53 -6.06 -5.18 -2.94
N ALA A 54 -5.10 -6.09 -3.01
CA ALA A 54 -5.31 -7.53 -2.96
C ALA A 54 -6.01 -7.96 -1.66
N LYS A 55 -5.45 -7.60 -0.49
CA LYS A 55 -6.00 -7.91 0.84
C LYS A 55 -7.44 -7.41 1.01
N LEU A 56 -7.76 -6.24 0.48
CA LEU A 56 -9.10 -5.66 0.50
C LEU A 56 -10.07 -6.41 -0.43
N LYS A 57 -9.67 -6.74 -1.67
CA LYS A 57 -10.47 -7.57 -2.60
C LYS A 57 -10.67 -9.01 -2.08
N ARG A 58 -9.70 -9.49 -1.27
CA ARG A 58 -9.50 -10.76 -0.53
C ARG A 58 -9.76 -12.08 -1.26
N SER A 59 -10.86 -12.19 -2.01
CA SER A 59 -11.16 -13.28 -2.98
C SER A 59 -11.08 -14.70 -2.41
N HIS A 60 -11.31 -14.88 -1.11
CA HIS A 60 -11.19 -16.15 -0.40
C HIS A 60 -12.32 -17.14 -0.75
N ARG A 61 -12.20 -18.39 -0.28
CA ARG A 61 -13.30 -19.37 -0.21
C ARG A 61 -13.44 -19.92 1.20
N GLU A 62 -14.67 -19.81 1.71
CA GLU A 62 -15.07 -20.06 3.10
C GLU A 62 -14.22 -19.31 4.15
N SER A 63 -14.47 -19.54 5.43
CA SER A 63 -13.73 -19.02 6.58
C SER A 63 -14.18 -19.74 7.86
N GLN A 64 -13.46 -19.53 8.96
CA GLN A 64 -13.93 -19.77 10.32
C GLN A 64 -13.43 -18.65 11.25
N PHE A 65 -14.23 -18.24 12.23
CA PHE A 65 -13.91 -17.11 13.10
C PHE A 65 -14.57 -17.24 14.49
N LEU A 66 -14.31 -16.27 15.37
CA LEU A 66 -14.78 -16.22 16.76
C LEU A 66 -15.65 -14.98 17.02
N MET A 67 -16.03 -14.73 18.27
CA MET A 67 -16.65 -13.49 18.75
C MET A 67 -15.90 -12.94 19.95
N GLY A 1 15.97 -11.13 0.50
CA GLY A 1 14.79 -11.83 1.04
C GLY A 1 13.74 -12.02 -0.03
N ARG A 2 12.95 -13.09 0.10
CA ARG A 2 11.97 -13.58 -0.89
C ARG A 2 10.53 -13.11 -0.58
N ARG A 3 9.66 -13.15 -1.59
CA ARG A 3 8.20 -12.85 -1.61
C ARG A 3 7.88 -11.34 -1.67
N PRO A 4 7.09 -10.86 -2.65
CA PRO A 4 6.61 -9.48 -2.68
C PRO A 4 5.45 -9.25 -1.69
N ARG A 5 5.70 -9.29 -0.37
CA ARG A 5 4.72 -9.03 0.71
C ARG A 5 5.19 -7.95 1.69
N THR A 6 5.62 -6.82 1.13
CA THR A 6 6.11 -5.63 1.85
C THR A 6 5.05 -5.03 2.80
N ALA A 7 5.41 -4.91 4.08
CA ALA A 7 4.78 -4.04 5.08
C ALA A 7 5.82 -3.16 5.79
N PHE A 8 5.39 -2.19 6.60
CA PHE A 8 6.20 -1.20 7.28
C PHE A 8 5.74 -0.97 8.74
N THR A 9 6.38 -0.02 9.43
CA THR A 9 5.90 0.51 10.71
C THR A 9 4.59 1.30 10.50
N GLN A 10 3.69 1.29 11.49
CA GLN A 10 2.37 1.94 11.41
C GLN A 10 2.46 3.44 11.06
N ASN A 11 3.48 4.14 11.55
CA ASN A 11 3.77 5.55 11.25
C ASN A 11 4.28 5.81 9.81
N GLN A 12 4.53 4.77 9.00
CA GLN A 12 4.76 4.81 7.55
C GLN A 12 3.57 4.23 6.78
N ILE A 13 2.89 3.22 7.33
CA ILE A 13 1.60 2.74 6.85
C ILE A 13 0.56 3.86 6.79
N GLU A 14 0.36 4.63 7.86
CA GLU A 14 -0.72 5.62 7.90
C GLU A 14 -0.68 6.67 6.78
N VAL A 15 0.50 7.10 6.32
CA VAL A 15 0.57 8.05 5.20
C VAL A 15 0.11 7.37 3.89
N LEU A 16 0.50 6.11 3.72
CA LEU A 16 0.15 5.30 2.55
C LEU A 16 -1.34 4.95 2.55
N GLU A 17 -1.92 4.49 3.66
CA GLU A 17 -3.36 4.33 3.84
C GLU A 17 -4.14 5.64 3.62
N ASN A 18 -3.62 6.79 4.08
CA ASN A 18 -4.22 8.10 3.77
C ASN A 18 -4.24 8.45 2.27
N VAL A 19 -3.30 7.94 1.46
CA VAL A 19 -3.41 8.00 -0.01
C VAL A 19 -4.41 6.95 -0.53
N PHE A 20 -4.28 5.68 -0.12
CA PHE A 20 -5.11 4.57 -0.59
C PHE A 20 -6.60 4.77 -0.32
N ARG A 21 -7.00 5.40 0.79
CA ARG A 21 -8.42 5.73 1.08
C ARG A 21 -9.03 6.74 0.09
N VAL A 22 -8.20 7.48 -0.65
CA VAL A 22 -8.60 8.41 -1.72
C VAL A 22 -8.46 7.76 -3.09
N ASN A 23 -7.34 7.06 -3.37
CA ASN A 23 -7.04 6.43 -4.65
C ASN A 23 -6.54 4.99 -4.52
N CYS A 24 -7.40 4.06 -4.90
CA CYS A 24 -7.10 2.63 -5.09
C CYS A 24 -5.87 2.39 -6.00
N TYR A 25 -5.73 3.18 -7.07
CA TYR A 25 -4.60 3.20 -8.00
C TYR A 25 -4.15 4.65 -8.29
N PRO A 26 -3.18 5.20 -7.54
CA PRO A 26 -2.65 6.55 -7.79
C PRO A 26 -1.66 6.58 -8.98
N GLY A 27 -1.17 7.78 -9.35
CA GLY A 27 -0.17 8.00 -10.40
C GLY A 27 1.28 7.84 -9.93
N ILE A 28 2.23 7.84 -10.88
CA ILE A 28 3.66 7.60 -10.61
C ILE A 28 4.26 8.73 -9.78
N ASP A 29 3.82 9.97 -9.99
CA ASP A 29 4.22 11.15 -9.21
C ASP A 29 3.83 11.03 -7.74
N ILE A 30 2.75 10.32 -7.43
CA ILE A 30 2.34 10.01 -6.06
C ILE A 30 3.23 8.91 -5.48
N LEU A 31 3.58 7.88 -6.27
CA LEU A 31 4.53 6.85 -5.86
C LEU A 31 5.94 7.44 -5.60
N GLU A 32 6.47 8.27 -6.51
CA GLU A 32 7.66 9.09 -6.29
C GLU A 32 7.53 10.00 -5.07
N ASP A 33 6.50 10.85 -4.97
CA ASP A 33 6.38 11.78 -3.83
C ASP A 33 6.21 11.08 -2.47
N LEU A 34 5.76 9.82 -2.43
CA LEU A 34 5.87 8.94 -1.27
C LEU A 34 7.29 8.40 -1.09
N ALA A 35 7.90 7.82 -2.14
CA ALA A 35 9.27 7.28 -2.13
C ALA A 35 10.29 8.31 -1.60
N GLN A 36 10.30 9.51 -2.19
CA GLN A 36 11.19 10.62 -1.84
C GLN A 36 10.97 11.17 -0.40
N LYS A 37 9.88 10.80 0.29
CA LYS A 37 9.41 11.51 1.51
C LYS A 37 9.28 10.60 2.73
N LEU A 38 8.66 9.42 2.58
CA LEU A 38 8.66 8.36 3.59
C LEU A 38 10.00 7.63 3.70
N ASN A 39 10.84 7.81 2.68
CA ASN A 39 12.15 7.21 2.45
C ASN A 39 12.03 5.72 2.09
N LEU A 40 11.58 5.45 0.87
CA LEU A 40 11.39 4.11 0.29
C LEU A 40 11.80 4.14 -1.20
N GLU A 41 11.77 2.99 -1.87
CA GLU A 41 11.76 2.90 -3.33
C GLU A 41 10.33 2.65 -3.83
N LEU A 42 10.03 3.18 -5.03
CA LEU A 42 8.77 2.98 -5.75
C LEU A 42 8.27 1.53 -5.70
N ASP A 43 9.11 0.52 -5.96
CA ASP A 43 8.73 -0.90 -5.90
C ASP A 43 8.22 -1.36 -4.53
N ARG A 44 8.84 -0.93 -3.42
CA ARG A 44 8.34 -1.28 -2.07
C ARG A 44 6.98 -0.66 -1.80
N ILE A 45 6.71 0.54 -2.32
CA ILE A 45 5.37 1.17 -2.24
C ILE A 45 4.37 0.52 -3.20
N GLN A 46 4.75 0.22 -4.45
CA GLN A 46 3.95 -0.56 -5.41
C GLN A 46 3.50 -1.90 -4.81
N ILE A 47 4.44 -2.68 -4.27
CA ILE A 47 4.15 -3.94 -3.57
C ILE A 47 3.25 -3.69 -2.37
N TRP A 48 3.48 -2.64 -1.55
CA TRP A 48 2.55 -2.29 -0.48
C TRP A 48 1.12 -2.04 -1.00
N PHE A 49 0.94 -1.16 -2.00
CA PHE A 49 -0.39 -0.89 -2.59
C PHE A 49 -1.03 -2.15 -3.16
N GLN A 50 -0.32 -2.96 -3.94
CA GLN A 50 -0.82 -4.24 -4.46
C GLN A 50 -1.26 -5.18 -3.34
N ASN A 51 -0.46 -5.37 -2.29
CA ASN A 51 -0.88 -6.23 -1.18
C ASN A 51 -2.12 -5.68 -0.45
N ARG A 52 -2.23 -4.36 -0.24
CA ARG A 52 -3.46 -3.69 0.23
C ARG A 52 -4.66 -3.98 -0.67
N ARG A 53 -4.53 -3.71 -1.97
CA ARG A 53 -5.61 -3.84 -2.97
C ARG A 53 -6.02 -5.29 -3.24
N ALA A 54 -5.12 -6.25 -3.08
CA ALA A 54 -5.44 -7.69 -3.06
C ALA A 54 -6.13 -8.15 -1.77
N LYS A 55 -5.84 -7.55 -0.60
CA LYS A 55 -6.54 -7.78 0.67
C LYS A 55 -7.96 -7.24 0.67
N LEU A 56 -8.16 -5.93 0.44
CA LEU A 56 -9.45 -5.24 0.46
C LEU A 56 -10.45 -5.87 1.46
N LYS A 57 -10.06 -5.90 2.75
CA LYS A 57 -10.70 -6.52 3.91
C LYS A 57 -11.16 -7.99 3.86
N ARG A 58 -10.89 -8.78 2.80
CA ARG A 58 -11.49 -10.12 2.46
C ARG A 58 -12.75 -10.55 3.25
N SER A 59 -12.57 -11.02 4.48
CA SER A 59 -13.57 -11.72 5.31
C SER A 59 -13.97 -10.95 6.58
N HIS A 60 -13.71 -9.64 6.69
CA HIS A 60 -13.98 -8.84 7.90
C HIS A 60 -14.84 -7.59 7.62
N ARG A 61 -15.44 -7.04 8.70
CA ARG A 61 -16.19 -5.78 8.70
C ARG A 61 -15.33 -4.57 8.33
N GLU A 62 -14.23 -4.36 9.05
CA GLU A 62 -13.26 -3.25 8.91
C GLU A 62 -13.89 -1.82 8.93
N SER A 63 -15.14 -1.67 9.39
CA SER A 63 -15.84 -0.38 9.53
C SER A 63 -15.25 0.50 10.65
N GLN A 64 -14.40 1.44 10.27
CA GLN A 64 -13.77 2.45 11.14
C GLN A 64 -13.70 3.78 10.38
N PHE A 65 -14.28 4.85 10.94
CA PHE A 65 -14.43 6.16 10.27
C PHE A 65 -14.44 7.31 11.29
N LEU A 66 -13.81 8.45 10.95
CA LEU A 66 -13.82 9.69 11.74
C LEU A 66 -13.55 10.94 10.89
N MET A 67 -12.34 11.01 10.29
CA MET A 67 -11.74 12.11 9.52
C MET A 67 -10.69 11.58 8.53
N GLY A 1 4.99 -19.18 3.23
CA GLY A 1 4.60 -18.28 2.13
C GLY A 1 3.75 -17.12 2.61
N ARG A 2 2.62 -17.38 3.27
CA ARG A 2 1.58 -16.43 3.76
C ARG A 2 2.02 -15.37 4.80
N ARG A 3 2.98 -14.53 4.41
CA ARG A 3 3.45 -13.31 5.12
C ARG A 3 3.61 -12.13 4.12
N PRO A 4 3.80 -10.87 4.58
CA PRO A 4 3.95 -9.72 3.68
C PRO A 4 5.36 -9.61 3.08
N ARG A 5 5.53 -8.69 2.12
CA ARG A 5 6.83 -8.22 1.60
C ARG A 5 7.17 -6.89 2.30
N THR A 6 8.32 -6.81 2.96
CA THR A 6 8.83 -5.61 3.66
C THR A 6 7.96 -5.17 4.86
N ALA A 7 6.86 -4.46 4.62
CA ALA A 7 6.13 -3.62 5.59
C ALA A 7 7.00 -2.61 6.39
N PHE A 8 6.33 -1.71 7.12
CA PHE A 8 6.88 -0.53 7.76
C PHE A 8 6.34 -0.36 9.20
N THR A 9 6.68 0.75 9.86
CA THR A 9 6.00 1.20 11.09
C THR A 9 4.63 1.80 10.76
N GLN A 10 3.66 1.76 11.68
CA GLN A 10 2.35 2.35 11.46
C GLN A 10 2.38 3.87 11.17
N ASN A 11 3.38 4.63 11.62
CA ASN A 11 3.55 6.04 11.24
C ASN A 11 4.03 6.25 9.78
N GLN A 12 4.29 5.17 9.04
CA GLN A 12 4.51 5.13 7.58
C GLN A 12 3.34 4.42 6.87
N ILE A 13 2.72 3.42 7.50
CA ILE A 13 1.49 2.79 7.01
C ILE A 13 0.32 3.80 6.98
N GLU A 14 0.11 4.62 8.01
CA GLU A 14 -0.97 5.62 8.07
C GLU A 14 -1.00 6.58 6.89
N VAL A 15 0.15 7.12 6.45
CA VAL A 15 0.18 8.01 5.29
C VAL A 15 -0.18 7.26 4.01
N LEU A 16 0.30 6.03 3.88
CA LEU A 16 0.03 5.15 2.73
C LEU A 16 -1.43 4.66 2.70
N GLU A 17 -2.00 4.18 3.81
CA GLU A 17 -3.43 3.86 3.93
C GLU A 17 -4.33 5.08 3.78
N ASN A 18 -3.93 6.27 4.28
CA ASN A 18 -4.62 7.53 3.97
C ASN A 18 -4.67 7.84 2.48
N VAL A 19 -3.56 7.71 1.74
CA VAL A 19 -3.57 7.87 0.28
C VAL A 19 -4.41 6.79 -0.40
N PHE A 20 -4.30 5.52 0.01
CA PHE A 20 -5.16 4.43 -0.49
C PHE A 20 -6.66 4.73 -0.33
N ARG A 21 -7.05 5.28 0.84
CA ARG A 21 -8.42 5.72 1.20
C ARG A 21 -8.96 6.88 0.35
N VAL A 22 -8.10 7.54 -0.42
CA VAL A 22 -8.45 8.53 -1.46
C VAL A 22 -8.35 7.92 -2.87
N ASN A 23 -7.30 7.14 -3.14
CA ASN A 23 -6.94 6.55 -4.42
C ASN A 23 -6.34 5.14 -4.22
N CYS A 24 -7.11 4.09 -4.51
CA CYS A 24 -6.66 2.69 -4.39
C CYS A 24 -5.41 2.34 -5.22
N TYR A 25 -5.12 3.13 -6.26
CA TYR A 25 -4.01 2.98 -7.19
C TYR A 25 -3.72 4.32 -7.90
N PRO A 26 -2.96 5.24 -7.27
CA PRO A 26 -2.59 6.53 -7.88
C PRO A 26 -1.47 6.36 -8.94
N GLY A 27 -1.07 7.45 -9.59
CA GLY A 27 0.00 7.45 -10.59
C GLY A 27 1.42 7.36 -9.99
N ILE A 28 2.41 7.10 -10.84
CA ILE A 28 3.80 6.84 -10.44
C ILE A 28 4.38 7.99 -9.66
N ASP A 29 4.22 9.23 -10.12
CA ASP A 29 4.77 10.43 -9.49
C ASP A 29 4.19 10.67 -8.09
N ILE A 30 2.97 10.19 -7.79
CA ILE A 30 2.36 10.22 -6.45
C ILE A 30 3.01 9.17 -5.55
N LEU A 31 3.21 7.95 -6.08
CA LEU A 31 3.95 6.87 -5.40
C LEU A 31 5.42 7.26 -5.16
N GLU A 32 6.06 7.91 -6.13
CA GLU A 32 7.42 8.43 -6.04
C GLU A 32 7.56 9.68 -5.17
N ASP A 33 6.59 10.60 -5.10
CA ASP A 33 6.53 11.65 -4.08
C ASP A 33 6.47 11.09 -2.65
N LEU A 34 5.68 10.03 -2.42
CA LEU A 34 5.69 9.28 -1.16
C LEU A 34 7.06 8.66 -0.88
N ALA A 35 7.63 7.92 -1.84
CA ALA A 35 8.96 7.33 -1.74
C ALA A 35 10.05 8.38 -1.38
N GLN A 36 9.99 9.55 -2.02
CA GLN A 36 10.86 10.71 -1.80
C GLN A 36 10.87 11.25 -0.35
N LYS A 37 9.86 10.96 0.48
CA LYS A 37 9.75 11.47 1.85
C LYS A 37 9.77 10.39 2.92
N LEU A 38 9.14 9.24 2.64
CA LEU A 38 9.13 8.06 3.51
C LEU A 38 10.47 7.29 3.53
N ASN A 39 11.40 7.65 2.64
CA ASN A 39 12.60 6.91 2.26
C ASN A 39 12.30 5.43 1.94
N LEU A 40 11.76 5.25 0.75
CA LEU A 40 11.46 3.98 0.07
C LEU A 40 11.81 4.13 -1.42
N GLU A 41 11.59 3.08 -2.20
CA GLU A 41 11.56 3.11 -3.66
C GLU A 41 10.14 2.81 -4.19
N LEU A 42 9.88 3.21 -5.44
CA LEU A 42 8.61 3.00 -6.15
C LEU A 42 8.13 1.55 -6.05
N ASP A 43 9.01 0.57 -6.28
CA ASP A 43 8.71 -0.86 -6.20
C ASP A 43 8.11 -1.29 -4.85
N ARG A 44 8.76 -0.98 -3.72
CA ARG A 44 8.26 -1.39 -2.40
C ARG A 44 6.95 -0.68 -2.04
N ILE A 45 6.74 0.57 -2.47
CA ILE A 45 5.43 1.23 -2.35
C ILE A 45 4.40 0.58 -3.28
N GLN A 46 4.74 0.24 -4.52
CA GLN A 46 3.89 -0.48 -5.46
C GLN A 46 3.43 -1.84 -4.90
N ILE A 47 4.35 -2.71 -4.47
CA ILE A 47 4.02 -3.97 -3.79
C ILE A 47 3.24 -3.72 -2.50
N TRP A 48 3.50 -2.66 -1.73
CA TRP A 48 2.66 -2.28 -0.59
C TRP A 48 1.19 -1.98 -1.02
N PHE A 49 0.98 -1.05 -1.96
CA PHE A 49 -0.37 -0.70 -2.48
C PHE A 49 -1.07 -1.91 -3.13
N GLN A 50 -0.34 -2.70 -3.92
CA GLN A 50 -0.81 -3.95 -4.52
C GLN A 50 -1.29 -4.92 -3.41
N ASN A 51 -0.53 -5.11 -2.33
CA ASN A 51 -0.96 -5.90 -1.17
C ASN A 51 -2.00 -5.23 -0.23
N ARG A 52 -2.48 -4.03 -0.56
CA ARG A 52 -3.82 -3.54 -0.15
C ARG A 52 -4.86 -3.95 -1.18
N ARG A 53 -4.76 -3.44 -2.41
CA ARG A 53 -5.77 -3.61 -3.46
C ARG A 53 -6.13 -5.07 -3.73
N ALA A 54 -5.14 -5.96 -3.83
CA ALA A 54 -5.37 -7.40 -4.06
C ALA A 54 -5.97 -8.15 -2.86
N LYS A 55 -6.13 -7.48 -1.69
CA LYS A 55 -6.65 -8.08 -0.45
C LYS A 55 -7.71 -7.22 0.25
N LEU A 56 -8.27 -6.22 -0.43
CA LEU A 56 -9.18 -5.19 0.10
C LEU A 56 -10.24 -5.75 1.07
N LYS A 57 -11.01 -6.78 0.68
CA LYS A 57 -12.02 -7.41 1.56
C LYS A 57 -11.47 -8.07 2.83
N ARG A 58 -10.24 -8.64 2.78
CA ARG A 58 -9.52 -9.31 3.88
C ARG A 58 -10.20 -10.59 4.42
N SER A 59 -9.37 -11.52 4.89
CA SER A 59 -9.69 -12.71 5.68
C SER A 59 -10.19 -12.43 7.12
N HIS A 60 -10.95 -11.34 7.34
CA HIS A 60 -11.37 -10.86 8.67
C HIS A 60 -12.78 -10.27 8.59
N ARG A 61 -13.80 -11.13 8.78
CA ARG A 61 -15.24 -10.86 8.76
C ARG A 61 -15.81 -10.68 7.36
N GLU A 62 -16.96 -11.30 7.12
CA GLU A 62 -17.69 -11.41 5.85
C GLU A 62 -18.10 -10.01 5.36
N SER A 63 -17.35 -9.40 4.44
CA SER A 63 -17.45 -7.97 4.11
C SER A 63 -17.66 -7.71 2.60
N GLN A 64 -18.92 -7.60 2.19
CA GLN A 64 -19.29 -7.30 0.80
C GLN A 64 -18.88 -5.87 0.37
N PHE A 65 -18.25 -5.77 -0.80
CA PHE A 65 -17.95 -4.56 -1.57
C PHE A 65 -17.93 -4.93 -3.06
N LEU A 66 -18.33 -4.01 -3.95
CA LEU A 66 -18.24 -4.16 -5.42
C LEU A 66 -17.62 -2.88 -6.03
N MET A 67 -17.27 -2.95 -7.32
CA MET A 67 -16.78 -1.80 -8.11
C MET A 67 -17.92 -0.92 -8.61
N GLY A 1 17.17 -11.01 4.20
CA GLY A 1 16.85 -9.58 4.07
C GLY A 1 15.98 -9.33 2.84
N ARG A 2 16.58 -9.04 1.68
CA ARG A 2 15.90 -8.70 0.41
C ARG A 2 14.94 -9.81 -0.06
N ARG A 3 13.64 -9.63 0.18
CA ARG A 3 12.51 -10.54 -0.15
C ARG A 3 11.21 -9.74 -0.41
N PRO A 4 10.16 -10.34 -1.00
CA PRO A 4 8.89 -9.68 -1.36
C PRO A 4 7.95 -9.40 -0.16
N ARG A 5 6.74 -8.87 -0.45
CA ARG A 5 5.67 -8.44 0.49
C ARG A 5 6.19 -7.57 1.64
N THR A 6 6.78 -6.43 1.28
CA THR A 6 7.30 -5.41 2.20
C THR A 6 6.20 -4.74 3.02
N ALA A 7 6.42 -4.58 4.32
CA ALA A 7 5.62 -3.71 5.21
C ALA A 7 6.55 -2.91 6.16
N PHE A 8 6.01 -1.86 6.80
CA PHE A 8 6.74 -0.87 7.59
C PHE A 8 6.12 -0.69 9.00
N THR A 9 6.71 0.19 9.81
CA THR A 9 6.11 0.70 11.06
C THR A 9 4.77 1.39 10.77
N GLN A 10 3.81 1.31 11.70
CA GLN A 10 2.49 1.93 11.52
C GLN A 10 2.58 3.44 11.24
N ASN A 11 3.51 4.16 11.86
CA ASN A 11 3.73 5.60 11.68
C ASN A 11 4.11 5.98 10.23
N GLN A 12 4.52 4.99 9.41
CA GLN A 12 4.74 5.11 7.97
C GLN A 12 3.54 4.56 7.19
N ILE A 13 3.02 3.38 7.55
CA ILE A 13 1.81 2.78 6.96
C ILE A 13 0.66 3.79 6.89
N GLU A 14 0.35 4.50 7.97
CA GLU A 14 -0.74 5.49 8.05
C GLU A 14 -0.68 6.56 6.94
N VAL A 15 0.50 6.94 6.44
CA VAL A 15 0.62 7.89 5.31
C VAL A 15 0.18 7.23 3.99
N LEU A 16 0.59 5.98 3.76
CA LEU A 16 0.17 5.20 2.59
C LEU A 16 -1.33 4.85 2.65
N GLU A 17 -1.84 4.36 3.80
CA GLU A 17 -3.27 4.17 4.07
C GLU A 17 -4.07 5.45 3.79
N ASN A 18 -3.61 6.60 4.30
CA ASN A 18 -4.23 7.91 4.03
C ASN A 18 -4.36 8.24 2.54
N VAL A 19 -3.35 7.96 1.70
CA VAL A 19 -3.49 8.09 0.23
C VAL A 19 -4.46 7.03 -0.33
N PHE A 20 -4.31 5.76 0.06
CA PHE A 20 -5.13 4.62 -0.37
C PHE A 20 -6.63 4.76 -0.02
N ARG A 21 -6.99 5.57 1.00
CA ARG A 21 -8.37 6.00 1.28
C ARG A 21 -8.98 6.74 0.10
N VAL A 22 -8.28 7.76 -0.40
CA VAL A 22 -8.71 8.65 -1.50
C VAL A 22 -8.62 7.96 -2.86
N ASN A 23 -7.51 7.29 -3.16
CA ASN A 23 -7.25 6.65 -4.45
C ASN A 23 -6.61 5.27 -4.29
N CYS A 24 -7.35 4.22 -4.63
CA CYS A 24 -6.89 2.83 -4.57
C CYS A 24 -5.86 2.45 -5.67
N TYR A 25 -5.73 3.26 -6.72
CA TYR A 25 -4.82 3.11 -7.87
C TYR A 25 -4.07 4.43 -8.15
N PRO A 26 -3.03 4.76 -7.36
CA PRO A 26 -2.22 5.97 -7.61
C PRO A 26 -1.36 5.86 -8.88
N GLY A 27 -0.94 7.01 -9.41
CA GLY A 27 0.08 7.08 -10.47
C GLY A 27 1.50 6.92 -9.92
N ILE A 28 2.48 6.70 -10.79
CA ILE A 28 3.87 6.43 -10.41
C ILE A 28 4.49 7.62 -9.69
N ASP A 29 4.14 8.85 -10.05
CA ASP A 29 4.58 10.09 -9.39
C ASP A 29 3.97 10.28 -7.99
N ILE A 30 2.81 9.67 -7.71
CA ILE A 30 2.17 9.70 -6.38
C ILE A 30 2.80 8.62 -5.47
N LEU A 31 3.13 7.47 -6.05
CA LEU A 31 3.96 6.44 -5.43
C LEU A 31 5.38 6.97 -5.16
N GLU A 32 6.02 7.61 -6.14
CA GLU A 32 7.31 8.29 -5.97
C GLU A 32 7.27 9.49 -5.02
N ASP A 33 6.21 10.29 -4.97
CA ASP A 33 6.01 11.29 -3.91
C ASP A 33 6.10 10.63 -2.53
N LEU A 34 5.35 9.55 -2.28
CA LEU A 34 5.46 8.78 -1.04
C LEU A 34 6.88 8.23 -0.82
N ALA A 35 7.53 7.67 -1.84
CA ALA A 35 8.91 7.20 -1.76
C ALA A 35 9.88 8.33 -1.32
N GLN A 36 9.84 9.46 -2.02
CA GLN A 36 10.76 10.59 -1.83
C GLN A 36 10.54 11.34 -0.51
N LYS A 37 9.33 11.36 0.08
CA LYS A 37 9.04 12.01 1.36
C LYS A 37 9.16 11.07 2.58
N LEU A 38 9.00 9.76 2.40
CA LEU A 38 9.13 8.76 3.48
C LEU A 38 10.54 8.15 3.57
N ASN A 39 11.36 8.27 2.53
CA ASN A 39 12.62 7.55 2.31
C ASN A 39 12.37 6.03 2.13
N LEU A 40 11.70 5.69 1.03
CA LEU A 40 11.53 4.35 0.46
C LEU A 40 11.90 4.39 -1.04
N GLU A 41 11.71 3.28 -1.76
CA GLU A 41 11.79 3.18 -3.21
C GLU A 41 10.46 2.71 -3.82
N LEU A 42 10.24 3.09 -5.09
CA LEU A 42 9.01 2.90 -5.85
C LEU A 42 8.49 1.46 -5.76
N ASP A 43 9.36 0.47 -5.94
CA ASP A 43 9.06 -0.97 -5.80
C ASP A 43 8.38 -1.35 -4.48
N ARG A 44 8.83 -0.81 -3.33
CA ARG A 44 8.19 -1.07 -2.03
C ARG A 44 6.80 -0.47 -1.97
N ILE A 45 6.62 0.75 -2.50
CA ILE A 45 5.28 1.38 -2.54
C ILE A 45 4.35 0.65 -3.51
N GLN A 46 4.86 0.20 -4.66
CA GLN A 46 4.14 -0.62 -5.63
C GLN A 46 3.67 -1.95 -5.02
N ILE A 47 4.59 -2.71 -4.40
CA ILE A 47 4.24 -3.93 -3.65
C ILE A 47 3.24 -3.62 -2.54
N TRP A 48 3.42 -2.54 -1.78
CA TRP A 48 2.45 -2.14 -0.76
C TRP A 48 1.06 -1.88 -1.35
N PHE A 49 0.92 -0.97 -2.33
CA PHE A 49 -0.39 -0.65 -2.93
C PHE A 49 -1.01 -1.85 -3.65
N GLN A 50 -0.24 -2.66 -4.38
CA GLN A 50 -0.74 -3.88 -5.01
C GLN A 50 -1.25 -4.88 -3.96
N ASN A 51 -0.49 -5.17 -2.89
CA ASN A 51 -1.02 -6.03 -1.82
C ASN A 51 -2.28 -5.43 -1.19
N ARG A 52 -2.30 -4.13 -0.93
CA ARG A 52 -3.45 -3.42 -0.35
C ARG A 52 -4.69 -3.48 -1.23
N ARG A 53 -4.59 -3.11 -2.51
CA ARG A 53 -5.71 -3.21 -3.46
C ARG A 53 -6.16 -4.66 -3.63
N ALA A 54 -5.24 -5.63 -3.73
CA ALA A 54 -5.60 -7.06 -3.74
C ALA A 54 -6.40 -7.47 -2.49
N LYS A 55 -5.90 -7.19 -1.27
CA LYS A 55 -6.60 -7.46 0.00
C LYS A 55 -7.97 -6.79 0.05
N LEU A 56 -8.06 -5.49 -0.24
CA LEU A 56 -9.30 -4.72 -0.35
C LEU A 56 -10.18 -5.11 -1.58
N LYS A 57 -9.92 -6.21 -2.29
CA LYS A 57 -10.90 -6.87 -3.17
C LYS A 57 -11.08 -8.38 -2.89
N ARG A 58 -10.18 -9.01 -2.12
CA ARG A 58 -10.37 -10.34 -1.51
C ARG A 58 -11.35 -10.29 -0.32
N SER A 59 -11.09 -9.41 0.64
CA SER A 59 -11.75 -9.34 1.94
C SER A 59 -13.09 -8.57 1.92
N HIS A 60 -13.96 -8.89 0.97
CA HIS A 60 -15.40 -8.60 0.96
C HIS A 60 -16.09 -9.83 0.36
N ARG A 61 -16.41 -10.81 1.21
CA ARG A 61 -16.89 -12.14 0.80
C ARG A 61 -17.85 -12.73 1.86
N GLU A 62 -17.48 -13.79 2.59
CA GLU A 62 -18.23 -14.37 3.71
C GLU A 62 -18.39 -13.39 4.88
N SER A 63 -19.63 -13.01 5.21
CA SER A 63 -19.96 -12.10 6.32
C SER A 63 -19.89 -12.80 7.69
N GLN A 64 -18.71 -13.29 8.09
CA GLN A 64 -18.54 -14.20 9.23
C GLN A 64 -17.50 -13.69 10.23
N PHE A 65 -17.96 -13.19 11.38
CA PHE A 65 -17.12 -13.10 12.58
C PHE A 65 -16.90 -14.51 13.18
N LEU A 66 -15.78 -14.71 13.87
CA LEU A 66 -15.38 -16.01 14.43
C LEU A 66 -15.58 -16.05 15.96
N MET A 67 -14.52 -16.18 16.75
CA MET A 67 -14.52 -16.20 18.22
C MET A 67 -13.18 -15.68 18.73
N GLY A 1 11.76 -16.83 -0.07
CA GLY A 1 12.76 -16.68 -1.14
C GLY A 1 13.52 -15.37 -0.98
N ARG A 2 13.77 -14.67 -2.09
CA ARG A 2 14.60 -13.45 -2.20
C ARG A 2 14.06 -12.24 -1.43
N ARG A 3 12.97 -11.63 -1.91
CA ARG A 3 12.39 -10.34 -1.43
C ARG A 3 10.85 -10.40 -1.47
N PRO A 4 10.18 -10.90 -0.41
CA PRO A 4 8.73 -11.02 -0.37
C PRO A 4 8.02 -9.66 -0.21
N ARG A 5 6.68 -9.68 -0.22
CA ARG A 5 5.86 -8.50 0.14
C ARG A 5 6.32 -7.89 1.47
N THR A 6 6.30 -6.56 1.54
CA THR A 6 7.01 -5.78 2.56
C THR A 6 6.07 -4.83 3.31
N ALA A 7 6.32 -4.66 4.61
CA ALA A 7 5.65 -3.68 5.48
C ALA A 7 6.66 -2.75 6.18
N PHE A 8 6.15 -1.75 6.89
CA PHE A 8 6.87 -0.68 7.56
C PHE A 8 6.36 -0.53 9.01
N THR A 9 6.82 0.51 9.73
CA THR A 9 6.11 1.00 10.94
C THR A 9 4.72 1.52 10.56
N GLN A 10 3.73 1.39 11.46
CA GLN A 10 2.41 1.99 11.28
C GLN A 10 2.48 3.50 10.99
N ASN A 11 3.45 4.23 11.57
CA ASN A 11 3.62 5.68 11.30
C ASN A 11 3.86 5.99 9.81
N GLN A 12 4.41 5.04 9.05
CA GLN A 12 4.54 5.07 7.59
C GLN A 12 3.24 4.63 6.93
N ILE A 13 2.74 3.44 7.33
CA ILE A 13 1.56 2.79 6.77
C ILE A 13 0.35 3.72 6.80
N GLU A 14 0.09 4.44 7.89
CA GLU A 14 -0.97 5.42 7.98
C GLU A 14 -0.90 6.47 6.86
N VAL A 15 0.28 6.98 6.49
CA VAL A 15 0.32 7.98 5.41
C VAL A 15 -0.13 7.36 4.08
N LEU A 16 0.39 6.18 3.76
CA LEU A 16 -0.03 5.39 2.59
C LEU A 16 -1.51 4.97 2.64
N GLU A 17 -2.01 4.42 3.74
CA GLU A 17 -3.43 4.08 3.99
C GLU A 17 -4.36 5.27 3.76
N ASN A 18 -4.10 6.43 4.38
CA ASN A 18 -4.99 7.58 4.23
C ASN A 18 -4.91 8.22 2.83
N VAL A 19 -3.82 8.01 2.05
CA VAL A 19 -3.82 8.22 0.58
C VAL A 19 -4.71 7.19 -0.13
N PHE A 20 -4.48 5.90 0.07
CA PHE A 20 -5.21 4.78 -0.55
C PHE A 20 -6.74 4.88 -0.35
N ARG A 21 -7.17 5.32 0.84
CA ARG A 21 -8.56 5.62 1.21
C ARG A 21 -9.25 6.67 0.31
N VAL A 22 -8.49 7.54 -0.35
CA VAL A 22 -8.96 8.60 -1.26
C VAL A 22 -8.62 8.31 -2.73
N ASN A 23 -7.57 7.54 -3.00
CA ASN A 23 -7.13 7.12 -4.33
C ASN A 23 -6.77 5.63 -4.36
N CYS A 24 -7.73 4.81 -4.79
CA CYS A 24 -7.67 3.36 -4.84
C CYS A 24 -6.62 2.78 -5.83
N TYR A 25 -6.02 3.62 -6.68
CA TYR A 25 -4.87 3.31 -7.53
C TYR A 25 -4.15 4.63 -7.93
N PRO A 26 -3.17 5.12 -7.15
CA PRO A 26 -2.48 6.37 -7.47
C PRO A 26 -1.50 6.20 -8.65
N GLY A 27 -1.11 7.31 -9.27
CA GLY A 27 -0.15 7.34 -10.38
C GLY A 27 1.31 7.29 -9.90
N ILE A 28 2.24 7.03 -10.84
CA ILE A 28 3.67 6.78 -10.54
C ILE A 28 4.29 7.94 -9.77
N ASP A 29 4.01 9.18 -10.14
CA ASP A 29 4.64 10.34 -9.50
C ASP A 29 4.16 10.59 -8.06
N ILE A 30 2.99 10.06 -7.67
CA ILE A 30 2.51 10.03 -6.28
C ILE A 30 3.19 8.89 -5.50
N LEU A 31 3.39 7.74 -6.14
CA LEU A 31 4.16 6.62 -5.58
C LEU A 31 5.64 7.00 -5.37
N GLU A 32 6.25 7.68 -6.35
CA GLU A 32 7.54 8.37 -6.24
C GLU A 32 7.57 9.44 -5.15
N ASP A 33 6.62 10.37 -5.10
CA ASP A 33 6.56 11.39 -4.05
C ASP A 33 6.56 10.77 -2.63
N LEU A 34 5.80 9.69 -2.42
CA LEU A 34 5.85 8.91 -1.18
C LEU A 34 7.23 8.27 -0.96
N ALA A 35 7.82 7.63 -1.97
CA ALA A 35 9.16 7.03 -1.86
C ALA A 35 10.22 8.08 -1.48
N GLN A 36 10.26 9.18 -2.24
CA GLN A 36 11.18 10.31 -2.08
C GLN A 36 11.13 10.93 -0.68
N LYS A 37 9.93 11.15 -0.11
CA LYS A 37 9.75 11.96 1.10
C LYS A 37 9.54 11.17 2.39
N LEU A 38 9.23 9.87 2.32
CA LEU A 38 9.20 8.93 3.45
C LEU A 38 10.52 8.16 3.65
N ASN A 39 11.48 8.29 2.73
CA ASN A 39 12.67 7.44 2.56
C ASN A 39 12.29 5.95 2.41
N LEU A 40 11.71 5.62 1.26
CA LEU A 40 11.40 4.26 0.77
C LEU A 40 11.85 4.12 -0.70
N GLU A 41 11.62 2.96 -1.31
CA GLU A 41 11.86 2.72 -2.74
C GLU A 41 10.54 2.44 -3.47
N LEU A 42 10.41 2.97 -4.69
CA LEU A 42 9.20 2.93 -5.52
C LEU A 42 8.58 1.52 -5.56
N ASP A 43 9.38 0.50 -5.87
CA ASP A 43 8.94 -0.89 -5.97
C ASP A 43 8.30 -1.41 -4.68
N ARG A 44 8.85 -1.11 -3.49
CA ARG A 44 8.21 -1.49 -2.22
C ARG A 44 6.87 -0.80 -2.03
N ILE A 45 6.72 0.45 -2.47
CA ILE A 45 5.42 1.14 -2.42
C ILE A 45 4.44 0.60 -3.47
N GLN A 46 4.88 0.25 -4.68
CA GLN A 46 4.08 -0.48 -5.67
C GLN A 46 3.59 -1.83 -5.14
N ILE A 47 4.49 -2.71 -4.67
CA ILE A 47 4.12 -3.97 -4.03
C ILE A 47 3.26 -3.73 -2.78
N TRP A 48 3.49 -2.69 -1.97
CA TRP A 48 2.57 -2.29 -0.90
C TRP A 48 1.16 -2.02 -1.45
N PHE A 49 0.97 -1.02 -2.32
CA PHE A 49 -0.36 -0.65 -2.83
C PHE A 49 -1.09 -1.83 -3.49
N GLN A 50 -0.39 -2.60 -4.33
CA GLN A 50 -0.95 -3.81 -4.95
C GLN A 50 -1.26 -4.90 -3.92
N ASN A 51 -0.46 -5.09 -2.86
CA ASN A 51 -0.82 -6.00 -1.78
C ASN A 51 -2.10 -5.54 -1.07
N ARG A 52 -2.23 -4.25 -0.71
CA ARG A 52 -3.46 -3.72 -0.11
C ARG A 52 -4.67 -3.98 -0.96
N ARG A 53 -4.61 -3.60 -2.24
CA ARG A 53 -5.71 -3.78 -3.20
C ARG A 53 -6.07 -5.25 -3.39
N ALA A 54 -5.09 -6.14 -3.54
CA ALA A 54 -5.33 -7.60 -3.54
C ALA A 54 -5.98 -8.09 -2.24
N LYS A 55 -5.46 -7.70 -1.07
CA LYS A 55 -5.94 -8.11 0.25
C LYS A 55 -7.37 -7.64 0.53
N LEU A 56 -7.73 -6.41 0.20
CA LEU A 56 -9.11 -5.92 0.31
C LEU A 56 -10.08 -6.67 -0.61
N LYS A 57 -9.61 -7.16 -1.77
CA LYS A 57 -10.43 -7.92 -2.73
C LYS A 57 -10.63 -9.41 -2.36
N ARG A 58 -9.58 -10.12 -1.93
CA ARG A 58 -9.59 -11.58 -1.64
C ARG A 58 -10.16 -12.42 -2.81
N SER A 59 -10.58 -13.66 -2.54
CA SER A 59 -11.52 -14.39 -3.39
C SER A 59 -12.90 -13.70 -3.39
N HIS A 60 -13.66 -13.89 -4.46
CA HIS A 60 -15.00 -13.32 -4.60
C HIS A 60 -16.01 -13.97 -3.65
N ARG A 61 -16.97 -13.17 -3.16
CA ARG A 61 -17.89 -13.49 -2.06
C ARG A 61 -19.24 -12.80 -2.28
N GLU A 62 -20.22 -13.53 -2.82
CA GLU A 62 -21.53 -12.97 -3.21
C GLU A 62 -22.47 -12.76 -2.02
N SER A 63 -22.47 -11.54 -1.46
CA SER A 63 -23.45 -11.05 -0.48
C SER A 63 -24.19 -9.79 -0.97
N GLN A 64 -25.20 -9.36 -0.21
CA GLN A 64 -26.06 -8.20 -0.49
C GLN A 64 -26.33 -7.41 0.82
N PHE A 65 -27.13 -6.34 0.76
CA PHE A 65 -27.53 -5.55 1.93
C PHE A 65 -28.95 -4.99 1.77
N LEU A 66 -29.55 -4.55 2.88
CA LEU A 66 -30.93 -4.04 2.97
C LEU A 66 -31.04 -2.78 3.86
N MET A 67 -32.26 -2.30 4.12
CA MET A 67 -32.56 -1.13 4.96
C MET A 67 -33.57 -1.47 6.05
N GLY A 1 8.04 -6.25 -9.76
CA GLY A 1 8.55 -5.73 -8.48
C GLY A 1 9.02 -6.88 -7.60
N ARG A 2 10.15 -6.68 -6.91
CA ARG A 2 10.90 -7.74 -6.19
C ARG A 2 10.53 -7.79 -4.69
N ARG A 3 11.31 -8.59 -3.94
CA ARG A 3 11.20 -8.86 -2.49
C ARG A 3 9.90 -9.60 -2.07
N PRO A 4 9.82 -10.08 -0.82
CA PRO A 4 8.58 -10.63 -0.26
C PRO A 4 7.56 -9.54 0.09
N ARG A 5 6.37 -9.95 0.55
CA ARG A 5 5.40 -9.10 1.26
C ARG A 5 6.14 -8.22 2.28
N THR A 6 6.13 -6.92 2.04
CA THR A 6 6.84 -5.92 2.86
C THR A 6 5.89 -5.33 3.92
N ALA A 7 6.44 -4.76 4.98
CA ALA A 7 5.74 -3.94 5.99
C ALA A 7 6.66 -2.80 6.47
N PHE A 8 6.11 -1.86 7.25
CA PHE A 8 6.77 -0.69 7.80
C PHE A 8 6.42 -0.50 9.29
N THR A 9 6.79 0.66 9.86
CA THR A 9 6.16 1.15 11.10
C THR A 9 4.75 1.69 10.82
N GLN A 10 3.80 1.55 11.74
CA GLN A 10 2.41 2.01 11.58
C GLN A 10 2.28 3.51 11.27
N ASN A 11 3.19 4.37 11.76
CA ASN A 11 3.22 5.79 11.40
C ASN A 11 3.65 6.03 9.93
N GLN A 12 4.35 5.10 9.29
CA GLN A 12 4.55 5.04 7.83
C GLN A 12 3.25 4.55 7.19
N ILE A 13 2.73 3.39 7.61
CA ILE A 13 1.52 2.75 7.07
C ILE A 13 0.36 3.74 6.95
N GLU A 14 0.03 4.49 8.01
CA GLU A 14 -1.04 5.48 7.91
C GLU A 14 -0.81 6.56 6.85
N VAL A 15 0.41 6.92 6.45
CA VAL A 15 0.59 7.83 5.29
C VAL A 15 0.10 7.16 4.01
N LEU A 16 0.58 5.93 3.72
CA LEU A 16 0.14 5.14 2.58
C LEU A 16 -1.37 4.84 2.60
N GLU A 17 -1.95 4.41 3.73
CA GLU A 17 -3.40 4.30 3.95
C GLU A 17 -4.16 5.59 3.62
N ASN A 18 -3.72 6.75 4.13
CA ASN A 18 -4.37 8.02 3.82
C ASN A 18 -4.27 8.45 2.35
N VAL A 19 -3.38 7.84 1.56
CA VAL A 19 -3.47 7.87 0.09
C VAL A 19 -4.43 6.81 -0.43
N PHE A 20 -4.32 5.53 -0.03
CA PHE A 20 -5.18 4.43 -0.50
C PHE A 20 -6.69 4.68 -0.29
N ARG A 21 -7.09 5.29 0.84
CA ARG A 21 -8.49 5.66 1.14
C ARG A 21 -9.06 6.79 0.26
N VAL A 22 -8.22 7.43 -0.57
CA VAL A 22 -8.58 8.53 -1.49
C VAL A 22 -8.30 8.16 -2.95
N ASN A 23 -7.24 7.39 -3.20
CA ASN A 23 -6.77 6.89 -4.49
C ASN A 23 -6.30 5.44 -4.32
N CYS A 24 -7.18 4.48 -4.58
CA CYS A 24 -6.85 3.05 -4.45
C CYS A 24 -5.67 2.59 -5.34
N TYR A 25 -5.44 3.30 -6.46
CA TYR A 25 -4.17 3.34 -7.20
C TYR A 25 -3.94 4.79 -7.69
N PRO A 26 -3.00 5.56 -7.09
CA PRO A 26 -2.64 6.89 -7.57
C PRO A 26 -1.69 6.83 -8.80
N GLY A 27 -1.29 7.99 -9.32
CA GLY A 27 -0.28 8.10 -10.39
C GLY A 27 1.17 7.85 -9.92
N ILE A 28 2.08 7.69 -10.90
CA ILE A 28 3.50 7.36 -10.64
C ILE A 28 4.19 8.45 -9.83
N ASP A 29 3.93 9.71 -10.12
CA ASP A 29 4.44 10.89 -9.41
C ASP A 29 4.06 10.89 -7.93
N ILE A 30 2.91 10.32 -7.57
CA ILE A 30 2.49 10.14 -6.17
C ILE A 30 3.25 8.99 -5.53
N LEU A 31 3.48 7.88 -6.26
CA LEU A 31 4.38 6.81 -5.80
C LEU A 31 5.82 7.30 -5.60
N GLU A 32 6.36 8.07 -6.55
CA GLU A 32 7.66 8.75 -6.47
C GLU A 32 7.75 9.84 -5.39
N ASP A 33 6.71 10.67 -5.21
CA ASP A 33 6.67 11.60 -4.09
C ASP A 33 6.61 10.88 -2.73
N LEU A 34 5.80 9.82 -2.59
CA LEU A 34 5.80 8.99 -1.39
C LEU A 34 7.16 8.31 -1.18
N ALA A 35 7.81 7.80 -2.23
CA ALA A 35 9.15 7.24 -2.18
C ALA A 35 10.16 8.25 -1.62
N GLN A 36 10.30 9.42 -2.25
CA GLN A 36 11.25 10.44 -1.77
C GLN A 36 10.88 11.02 -0.38
N LYS A 37 9.59 11.22 -0.04
CA LYS A 37 9.15 11.74 1.27
C LYS A 37 9.33 10.77 2.43
N LEU A 38 9.01 9.49 2.23
CA LEU A 38 9.11 8.42 3.22
C LEU A 38 10.48 7.71 3.20
N ASN A 39 11.38 8.11 2.29
CA ASN A 39 12.66 7.49 1.94
C ASN A 39 12.56 5.97 1.70
N LEU A 40 11.61 5.56 0.86
CA LEU A 40 11.45 4.21 0.32
C LEU A 40 11.83 4.18 -1.17
N GLU A 41 11.89 3.00 -1.78
CA GLU A 41 11.81 2.82 -3.23
C GLU A 41 10.35 2.51 -3.65
N LEU A 42 9.94 3.10 -4.78
CA LEU A 42 8.56 3.01 -5.26
C LEU A 42 8.09 1.59 -5.60
N ASP A 43 9.02 0.63 -5.76
CA ASP A 43 8.75 -0.81 -5.89
C ASP A 43 8.18 -1.40 -4.58
N ARG A 44 8.75 -1.05 -3.41
CA ARG A 44 8.17 -1.42 -2.10
C ARG A 44 6.80 -0.79 -1.91
N ILE A 45 6.61 0.46 -2.34
CA ILE A 45 5.28 1.10 -2.27
C ILE A 45 4.29 0.47 -3.25
N GLN A 46 4.70 0.14 -4.47
CA GLN A 46 3.93 -0.66 -5.41
C GLN A 46 3.48 -2.00 -4.81
N ILE A 47 4.40 -2.80 -4.25
CA ILE A 47 4.05 -4.03 -3.50
C ILE A 47 3.13 -3.71 -2.32
N TRP A 48 3.34 -2.65 -1.54
CA TRP A 48 2.43 -2.28 -0.45
C TRP A 48 1.00 -2.06 -0.96
N PHE A 49 0.79 -1.21 -1.97
CA PHE A 49 -0.53 -0.99 -2.58
C PHE A 49 -1.10 -2.28 -3.20
N GLN A 50 -0.34 -3.01 -4.01
CA GLN A 50 -0.77 -4.30 -4.58
C GLN A 50 -1.18 -5.30 -3.48
N ASN A 51 -0.50 -5.38 -2.34
CA ASN A 51 -0.96 -6.23 -1.22
C ASN A 51 -2.35 -5.79 -0.69
N ARG A 52 -2.60 -4.49 -0.52
CA ARG A 52 -3.95 -3.98 -0.20
C ARG A 52 -4.97 -4.37 -1.25
N ARG A 53 -4.73 -3.95 -2.49
CA ARG A 53 -5.67 -4.11 -3.59
C ARG A 53 -5.94 -5.59 -3.92
N ALA A 54 -4.97 -6.49 -3.70
CA ALA A 54 -5.19 -7.93 -3.67
C ALA A 54 -6.16 -8.35 -2.56
N LYS A 55 -5.86 -8.03 -1.28
CA LYS A 55 -6.73 -8.36 -0.12
C LYS A 55 -8.16 -7.89 -0.36
N LEU A 56 -8.33 -6.62 -0.74
CA LEU A 56 -9.60 -5.95 -1.01
C LEU A 56 -10.46 -6.63 -2.11
N LYS A 57 -9.94 -7.60 -2.87
CA LYS A 57 -10.71 -8.43 -3.80
C LYS A 57 -10.57 -9.95 -3.59
N ARG A 58 -9.91 -10.39 -2.52
CA ARG A 58 -9.96 -11.76 -1.95
C ARG A 58 -11.29 -11.94 -1.17
N SER A 59 -11.40 -13.04 -0.41
CA SER A 59 -12.23 -13.23 0.77
C SER A 59 -13.44 -12.28 0.88
N HIS A 60 -14.51 -12.58 0.13
CA HIS A 60 -15.59 -11.64 -0.20
C HIS A 60 -16.52 -11.27 0.99
N ARG A 61 -15.95 -10.64 2.03
CA ARG A 61 -16.57 -10.19 3.27
C ARG A 61 -15.79 -8.97 3.79
N GLU A 62 -16.07 -7.81 3.22
CA GLU A 62 -15.56 -6.50 3.63
C GLU A 62 -16.46 -5.41 2.99
N SER A 63 -16.59 -4.22 3.59
CA SER A 63 -17.45 -3.14 3.08
C SER A 63 -16.91 -2.53 1.77
N GLN A 64 -17.29 -3.10 0.62
CA GLN A 64 -16.83 -2.73 -0.73
C GLN A 64 -17.02 -1.23 -1.05
N PHE A 65 -18.26 -0.75 -1.15
CA PHE A 65 -18.60 0.65 -1.46
C PHE A 65 -19.88 1.08 -0.72
N LEU A 66 -19.76 1.96 0.29
CA LEU A 66 -20.87 2.54 1.07
C LEU A 66 -21.85 1.46 1.60
N MET A 67 -21.32 0.53 2.40
CA MET A 67 -22.03 -0.66 2.93
C MET A 67 -21.77 -0.82 4.42
N GLY A 1 16.17 -11.64 -0.74
CA GLY A 1 16.28 -10.96 -2.04
C GLY A 1 15.07 -10.07 -2.20
N ARG A 2 14.37 -10.20 -3.34
CA ARG A 2 13.08 -9.58 -3.72
C ARG A 2 12.47 -8.64 -2.67
N ARG A 3 11.61 -9.16 -1.79
CA ARG A 3 10.73 -8.45 -0.85
C ARG A 3 10.25 -9.39 0.27
N PRO A 4 11.02 -9.59 1.35
CA PRO A 4 10.63 -10.45 2.47
C PRO A 4 9.51 -9.80 3.33
N ARG A 5 8.25 -9.92 2.89
CA ARG A 5 7.01 -9.28 3.40
C ARG A 5 6.99 -7.74 3.45
N THR A 6 8.13 -7.15 3.15
CA THR A 6 8.60 -5.78 3.42
C THR A 6 8.05 -5.20 4.72
N ALA A 7 6.85 -4.62 4.70
CA ALA A 7 6.21 -3.81 5.74
C ALA A 7 7.09 -2.67 6.32
N PHE A 8 6.47 -1.81 7.13
CA PHE A 8 7.05 -0.63 7.75
C PHE A 8 6.59 -0.52 9.22
N THR A 9 6.96 0.58 9.88
CA THR A 9 6.26 1.05 11.10
C THR A 9 4.84 1.51 10.76
N GLN A 10 3.88 1.37 11.69
CA GLN A 10 2.51 1.84 11.46
C GLN A 10 2.45 3.33 11.14
N ASN A 11 3.35 4.17 11.68
CA ASN A 11 3.37 5.60 11.33
C ASN A 11 3.71 5.90 9.86
N GLN A 12 4.23 4.93 9.10
CA GLN A 12 4.39 4.95 7.65
C GLN A 12 3.16 4.38 6.95
N ILE A 13 2.64 3.26 7.48
CA ILE A 13 1.41 2.60 7.01
C ILE A 13 0.24 3.58 7.01
N GLU A 14 -0.07 4.25 8.11
CA GLU A 14 -1.20 5.18 8.19
C GLU A 14 -1.15 6.32 7.16
N VAL A 15 0.04 6.82 6.77
CA VAL A 15 0.14 7.82 5.69
C VAL A 15 -0.21 7.18 4.33
N LEU A 16 0.34 5.99 4.08
CA LEU A 16 0.11 5.22 2.86
C LEU A 16 -1.37 4.76 2.74
N GLU A 17 -1.96 4.19 3.78
CA GLU A 17 -3.40 3.88 3.90
C GLU A 17 -4.27 5.12 3.68
N ASN A 18 -3.92 6.26 4.29
CA ASN A 18 -4.64 7.52 4.07
C ASN A 18 -4.58 8.02 2.61
N VAL A 19 -3.56 7.67 1.82
CA VAL A 19 -3.58 7.87 0.35
C VAL A 19 -4.44 6.81 -0.34
N PHE A 20 -4.26 5.51 -0.03
CA PHE A 20 -5.08 4.42 -0.59
C PHE A 20 -6.60 4.63 -0.39
N ARG A 21 -7.00 5.26 0.72
CA ARG A 21 -8.36 5.73 1.07
C ARG A 21 -8.98 6.70 0.05
N VAL A 22 -8.19 7.46 -0.73
CA VAL A 22 -8.66 8.45 -1.71
C VAL A 22 -8.22 8.17 -3.14
N ASN A 23 -7.05 7.56 -3.32
CA ASN A 23 -6.47 7.14 -4.59
C ASN A 23 -5.98 5.68 -4.48
N CYS A 24 -6.93 4.74 -4.53
CA CYS A 24 -6.67 3.30 -4.38
C CYS A 24 -5.72 2.71 -5.45
N TYR A 25 -5.68 3.34 -6.63
CA TYR A 25 -4.57 3.32 -7.58
C TYR A 25 -4.22 4.76 -7.97
N PRO A 26 -3.09 5.32 -7.49
CA PRO A 26 -2.63 6.68 -7.79
C PRO A 26 -1.89 6.75 -9.15
N GLY A 27 -1.29 7.91 -9.46
CA GLY A 27 -0.33 8.09 -10.55
C GLY A 27 1.11 7.82 -10.13
N ILE A 28 2.02 7.64 -11.10
CA ILE A 28 3.43 7.28 -10.81
C ILE A 28 4.14 8.40 -10.04
N ASP A 29 3.87 9.67 -10.35
CA ASP A 29 4.44 10.83 -9.65
C ASP A 29 4.06 10.86 -8.17
N ILE A 30 2.90 10.31 -7.80
CA ILE A 30 2.42 10.18 -6.42
C ILE A 30 3.11 8.99 -5.73
N LEU A 31 3.34 7.88 -6.43
CA LEU A 31 4.21 6.80 -5.94
C LEU A 31 5.64 7.30 -5.72
N GLU A 32 6.24 7.98 -6.69
CA GLU A 32 7.54 8.66 -6.58
C GLU A 32 7.58 9.69 -5.44
N ASP A 33 6.57 10.55 -5.31
CA ASP A 33 6.54 11.54 -4.22
C ASP A 33 6.42 10.91 -2.82
N LEU A 34 5.64 9.83 -2.67
CA LEU A 34 5.61 9.04 -1.44
C LEU A 34 6.95 8.33 -1.20
N ALA A 35 7.50 7.69 -2.23
CA ALA A 35 8.78 6.99 -2.18
C ALA A 35 9.92 7.90 -1.71
N GLN A 36 10.00 9.10 -2.31
CA GLN A 36 10.84 10.21 -1.84
C GLN A 36 10.58 10.53 -0.35
N LYS A 37 9.40 11.07 -0.01
CA LYS A 37 9.13 11.67 1.31
C LYS A 37 9.13 10.69 2.47
N LEU A 38 8.99 9.39 2.22
CA LEU A 38 9.02 8.32 3.22
C LEU A 38 10.36 7.54 3.24
N ASN A 39 11.31 7.87 2.35
CA ASN A 39 12.54 7.13 2.05
C ASN A 39 12.31 5.61 1.91
N LEU A 40 11.50 5.24 0.91
CA LEU A 40 11.13 3.87 0.55
C LEU A 40 11.00 3.76 -0.96
N GLU A 41 11.85 3.01 -1.63
CA GLU A 41 11.83 2.99 -3.10
C GLU A 41 10.49 2.52 -3.68
N LEU A 42 10.18 3.03 -4.89
CA LEU A 42 8.87 2.86 -5.55
C LEU A 42 8.43 1.40 -5.66
N ASP A 43 9.35 0.45 -5.83
CA ASP A 43 9.11 -1.00 -5.80
C ASP A 43 8.45 -1.45 -4.48
N ARG A 44 8.98 -1.02 -3.31
CA ARG A 44 8.35 -1.31 -2.01
C ARG A 44 6.97 -0.69 -1.89
N ILE A 45 6.80 0.57 -2.30
CA ILE A 45 5.49 1.24 -2.24
C ILE A 45 4.48 0.61 -3.23
N GLN A 46 4.94 0.17 -4.40
CA GLN A 46 4.17 -0.65 -5.35
C GLN A 46 3.69 -1.94 -4.69
N ILE A 47 4.59 -2.79 -4.17
CA ILE A 47 4.21 -4.02 -3.45
C ILE A 47 3.34 -3.72 -2.22
N TRP A 48 3.53 -2.60 -1.54
CA TRP A 48 2.61 -2.17 -0.48
C TRP A 48 1.19 -1.89 -1.01
N PHE A 49 1.03 -1.01 -2.02
CA PHE A 49 -0.28 -0.69 -2.63
C PHE A 49 -0.94 -1.95 -3.22
N GLN A 50 -0.18 -2.80 -3.90
CA GLN A 50 -0.61 -4.12 -4.39
C GLN A 50 -1.17 -4.97 -3.24
N ASN A 51 -0.44 -5.17 -2.15
CA ASN A 51 -0.93 -5.91 -0.97
C ASN A 51 -1.95 -5.12 -0.11
N ARG A 52 -2.45 -3.99 -0.59
CA ARG A 52 -3.69 -3.31 -0.15
C ARG A 52 -4.82 -3.67 -1.10
N ARG A 53 -4.71 -3.32 -2.37
CA ARG A 53 -5.72 -3.55 -3.42
C ARG A 53 -6.08 -5.04 -3.58
N ALA A 54 -5.08 -5.92 -3.62
CA ALA A 54 -5.30 -7.37 -3.66
C ALA A 54 -5.85 -7.93 -2.34
N LYS A 55 -5.56 -7.28 -1.20
CA LYS A 55 -6.16 -7.64 0.10
C LYS A 55 -7.67 -7.37 0.08
N LEU A 56 -8.10 -6.16 -0.30
CA LEU A 56 -9.54 -5.83 -0.37
C LEU A 56 -10.33 -6.72 -1.35
N LYS A 57 -9.66 -7.27 -2.39
CA LYS A 57 -10.22 -8.33 -3.26
C LYS A 57 -10.55 -9.60 -2.46
N ARG A 58 -9.55 -10.23 -1.82
CA ARG A 58 -9.70 -11.52 -1.11
C ARG A 58 -10.33 -11.43 0.29
N SER A 59 -10.43 -10.22 0.86
CA SER A 59 -11.06 -9.95 2.16
C SER A 59 -12.59 -10.21 2.13
N HIS A 60 -13.23 -10.19 3.30
CA HIS A 60 -14.66 -10.44 3.46
C HIS A 60 -15.25 -9.46 4.49
N ARG A 61 -16.40 -8.86 4.16
CA ARG A 61 -16.96 -7.63 4.76
C ARG A 61 -15.96 -6.47 4.74
N GLU A 62 -16.05 -5.65 3.71
CA GLU A 62 -15.26 -4.43 3.50
C GLU A 62 -16.20 -3.31 2.99
N SER A 63 -17.11 -2.81 3.84
CA SER A 63 -18.13 -1.80 3.49
C SER A 63 -17.58 -0.36 3.48
N GLN A 64 -16.51 -0.15 2.71
CA GLN A 64 -15.95 1.16 2.36
C GLN A 64 -16.86 1.94 1.38
N PHE A 65 -16.46 3.17 1.03
CA PHE A 65 -17.19 4.05 0.10
C PHE A 65 -16.22 4.72 -0.91
N LEU A 66 -16.74 5.37 -1.96
CA LEU A 66 -15.97 5.74 -3.17
C LEU A 66 -16.08 7.21 -3.61
N MET A 67 -16.75 8.07 -2.85
CA MET A 67 -16.84 9.53 -3.07
C MET A 67 -16.74 10.29 -1.76
N GLY A 1 18.69 -3.70 2.10
CA GLY A 1 17.81 -4.67 2.77
C GLY A 1 18.19 -6.10 2.40
N ARG A 2 17.43 -7.08 2.91
CA ARG A 2 17.59 -8.53 2.67
C ARG A 2 16.26 -9.28 2.67
N ARG A 3 15.49 -9.16 3.77
CA ARG A 3 14.24 -9.91 4.00
C ARG A 3 13.11 -9.46 3.06
N PRO A 4 12.18 -10.35 2.67
CA PRO A 4 10.87 -9.94 2.17
C PRO A 4 10.08 -9.26 3.28
N ARG A 5 9.79 -7.96 3.13
CA ARG A 5 8.80 -7.24 3.96
C ARG A 5 8.29 -5.97 3.31
N THR A 6 7.03 -5.66 3.61
CA THR A 6 6.31 -4.49 3.08
C THR A 6 5.35 -3.87 4.09
N ALA A 7 4.95 -4.62 5.12
CA ALA A 7 4.39 -4.03 6.34
C ALA A 7 5.49 -3.30 7.15
N PHE A 8 5.57 -1.99 6.87
CA PHE A 8 6.44 -0.98 7.47
C PHE A 8 6.10 -0.69 8.94
N THR A 9 6.64 0.40 9.48
CA THR A 9 6.12 0.99 10.72
C THR A 9 4.79 1.69 10.48
N GLN A 10 3.89 1.69 11.48
CA GLN A 10 2.57 2.29 11.33
C GLN A 10 2.64 3.78 10.95
N ASN A 11 3.60 4.55 11.45
CA ASN A 11 3.75 5.97 11.08
C ASN A 11 4.12 6.22 9.60
N GLN A 12 4.46 5.16 8.84
CA GLN A 12 4.49 5.11 7.37
C GLN A 12 3.19 4.52 6.79
N ILE A 13 2.68 3.41 7.34
CA ILE A 13 1.41 2.79 6.90
C ILE A 13 0.26 3.78 6.90
N GLU A 14 0.11 4.63 7.91
CA GLU A 14 -0.94 5.65 8.01
C GLU A 14 -0.90 6.67 6.86
N VAL A 15 0.29 7.08 6.39
CA VAL A 15 0.42 7.97 5.22
C VAL A 15 -0.03 7.24 3.95
N LEU A 16 0.45 6.01 3.76
CA LEU A 16 0.10 5.15 2.63
C LEU A 16 -1.40 4.81 2.60
N GLU A 17 -1.99 4.43 3.75
CA GLU A 17 -3.43 4.25 3.91
C GLU A 17 -4.24 5.54 3.69
N ASN A 18 -3.80 6.70 4.18
CA ASN A 18 -4.47 7.98 3.84
C ASN A 18 -4.56 8.24 2.32
N VAL A 19 -3.49 7.98 1.55
CA VAL A 19 -3.57 8.05 0.07
C VAL A 19 -4.55 7.01 -0.49
N PHE A 20 -4.39 5.75 -0.08
CA PHE A 20 -5.23 4.61 -0.50
C PHE A 20 -6.73 4.79 -0.19
N ARG A 21 -7.06 5.47 0.92
CA ARG A 21 -8.41 5.89 1.34
C ARG A 21 -9.09 6.72 0.24
N VAL A 22 -8.42 7.76 -0.25
CA VAL A 22 -8.88 8.65 -1.33
C VAL A 22 -8.85 7.96 -2.70
N ASN A 23 -7.78 7.22 -3.00
CA ASN A 23 -7.56 6.55 -4.30
C ASN A 23 -6.83 5.21 -4.16
N CYS A 24 -7.55 4.11 -4.43
CA CYS A 24 -7.04 2.74 -4.43
C CYS A 24 -5.86 2.49 -5.39
N TYR A 25 -5.72 3.30 -6.45
CA TYR A 25 -4.71 3.12 -7.51
C TYR A 25 -4.01 4.45 -7.86
N PRO A 26 -2.86 4.78 -7.23
CA PRO A 26 -2.08 5.98 -7.55
C PRO A 26 -1.37 5.91 -8.92
N GLY A 27 -0.68 7.00 -9.28
CA GLY A 27 0.25 7.09 -10.42
C GLY A 27 1.71 7.19 -9.98
N ILE A 28 2.63 7.31 -10.95
CA ILE A 28 4.08 7.28 -10.70
C ILE A 28 4.52 8.38 -9.75
N ASP A 29 4.14 9.64 -10.02
CA ASP A 29 4.54 10.81 -9.24
C ASP A 29 4.01 10.77 -7.81
N ILE A 30 2.87 10.13 -7.56
CA ILE A 30 2.32 9.93 -6.21
C ILE A 30 3.17 8.87 -5.48
N LEU A 31 3.54 7.78 -6.15
CA LEU A 31 4.47 6.78 -5.60
C LEU A 31 5.87 7.38 -5.36
N GLU A 32 6.40 8.17 -6.30
CA GLU A 32 7.67 8.89 -6.17
C GLU A 32 7.63 10.01 -5.11
N ASP A 33 6.52 10.73 -4.95
CA ASP A 33 6.32 11.68 -3.83
C ASP A 33 6.34 10.97 -2.47
N LEU A 34 5.63 9.84 -2.35
CA LEU A 34 5.66 8.99 -1.16
C LEU A 34 7.09 8.49 -0.88
N ALA A 35 7.80 7.97 -1.88
CA ALA A 35 9.23 7.61 -1.77
C ALA A 35 10.08 8.78 -1.28
N GLN A 36 10.02 9.93 -1.98
CA GLN A 36 10.68 11.20 -1.63
C GLN A 36 10.38 11.69 -0.20
N LYS A 37 9.25 11.27 0.40
CA LYS A 37 8.81 11.65 1.76
C LYS A 37 8.92 10.54 2.81
N LEU A 38 9.33 9.32 2.46
CA LEU A 38 9.34 8.16 3.36
C LEU A 38 10.63 7.30 3.35
N ASN A 39 11.50 7.49 2.35
CA ASN A 39 12.80 6.79 2.19
C ASN A 39 12.70 5.28 1.85
N LEU A 40 11.62 4.90 1.17
CA LEU A 40 11.49 3.65 0.40
C LEU A 40 11.81 3.88 -1.09
N GLU A 41 11.99 2.81 -1.85
CA GLU A 41 11.87 2.84 -3.31
C GLU A 41 10.42 2.58 -3.79
N LEU A 42 10.11 3.12 -4.98
CA LEU A 42 8.82 2.98 -5.67
C LEU A 42 8.36 1.52 -5.79
N ASP A 43 9.24 0.54 -6.06
CA ASP A 43 8.90 -0.89 -6.11
C ASP A 43 8.27 -1.40 -4.79
N ARG A 44 8.80 -0.97 -3.63
CA ARG A 44 8.28 -1.42 -2.33
C ARG A 44 6.95 -0.75 -1.99
N ILE A 45 6.72 0.48 -2.46
CA ILE A 45 5.41 1.15 -2.40
C ILE A 45 4.41 0.55 -3.41
N GLN A 46 4.83 0.19 -4.63
CA GLN A 46 4.07 -0.62 -5.57
C GLN A 46 3.58 -1.92 -4.92
N ILE A 47 4.49 -2.74 -4.37
CA ILE A 47 4.13 -3.97 -3.65
C ILE A 47 3.22 -3.69 -2.44
N TRP A 48 3.36 -2.56 -1.73
CA TRP A 48 2.40 -2.18 -0.70
C TRP A 48 1.00 -1.96 -1.30
N PHE A 49 0.86 -1.06 -2.28
CA PHE A 49 -0.44 -0.78 -2.92
C PHE A 49 -1.06 -2.03 -3.56
N GLN A 50 -0.27 -2.85 -4.26
CA GLN A 50 -0.69 -4.15 -4.79
C GLN A 50 -1.23 -5.06 -3.68
N ASN A 51 -0.49 -5.27 -2.58
CA ASN A 51 -1.00 -6.13 -1.52
C ASN A 51 -2.28 -5.57 -0.89
N ARG A 52 -2.32 -4.29 -0.53
CA ARG A 52 -3.51 -3.71 0.11
C ARG A 52 -4.74 -3.69 -0.80
N ARG A 53 -4.60 -3.47 -2.11
CA ARG A 53 -5.73 -3.63 -3.06
C ARG A 53 -6.08 -5.10 -3.26
N ALA A 54 -5.10 -6.01 -3.42
CA ALA A 54 -5.35 -7.44 -3.63
C ALA A 54 -6.19 -8.12 -2.51
N LYS A 55 -6.04 -7.72 -1.25
CA LYS A 55 -6.73 -8.30 -0.07
C LYS A 55 -7.50 -7.26 0.75
N LEU A 56 -7.92 -6.17 0.10
CA LEU A 56 -8.67 -5.01 0.63
C LEU A 56 -9.67 -5.34 1.76
N LYS A 57 -10.51 -6.37 1.59
CA LYS A 57 -11.57 -6.72 2.56
C LYS A 57 -11.19 -7.82 3.57
N ARG A 58 -10.05 -8.53 3.42
CA ARG A 58 -9.67 -9.67 4.28
C ARG A 58 -8.30 -9.47 4.95
N SER A 59 -8.30 -9.38 6.29
CA SER A 59 -7.13 -9.01 7.11
C SER A 59 -7.28 -9.49 8.57
N HIS A 60 -6.34 -9.15 9.45
CA HIS A 60 -6.51 -9.22 10.91
C HIS A 60 -7.71 -8.38 11.41
N ARG A 61 -8.09 -7.35 10.62
CA ARG A 61 -9.14 -6.35 10.76
C ARG A 61 -9.52 -5.99 12.21
N GLU A 62 -8.86 -4.96 12.71
CA GLU A 62 -8.81 -4.56 14.12
C GLU A 62 -9.22 -3.09 14.35
N SER A 63 -9.34 -2.28 13.29
CA SER A 63 -9.73 -0.87 13.39
C SER A 63 -10.68 -0.43 12.25
N GLN A 64 -11.16 0.81 12.36
CA GLN A 64 -12.21 1.45 11.57
C GLN A 64 -11.79 2.88 11.19
N PHE A 65 -12.32 3.42 10.08
CA PHE A 65 -11.99 4.79 9.64
C PHE A 65 -13.21 5.56 9.09
N LEU A 66 -13.04 6.88 8.96
CA LEU A 66 -14.04 7.88 8.57
C LEU A 66 -13.57 8.74 7.37
N MET A 67 -14.15 9.92 7.16
CA MET A 67 -13.79 10.87 6.10
C MET A 67 -13.24 12.17 6.69
N GLY A 1 12.09 -14.47 -3.03
CA GLY A 1 12.39 -13.35 -3.94
C GLY A 1 11.11 -12.71 -4.45
N ARG A 2 10.41 -13.37 -5.37
CA ARG A 2 9.39 -12.80 -6.27
C ARG A 2 8.14 -12.18 -5.60
N ARG A 3 7.83 -12.43 -4.32
CA ARG A 3 6.58 -11.98 -3.66
C ARG A 3 6.80 -11.41 -2.23
N PRO A 4 7.58 -10.33 -2.05
CA PRO A 4 7.91 -9.80 -0.74
C PRO A 4 6.68 -9.18 -0.04
N ARG A 5 6.44 -9.55 1.22
CA ARG A 5 5.33 -9.06 2.07
C ARG A 5 5.65 -7.68 2.67
N THR A 6 5.93 -6.69 1.81
CA THR A 6 6.50 -5.37 2.18
C THR A 6 5.53 -4.46 2.95
N ALA A 7 5.34 -4.75 4.23
CA ALA A 7 4.79 -3.83 5.22
C ALA A 7 5.87 -2.90 5.82
N PHE A 8 5.44 -1.92 6.61
CA PHE A 8 6.22 -0.95 7.36
C PHE A 8 5.69 -0.83 8.81
N THR A 9 6.24 0.11 9.57
CA THR A 9 5.71 0.54 10.88
C THR A 9 4.45 1.38 10.74
N GLN A 10 3.48 1.29 11.65
CA GLN A 10 2.18 1.96 11.48
C GLN A 10 2.28 3.48 11.23
N ASN A 11 3.20 4.20 11.86
CA ASN A 11 3.39 5.65 11.59
C ASN A 11 3.70 5.94 10.10
N GLN A 12 4.33 5.01 9.38
CA GLN A 12 4.52 5.04 7.93
C GLN A 12 3.27 4.54 7.20
N ILE A 13 2.72 3.37 7.58
CA ILE A 13 1.50 2.80 6.98
C ILE A 13 0.35 3.80 6.92
N GLU A 14 0.06 4.54 8.00
CA GLU A 14 -1.04 5.50 8.06
C GLU A 14 -0.94 6.61 7.00
N VAL A 15 0.26 6.99 6.54
CA VAL A 15 0.42 7.92 5.41
C VAL A 15 -0.04 7.25 4.11
N LEU A 16 0.46 6.04 3.82
CA LEU A 16 0.07 5.29 2.64
C LEU A 16 -1.42 4.87 2.64
N GLU A 17 -1.99 4.38 3.76
CA GLU A 17 -3.44 4.15 3.93
C GLU A 17 -4.24 5.43 3.70
N ASN A 18 -3.79 6.60 4.18
CA ASN A 18 -4.44 7.88 3.84
C ASN A 18 -4.49 8.17 2.34
N VAL A 19 -3.44 7.83 1.57
CA VAL A 19 -3.49 7.92 0.09
C VAL A 19 -4.40 6.84 -0.50
N PHE A 20 -4.31 5.58 -0.05
CA PHE A 20 -5.12 4.46 -0.53
C PHE A 20 -6.64 4.68 -0.34
N ARG A 21 -7.06 5.42 0.69
CA ARG A 21 -8.45 5.87 0.88
C ARG A 21 -8.97 6.67 -0.31
N VAL A 22 -8.27 7.74 -0.71
CA VAL A 22 -8.64 8.62 -1.83
C VAL A 22 -8.30 8.07 -3.22
N ASN A 23 -7.22 7.31 -3.33
CA ASN A 23 -6.67 6.72 -4.57
C ASN A 23 -6.37 5.23 -4.39
N CYS A 24 -7.38 4.37 -4.61
CA CYS A 24 -7.23 2.90 -4.53
C CYS A 24 -6.20 2.32 -5.52
N TYR A 25 -6.04 2.97 -6.69
CA TYR A 25 -4.93 2.80 -7.63
C TYR A 25 -4.37 4.20 -7.97
N PRO A 26 -3.22 4.63 -7.41
CA PRO A 26 -2.63 5.96 -7.68
C PRO A 26 -1.86 6.01 -9.02
N GLY A 27 -1.22 7.14 -9.30
CA GLY A 27 -0.23 7.35 -10.37
C GLY A 27 1.22 7.34 -9.86
N ILE A 28 2.18 7.26 -10.78
CA ILE A 28 3.62 7.05 -10.49
C ILE A 28 4.23 8.22 -9.71
N ASP A 29 3.81 9.45 -9.98
CA ASP A 29 4.26 10.66 -9.26
C ASP A 29 3.83 10.66 -7.78
N ILE A 30 2.68 10.07 -7.46
CA ILE A 30 2.22 9.86 -6.10
C ILE A 30 3.04 8.76 -5.41
N LEU A 31 3.42 7.71 -6.16
CA LEU A 31 4.33 6.68 -5.68
C LEU A 31 5.76 7.24 -5.47
N GLU A 32 6.34 7.98 -6.41
CA GLU A 32 7.56 8.76 -6.20
C GLU A 32 7.48 9.70 -4.99
N ASP A 33 6.48 10.58 -4.87
CA ASP A 33 6.42 11.45 -3.69
C ASP A 33 6.40 10.66 -2.36
N LEU A 34 5.64 9.57 -2.27
CA LEU A 34 5.69 8.66 -1.11
C LEU A 34 7.08 8.04 -0.90
N ALA A 35 7.73 7.55 -1.96
CA ALA A 35 9.10 7.05 -1.92
C ALA A 35 10.07 8.11 -1.36
N GLN A 36 10.13 9.28 -2.02
CA GLN A 36 10.99 10.41 -1.65
C GLN A 36 10.79 10.85 -0.19
N LYS A 37 9.54 10.96 0.31
CA LYS A 37 9.21 11.46 1.65
C LYS A 37 9.25 10.42 2.78
N LEU A 38 9.43 9.13 2.46
CA LEU A 38 9.47 8.01 3.42
C LEU A 38 10.79 7.21 3.37
N ASN A 39 11.75 7.63 2.53
CA ASN A 39 13.05 7.00 2.29
C ASN A 39 12.96 5.56 1.73
N LEU A 40 11.84 5.27 1.07
CA LEU A 40 11.53 4.05 0.34
C LEU A 40 11.83 4.24 -1.16
N GLU A 41 11.74 3.18 -1.96
CA GLU A 41 11.76 3.25 -3.43
C GLU A 41 10.41 2.89 -4.07
N LEU A 42 10.25 3.28 -5.34
CA LEU A 42 9.02 3.11 -6.13
C LEU A 42 8.45 1.69 -6.04
N ASP A 43 9.29 0.67 -6.22
CA ASP A 43 8.90 -0.74 -6.15
C ASP A 43 8.33 -1.13 -4.79
N ARG A 44 8.87 -0.63 -3.67
CA ARG A 44 8.25 -0.88 -2.35
C ARG A 44 6.85 -0.29 -2.28
N ILE A 45 6.64 0.91 -2.83
CA ILE A 45 5.31 1.53 -2.82
C ILE A 45 4.36 0.79 -3.77
N GLN A 46 4.83 0.37 -4.95
CA GLN A 46 4.10 -0.53 -5.85
C GLN A 46 3.65 -1.83 -5.14
N ILE A 47 4.57 -2.58 -4.53
CA ILE A 47 4.24 -3.78 -3.75
C ILE A 47 3.34 -3.43 -2.55
N TRP A 48 3.53 -2.31 -1.85
CA TRP A 48 2.63 -1.89 -0.78
C TRP A 48 1.19 -1.67 -1.28
N PHE A 49 1.00 -0.88 -2.35
CA PHE A 49 -0.34 -0.66 -2.92
C PHE A 49 -0.94 -1.95 -3.48
N GLN A 50 -0.17 -2.78 -4.19
CA GLN A 50 -0.65 -4.10 -4.63
C GLN A 50 -1.04 -5.00 -3.46
N ASN A 51 -0.28 -5.00 -2.35
CA ASN A 51 -0.71 -5.66 -1.10
C ASN A 51 -2.06 -5.12 -0.61
N ARG A 52 -2.20 -3.79 -0.48
CA ARG A 52 -3.45 -3.13 -0.05
C ARG A 52 -4.65 -3.39 -0.96
N ARG A 53 -4.46 -3.33 -2.28
CA ARG A 53 -5.52 -3.64 -3.25
C ARG A 53 -5.81 -5.15 -3.29
N ALA A 54 -4.81 -6.02 -3.12
CA ALA A 54 -5.06 -7.45 -2.90
C ALA A 54 -5.90 -7.71 -1.63
N LYS A 55 -5.57 -7.06 -0.50
CA LYS A 55 -6.24 -7.18 0.82
C LYS A 55 -7.76 -7.04 0.77
N LEU A 56 -8.32 -6.30 -0.19
CA LEU A 56 -9.78 -6.19 -0.39
C LEU A 56 -10.45 -7.48 -0.91
N LYS A 57 -9.72 -8.42 -1.54
CA LYS A 57 -10.27 -9.67 -2.13
C LYS A 57 -9.37 -10.92 -2.01
N ARG A 58 -8.20 -10.85 -1.35
CA ARG A 58 -7.28 -11.97 -1.04
C ARG A 58 -6.57 -11.68 0.30
N SER A 59 -6.05 -12.70 0.98
CA SER A 59 -5.62 -12.64 2.40
C SER A 59 -6.78 -12.31 3.37
N HIS A 60 -6.48 -12.06 4.65
CA HIS A 60 -7.45 -12.03 5.78
C HIS A 60 -8.28 -13.34 5.87
N ARG A 61 -9.45 -13.30 6.53
CA ARG A 61 -10.36 -14.44 6.76
C ARG A 61 -11.81 -13.96 6.79
N GLU A 62 -12.38 -13.70 5.62
CA GLU A 62 -13.70 -13.06 5.50
C GLU A 62 -14.82 -14.11 5.52
N SER A 63 -15.06 -14.67 6.72
CA SER A 63 -16.03 -15.73 7.00
C SER A 63 -16.58 -15.63 8.43
N GLN A 64 -17.55 -16.47 8.78
CA GLN A 64 -18.12 -16.56 10.13
C GLN A 64 -17.13 -17.21 11.11
N PHE A 65 -16.27 -16.39 11.74
CA PHE A 65 -15.14 -16.80 12.57
C PHE A 65 -15.47 -17.64 13.81
N LEU A 66 -16.72 -17.63 14.28
CA LEU A 66 -17.19 -18.51 15.35
C LEU A 66 -17.13 -19.98 14.88
N MET A 67 -16.05 -20.67 15.23
CA MET A 67 -15.73 -22.06 14.92
C MET A 67 -16.19 -23.00 16.02
N GLY A 1 9.44 -6.18 -11.81
CA GLY A 1 8.84 -7.52 -11.86
C GLY A 1 9.24 -8.33 -10.65
N ARG A 2 8.51 -8.18 -9.52
CA ARG A 2 8.65 -8.99 -8.30
C ARG A 2 7.35 -8.97 -7.49
N ARG A 3 6.92 -10.09 -6.90
CA ARG A 3 5.67 -10.19 -6.09
C ARG A 3 5.87 -10.63 -4.61
N PRO A 4 6.73 -9.96 -3.81
CA PRO A 4 6.81 -10.15 -2.37
C PRO A 4 5.65 -9.46 -1.61
N ARG A 5 5.67 -9.56 -0.28
CA ARG A 5 4.75 -8.90 0.66
C ARG A 5 5.54 -7.96 1.57
N THR A 6 5.17 -6.67 1.64
CA THR A 6 5.97 -5.62 2.30
C THR A 6 5.11 -4.70 3.17
N ALA A 7 5.63 -4.35 4.36
CA ALA A 7 5.05 -3.42 5.33
C ALA A 7 6.16 -2.73 6.14
N PHE A 8 5.79 -1.77 7.00
CA PHE A 8 6.64 -0.81 7.69
C PHE A 8 6.32 -0.75 9.20
N THR A 9 6.77 0.31 9.88
CA THR A 9 6.15 0.81 11.13
C THR A 9 4.82 1.52 10.85
N GLN A 10 3.88 1.51 11.79
CA GLN A 10 2.49 1.91 11.55
C GLN A 10 2.29 3.41 11.26
N ASN A 11 3.06 4.32 11.85
CA ASN A 11 2.96 5.74 11.46
C ASN A 11 3.55 6.02 10.05
N GLN A 12 4.34 5.11 9.47
CA GLN A 12 4.63 5.13 8.02
C GLN A 12 3.45 4.56 7.23
N ILE A 13 2.93 3.37 7.60
CA ILE A 13 1.73 2.77 6.99
C ILE A 13 0.58 3.76 6.87
N GLU A 14 0.22 4.46 7.94
CA GLU A 14 -0.92 5.38 7.92
C GLU A 14 -0.80 6.53 6.90
N VAL A 15 0.41 6.95 6.50
CA VAL A 15 0.57 7.93 5.42
C VAL A 15 0.17 7.33 4.07
N LEU A 16 0.59 6.09 3.81
CA LEU A 16 0.20 5.34 2.60
C LEU A 16 -1.32 5.02 2.63
N GLU A 17 -1.88 4.53 3.74
CA GLU A 17 -3.32 4.35 3.92
C GLU A 17 -4.13 5.64 3.65
N ASN A 18 -3.72 6.78 4.19
CA ASN A 18 -4.40 8.05 3.94
C ASN A 18 -4.34 8.50 2.47
N VAL A 19 -3.30 8.11 1.71
CA VAL A 19 -3.34 8.20 0.24
C VAL A 19 -4.28 7.15 -0.38
N PHE A 20 -4.25 5.89 0.08
CA PHE A 20 -5.09 4.79 -0.43
C PHE A 20 -6.60 5.08 -0.35
N ARG A 21 -7.08 5.77 0.70
CA ARG A 21 -8.47 6.25 0.79
C ARG A 21 -8.85 7.40 -0.17
N VAL A 22 -7.91 7.87 -1.00
CA VAL A 22 -8.13 8.86 -2.08
C VAL A 22 -7.78 8.26 -3.45
N ASN A 23 -6.73 7.44 -3.51
CA ASN A 23 -6.17 6.82 -4.71
C ASN A 23 -5.98 5.30 -4.49
N CYS A 24 -7.02 4.51 -4.78
CA CYS A 24 -7.00 3.05 -4.66
C CYS A 24 -6.02 2.38 -5.64
N TYR A 25 -5.85 2.96 -6.83
CA TYR A 25 -4.76 2.68 -7.78
C TYR A 25 -4.02 4.01 -8.08
N PRO A 26 -2.99 4.38 -7.30
CA PRO A 26 -2.25 5.64 -7.51
C PRO A 26 -1.54 5.73 -8.87
N GLY A 27 -1.18 6.96 -9.25
CA GLY A 27 -0.19 7.23 -10.30
C GLY A 27 1.25 7.15 -9.79
N ILE A 28 2.22 7.05 -10.70
CA ILE A 28 3.64 6.88 -10.41
C ILE A 28 4.16 8.05 -9.54
N ASP A 29 3.70 9.26 -9.81
CA ASP A 29 4.11 10.50 -9.14
C ASP A 29 3.60 10.61 -7.70
N ILE A 30 2.45 10.00 -7.41
CA ILE A 30 1.95 9.85 -6.03
C ILE A 30 2.84 8.86 -5.28
N LEU A 31 3.16 7.74 -5.92
CA LEU A 31 4.06 6.72 -5.38
C LEU A 31 5.48 7.28 -5.19
N GLU A 32 6.02 8.04 -6.14
CA GLU A 32 7.30 8.73 -6.06
C GLU A 32 7.34 9.87 -5.03
N ASP A 33 6.26 10.63 -4.85
CA ASP A 33 6.18 11.56 -3.71
C ASP A 33 6.22 10.83 -2.36
N LEU A 34 5.46 9.73 -2.20
CA LEU A 34 5.54 8.86 -1.03
C LEU A 34 6.95 8.28 -0.84
N ALA A 35 7.56 7.74 -1.90
CA ALA A 35 8.93 7.23 -1.93
C ALA A 35 9.92 8.27 -1.37
N GLN A 36 9.94 9.47 -1.99
CA GLN A 36 10.78 10.58 -1.54
C GLN A 36 10.52 10.98 -0.08
N LYS A 37 9.24 11.08 0.33
CA LYS A 37 8.81 11.51 1.67
C LYS A 37 9.00 10.44 2.77
N LEU A 38 9.21 9.18 2.43
CA LEU A 38 9.26 8.05 3.37
C LEU A 38 10.57 7.25 3.34
N ASN A 39 11.50 7.59 2.45
CA ASN A 39 12.77 6.90 2.18
C ASN A 39 12.56 5.41 1.81
N LEU A 40 11.76 5.19 0.78
CA LEU A 40 11.43 3.91 0.16
C LEU A 40 11.60 4.04 -1.37
N GLU A 41 11.82 2.94 -2.08
CA GLU A 41 11.78 2.93 -3.55
C GLU A 41 10.35 2.72 -4.09
N LEU A 42 10.12 3.21 -5.33
CA LEU A 42 8.88 3.08 -6.10
C LEU A 42 8.27 1.67 -6.03
N ASP A 43 9.09 0.63 -6.23
CA ASP A 43 8.63 -0.76 -6.14
C ASP A 43 8.16 -1.15 -4.72
N ARG A 44 8.75 -0.66 -3.63
CA ARG A 44 8.19 -0.95 -2.28
C ARG A 44 6.81 -0.34 -2.11
N ILE A 45 6.59 0.87 -2.63
CA ILE A 45 5.24 1.48 -2.61
C ILE A 45 4.28 0.74 -3.53
N GLN A 46 4.66 0.38 -4.75
CA GLN A 46 3.86 -0.47 -5.64
C GLN A 46 3.51 -1.80 -4.96
N ILE A 47 4.48 -2.57 -4.48
CA ILE A 47 4.20 -3.81 -3.74
C ILE A 47 3.31 -3.54 -2.53
N TRP A 48 3.51 -2.47 -1.76
CA TRP A 48 2.59 -2.12 -0.67
C TRP A 48 1.15 -1.93 -1.15
N PHE A 49 0.91 -1.04 -2.12
CA PHE A 49 -0.41 -0.77 -2.70
C PHE A 49 -1.02 -2.00 -3.37
N GLN A 50 -0.30 -2.73 -4.22
CA GLN A 50 -0.79 -3.99 -4.80
C GLN A 50 -1.13 -5.02 -3.73
N ASN A 51 -0.34 -5.17 -2.66
CA ASN A 51 -0.75 -6.06 -1.55
C ASN A 51 -2.04 -5.56 -0.88
N ARG A 52 -2.23 -4.24 -0.73
CA ARG A 52 -3.47 -3.64 -0.21
C ARG A 52 -4.67 -3.90 -1.12
N ARG A 53 -4.56 -3.58 -2.41
CA ARG A 53 -5.63 -3.75 -3.40
C ARG A 53 -5.99 -5.23 -3.59
N ALA A 54 -5.01 -6.14 -3.56
CA ALA A 54 -5.27 -7.57 -3.40
C ALA A 54 -6.07 -7.86 -2.11
N LYS A 55 -5.52 -7.51 -0.94
CA LYS A 55 -6.09 -7.76 0.39
C LYS A 55 -7.53 -7.26 0.56
N LEU A 56 -7.86 -6.05 0.10
CA LEU A 56 -9.21 -5.50 0.17
C LEU A 56 -10.20 -6.41 -0.60
N LYS A 57 -9.92 -6.70 -1.88
CA LYS A 57 -10.77 -7.58 -2.71
C LYS A 57 -10.82 -9.03 -2.20
N ARG A 58 -9.69 -9.60 -1.75
CA ARG A 58 -9.44 -11.04 -1.52
C ARG A 58 -9.75 -11.90 -2.77
N SER A 59 -9.45 -13.19 -2.69
CA SER A 59 -9.98 -14.22 -3.58
C SER A 59 -10.20 -15.51 -2.78
N HIS A 60 -11.28 -15.51 -2.02
CA HIS A 60 -11.62 -16.42 -0.91
C HIS A 60 -10.61 -16.42 0.26
N ARG A 61 -10.87 -17.28 1.26
CA ARG A 61 -10.40 -17.24 2.67
C ARG A 61 -10.75 -15.90 3.36
N GLU A 62 -10.24 -15.71 4.58
CA GLU A 62 -10.63 -14.64 5.53
C GLU A 62 -12.16 -14.53 5.75
N SER A 63 -12.76 -15.60 6.28
CA SER A 63 -14.15 -15.63 6.76
C SER A 63 -14.29 -16.63 7.91
N GLN A 64 -15.40 -16.57 8.65
CA GLN A 64 -15.61 -17.39 9.85
C GLN A 64 -15.90 -18.86 9.51
N PHE A 65 -15.24 -19.80 10.18
CA PHE A 65 -15.38 -21.25 9.99
C PHE A 65 -15.23 -22.03 11.31
N LEU A 66 -15.27 -23.37 11.23
CA LEU A 66 -15.05 -24.32 12.33
C LEU A 66 -15.92 -24.06 13.58
N MET A 67 -15.36 -23.55 14.68
CA MET A 67 -15.94 -23.56 16.04
C MET A 67 -15.41 -22.41 16.89
N GLY A 1 15.53 -5.56 -2.60
CA GLY A 1 14.41 -6.20 -1.91
C GLY A 1 14.70 -7.66 -1.67
N ARG A 2 14.35 -8.21 -0.50
CA ARG A 2 14.56 -9.63 -0.15
C ARG A 2 13.27 -10.29 0.31
N ARG A 3 12.93 -11.47 -0.25
CA ARG A 3 11.61 -12.14 -0.13
C ARG A 3 10.41 -11.25 -0.61
N PRO A 4 9.20 -11.82 -0.78
CA PRO A 4 8.02 -11.08 -1.23
C PRO A 4 7.34 -10.24 -0.13
N ARG A 5 6.19 -9.62 -0.45
CA ARG A 5 5.29 -8.88 0.46
C ARG A 5 6.02 -7.89 1.38
N THR A 6 6.31 -6.70 0.85
CA THR A 6 6.79 -5.57 1.65
C THR A 6 5.66 -4.98 2.51
N ALA A 7 5.91 -4.79 3.81
CA ALA A 7 5.10 -3.99 4.72
C ALA A 7 5.98 -3.18 5.69
N PHE A 8 5.39 -2.21 6.39
CA PHE A 8 6.09 -1.20 7.18
C PHE A 8 5.54 -1.07 8.62
N THR A 9 6.08 -0.08 9.33
CA THR A 9 5.65 0.40 10.65
C THR A 9 4.43 1.32 10.53
N GLN A 10 3.59 1.37 11.57
CA GLN A 10 2.26 1.99 11.51
C GLN A 10 2.26 3.46 11.08
N ASN A 11 3.13 4.35 11.60
CA ASN A 11 3.16 5.75 11.14
C ASN A 11 3.48 5.92 9.65
N GLN A 12 4.11 4.92 9.01
CA GLN A 12 4.29 4.84 7.55
C GLN A 12 3.07 4.21 6.86
N ILE A 13 2.44 3.18 7.44
CA ILE A 13 1.17 2.60 6.96
C ILE A 13 0.06 3.66 6.91
N GLU A 14 -0.16 4.43 7.99
CA GLU A 14 -1.23 5.42 8.08
C GLU A 14 -1.07 6.62 7.13
N VAL A 15 0.12 6.89 6.59
CA VAL A 15 0.30 7.85 5.47
C VAL A 15 -0.10 7.19 4.14
N LEU A 16 0.32 5.94 3.94
CA LEU A 16 0.03 5.16 2.73
C LEU A 16 -1.47 4.81 2.60
N GLU A 17 -2.12 4.28 3.65
CA GLU A 17 -3.58 4.15 3.74
C GLU A 17 -4.31 5.49 3.54
N ASN A 18 -3.79 6.59 4.10
CA ASN A 18 -4.35 7.92 3.86
C ASN A 18 -4.27 8.38 2.40
N VAL A 19 -3.32 7.89 1.59
CA VAL A 19 -3.36 8.03 0.13
C VAL A 19 -4.32 7.03 -0.51
N PHE A 20 -4.28 5.75 -0.12
CA PHE A 20 -5.17 4.71 -0.66
C PHE A 20 -6.66 5.07 -0.56
N ARG A 21 -7.11 5.66 0.55
CA ARG A 21 -8.50 6.15 0.71
C ARG A 21 -8.87 7.36 -0.15
N VAL A 22 -7.91 7.96 -0.86
CA VAL A 22 -8.08 9.08 -1.80
C VAL A 22 -7.84 8.63 -3.26
N ASN A 23 -6.87 7.74 -3.50
CA ASN A 23 -6.58 7.07 -4.76
C ASN A 23 -6.18 5.61 -4.49
N CYS A 24 -7.13 4.69 -4.62
CA CYS A 24 -6.89 3.25 -4.49
C CYS A 24 -5.79 2.73 -5.44
N TYR A 25 -5.68 3.34 -6.63
CA TYR A 25 -4.52 3.30 -7.51
C TYR A 25 -4.01 4.72 -7.76
N PRO A 26 -2.90 5.16 -7.13
CA PRO A 26 -2.34 6.51 -7.27
C PRO A 26 -1.63 6.72 -8.63
N GLY A 27 -1.09 7.92 -8.85
CA GLY A 27 -0.24 8.23 -10.00
C GLY A 27 1.21 7.82 -9.75
N ILE A 28 2.05 7.76 -10.80
CA ILE A 28 3.47 7.43 -10.62
C ILE A 28 4.20 8.55 -9.89
N ASP A 29 3.84 9.81 -10.15
CA ASP A 29 4.28 10.99 -9.39
C ASP A 29 3.90 10.94 -7.91
N ILE A 30 2.74 10.38 -7.58
CA ILE A 30 2.33 10.19 -6.18
C ILE A 30 3.13 9.04 -5.53
N LEU A 31 3.40 7.96 -6.27
CA LEU A 31 4.31 6.88 -5.83
C LEU A 31 5.75 7.39 -5.64
N GLU A 32 6.30 8.16 -6.60
CA GLU A 32 7.55 8.90 -6.48
C GLU A 32 7.56 9.85 -5.28
N ASP A 33 6.54 10.70 -5.10
CA ASP A 33 6.48 11.63 -3.97
C ASP A 33 6.45 10.90 -2.61
N LEU A 34 5.69 9.81 -2.51
CA LEU A 34 5.69 8.94 -1.34
C LEU A 34 7.07 8.28 -1.12
N ALA A 35 7.70 7.75 -2.17
CA ALA A 35 9.06 7.20 -2.11
C ALA A 35 10.05 8.25 -1.59
N GLN A 36 10.07 9.41 -2.23
CA GLN A 36 10.90 10.57 -1.90
C GLN A 36 10.76 11.00 -0.42
N LYS A 37 9.55 11.00 0.15
CA LYS A 37 9.28 11.51 1.51
C LYS A 37 9.13 10.45 2.62
N LEU A 38 9.00 9.17 2.28
CA LEU A 38 9.00 8.05 3.24
C LEU A 38 10.36 7.34 3.31
N ASN A 39 11.32 7.72 2.46
CA ASN A 39 12.60 7.06 2.28
C ASN A 39 12.40 5.57 1.92
N LEU A 40 11.66 5.33 0.84
CA LEU A 40 11.45 4.04 0.18
C LEU A 40 11.79 4.18 -1.32
N GLU A 41 11.71 3.10 -2.10
CA GLU A 41 11.62 3.13 -3.54
C GLU A 41 10.20 2.84 -4.07
N LEU A 42 9.99 3.22 -5.32
CA LEU A 42 8.80 2.96 -6.13
C LEU A 42 8.30 1.51 -5.98
N ASP A 43 9.20 0.52 -6.13
CA ASP A 43 8.92 -0.91 -6.01
C ASP A 43 8.36 -1.33 -4.64
N ARG A 44 8.96 -0.89 -3.52
CA ARG A 44 8.47 -1.23 -2.17
C ARG A 44 7.07 -0.66 -1.91
N ILE A 45 6.78 0.54 -2.42
CA ILE A 45 5.44 1.15 -2.34
C ILE A 45 4.44 0.49 -3.30
N GLN A 46 4.83 0.20 -4.54
CA GLN A 46 4.05 -0.63 -5.47
C GLN A 46 3.64 -1.95 -4.84
N ILE A 47 4.60 -2.70 -4.28
CA ILE A 47 4.34 -3.94 -3.54
C ILE A 47 3.40 -3.68 -2.37
N TRP A 48 3.58 -2.62 -1.56
CA TRP A 48 2.61 -2.29 -0.51
C TRP A 48 1.20 -2.06 -1.06
N PHE A 49 1.00 -1.16 -2.04
CA PHE A 49 -0.33 -0.85 -2.58
C PHE A 49 -1.03 -2.09 -3.17
N GLN A 50 -0.30 -2.87 -3.98
CA GLN A 50 -0.81 -4.11 -4.56
C GLN A 50 -1.10 -5.18 -3.49
N ASN A 51 -0.25 -5.37 -2.47
CA ASN A 51 -0.62 -6.24 -1.35
C ASN A 51 -1.87 -5.75 -0.60
N ARG A 52 -2.04 -4.44 -0.41
CA ARG A 52 -3.26 -3.83 0.16
C ARG A 52 -4.52 -4.16 -0.65
N ARG A 53 -4.59 -3.81 -1.94
CA ARG A 53 -5.76 -4.15 -2.78
C ARG A 53 -6.01 -5.67 -2.82
N ALA A 54 -4.95 -6.50 -2.93
CA ALA A 54 -5.09 -7.96 -2.80
C ALA A 54 -5.71 -8.41 -1.47
N LYS A 55 -5.21 -7.90 -0.33
CA LYS A 55 -5.70 -8.22 1.02
C LYS A 55 -7.15 -7.77 1.24
N LEU A 56 -7.53 -6.56 0.82
CA LEU A 56 -8.87 -6.00 1.07
C LEU A 56 -10.03 -6.78 0.41
N LYS A 57 -9.78 -7.47 -0.72
CA LYS A 57 -10.75 -8.44 -1.30
C LYS A 57 -10.64 -9.86 -0.73
N ARG A 58 -9.69 -10.09 0.20
CA ARG A 58 -9.16 -11.34 0.76
C ARG A 58 -9.55 -12.59 -0.03
N SER A 59 -8.76 -12.85 -1.06
CA SER A 59 -8.86 -14.02 -1.94
C SER A 59 -8.83 -15.34 -1.16
N HIS A 60 -9.70 -16.27 -1.56
CA HIS A 60 -9.59 -17.70 -1.28
C HIS A 60 -10.23 -18.50 -2.44
N ARG A 61 -10.13 -19.83 -2.40
CA ARG A 61 -10.76 -20.80 -3.32
C ARG A 61 -10.93 -22.14 -2.58
N GLU A 62 -11.44 -23.16 -3.26
CA GLU A 62 -11.63 -24.53 -2.77
C GLU A 62 -10.37 -25.13 -2.12
N SER A 63 -10.40 -25.21 -0.79
CA SER A 63 -9.63 -26.14 0.04
C SER A 63 -10.46 -26.53 1.27
N GLN A 64 -9.99 -27.53 2.03
CA GLN A 64 -10.53 -27.97 3.31
C GLN A 64 -9.39 -28.53 4.18
N PHE A 65 -9.56 -28.53 5.50
CA PHE A 65 -8.64 -29.23 6.42
C PHE A 65 -8.91 -30.75 6.49
N LEU A 66 -10.00 -31.21 5.86
CA LEU A 66 -10.62 -32.53 6.01
C LEU A 66 -10.71 -32.94 7.50
N MET A 67 -10.12 -34.09 7.86
CA MET A 67 -10.00 -34.68 9.20
C MET A 67 -8.85 -35.69 9.18
N GLY A 1 14.00 -16.43 -2.72
CA GLY A 1 13.22 -15.23 -2.37
C GLY A 1 12.18 -14.95 -3.45
N ARG A 2 10.91 -15.32 -3.20
CA ARG A 2 9.80 -15.21 -4.18
C ARG A 2 8.44 -14.87 -3.56
N ARG A 3 8.40 -14.36 -2.32
CA ARG A 3 7.17 -14.06 -1.55
C ARG A 3 7.02 -12.53 -1.33
N PRO A 4 6.41 -11.78 -2.26
CA PRO A 4 6.40 -10.32 -2.26
C PRO A 4 5.45 -9.71 -1.21
N ARG A 5 5.81 -9.80 0.07
CA ARG A 5 5.19 -9.10 1.20
C ARG A 5 6.04 -7.87 1.57
N THR A 6 5.42 -6.72 1.84
CA THR A 6 6.12 -5.53 2.37
C THR A 6 5.23 -4.73 3.30
N ALA A 7 5.71 -4.47 4.52
CA ALA A 7 5.13 -3.52 5.46
C ALA A 7 6.23 -2.70 6.16
N PHE A 8 5.84 -1.64 6.87
CA PHE A 8 6.67 -0.62 7.49
C PHE A 8 6.32 -0.45 8.97
N THR A 9 6.84 0.59 9.63
CA THR A 9 6.22 1.09 10.88
C THR A 9 4.81 1.61 10.57
N GLN A 10 3.87 1.42 11.51
CA GLN A 10 2.49 1.93 11.42
C GLN A 10 2.43 3.45 11.21
N ASN A 11 3.37 4.20 11.79
CA ASN A 11 3.56 5.65 11.60
C ASN A 11 4.11 6.04 10.20
N GLN A 12 4.38 5.05 9.33
CA GLN A 12 4.48 5.21 7.87
C GLN A 12 3.21 4.66 7.18
N ILE A 13 2.78 3.44 7.52
CA ILE A 13 1.57 2.80 6.95
C ILE A 13 0.37 3.73 6.90
N GLU A 14 0.08 4.47 7.99
CA GLU A 14 -1.00 5.46 8.02
C GLU A 14 -0.94 6.49 6.89
N VAL A 15 0.23 6.98 6.48
CA VAL A 15 0.32 7.93 5.35
C VAL A 15 -0.09 7.23 4.06
N LEU A 16 0.46 6.05 3.79
CA LEU A 16 0.11 5.23 2.62
C LEU A 16 -1.40 4.84 2.61
N GLU A 17 -1.97 4.38 3.73
CA GLU A 17 -3.41 4.14 3.86
C GLU A 17 -4.27 5.40 3.66
N ASN A 18 -3.94 6.55 4.25
CA ASN A 18 -4.70 7.78 4.01
C ASN A 18 -4.64 8.26 2.54
N VAL A 19 -3.59 7.95 1.78
CA VAL A 19 -3.60 8.12 0.30
C VAL A 19 -4.54 7.09 -0.35
N PHE A 20 -4.35 5.79 -0.07
CA PHE A 20 -5.18 4.70 -0.60
C PHE A 20 -6.69 4.87 -0.32
N ARG A 21 -7.05 5.52 0.79
CA ARG A 21 -8.41 5.93 1.21
C ARG A 21 -9.10 6.92 0.25
N VAL A 22 -8.33 7.67 -0.54
CA VAL A 22 -8.80 8.75 -1.43
C VAL A 22 -8.48 8.47 -2.91
N ASN A 23 -7.39 7.74 -3.19
CA ASN A 23 -7.10 7.12 -4.48
C ASN A 23 -6.44 5.74 -4.27
N CYS A 24 -7.23 4.68 -4.33
CA CYS A 24 -6.78 3.29 -4.13
C CYS A 24 -5.92 2.72 -5.27
N TYR A 25 -5.78 3.42 -6.41
CA TYR A 25 -4.89 3.03 -7.51
C TYR A 25 -4.28 4.26 -8.21
N PRO A 26 -3.27 4.91 -7.60
CA PRO A 26 -2.74 6.21 -8.03
C PRO A 26 -1.77 6.11 -9.23
N GLY A 27 -1.14 7.24 -9.58
CA GLY A 27 -0.09 7.35 -10.61
C GLY A 27 1.33 7.28 -10.05
N ILE A 28 2.31 7.24 -10.95
CA ILE A 28 3.73 7.07 -10.61
C ILE A 28 4.27 8.24 -9.78
N ASP A 29 3.90 9.48 -10.11
CA ASP A 29 4.27 10.68 -9.34
C ASP A 29 3.82 10.61 -7.88
N ILE A 30 2.65 10.05 -7.59
CA ILE A 30 2.18 9.83 -6.22
C ILE A 30 3.04 8.77 -5.53
N LEU A 31 3.39 7.69 -6.22
CA LEU A 31 4.34 6.69 -5.70
C LEU A 31 5.74 7.28 -5.46
N GLU A 32 6.28 8.05 -6.41
CA GLU A 32 7.55 8.77 -6.31
C GLU A 32 7.57 9.84 -5.20
N ASP A 33 6.54 10.67 -5.05
CA ASP A 33 6.46 11.66 -3.95
C ASP A 33 6.38 10.98 -2.57
N LEU A 34 5.70 9.83 -2.45
CA LEU A 34 5.74 8.98 -1.26
C LEU A 34 7.13 8.37 -1.03
N ALA A 35 7.73 7.75 -2.04
CA ALA A 35 9.07 7.16 -2.02
C ALA A 35 10.14 8.18 -1.56
N GLN A 36 10.07 9.41 -2.08
CA GLN A 36 10.82 10.58 -1.59
C GLN A 36 10.55 10.83 -0.10
N LYS A 37 9.32 11.27 0.26
CA LYS A 37 8.99 11.80 1.59
C LYS A 37 9.02 10.76 2.72
N LEU A 38 9.01 9.46 2.43
CA LEU A 38 8.94 8.37 3.42
C LEU A 38 10.14 7.40 3.38
N ASN A 39 11.14 7.66 2.52
CA ASN A 39 12.38 6.90 2.34
C ASN A 39 12.16 5.40 2.06
N LEU A 40 11.67 5.12 0.86
CA LEU A 40 11.54 3.77 0.26
C LEU A 40 11.87 3.85 -1.23
N GLU A 41 12.09 2.71 -1.89
CA GLU A 41 11.98 2.63 -3.35
C GLU A 41 10.51 2.48 -3.80
N LEU A 42 10.20 3.04 -4.98
CA LEU A 42 8.91 2.88 -5.64
C LEU A 42 8.46 1.41 -5.75
N ASP A 43 9.38 0.46 -5.96
CA ASP A 43 9.10 -0.99 -5.98
C ASP A 43 8.41 -1.47 -4.68
N ARG A 44 8.87 -1.00 -3.51
CA ARG A 44 8.24 -1.32 -2.21
C ARG A 44 6.93 -0.58 -1.97
N ILE A 45 6.76 0.64 -2.48
CA ILE A 45 5.43 1.29 -2.49
C ILE A 45 4.46 0.56 -3.43
N GLN A 46 4.91 0.09 -4.59
CA GLN A 46 4.15 -0.78 -5.50
C GLN A 46 3.72 -2.05 -4.78
N ILE A 47 4.65 -2.86 -4.26
CA ILE A 47 4.32 -4.06 -3.47
C ILE A 47 3.38 -3.73 -2.31
N TRP A 48 3.53 -2.60 -1.62
CA TRP A 48 2.57 -2.17 -0.60
C TRP A 48 1.17 -1.93 -1.18
N PHE A 49 1.00 -1.01 -2.15
CA PHE A 49 -0.31 -0.68 -2.74
C PHE A 49 -0.98 -1.91 -3.37
N GLN A 50 -0.22 -2.72 -4.11
CA GLN A 50 -0.69 -3.96 -4.73
C GLN A 50 -1.11 -4.99 -3.67
N ASN A 51 -0.34 -5.19 -2.58
CA ASN A 51 -0.83 -6.06 -1.50
C ASN A 51 -2.12 -5.51 -0.86
N ARG A 52 -2.23 -4.20 -0.69
CA ARG A 52 -3.45 -3.52 -0.23
C ARG A 52 -4.64 -3.81 -1.12
N ARG A 53 -4.58 -3.44 -2.40
CA ARG A 53 -5.68 -3.63 -3.35
C ARG A 53 -6.01 -5.11 -3.57
N ALA A 54 -5.01 -6.00 -3.59
CA ALA A 54 -5.26 -7.44 -3.62
C ALA A 54 -5.99 -7.96 -2.35
N LYS A 55 -5.55 -7.55 -1.15
CA LYS A 55 -6.15 -8.01 0.11
C LYS A 55 -7.56 -7.46 0.35
N LEU A 56 -7.84 -6.22 -0.07
CA LEU A 56 -9.15 -5.58 0.03
C LEU A 56 -10.30 -6.46 -0.51
N LYS A 57 -10.03 -7.20 -1.60
CA LYS A 57 -10.95 -8.14 -2.25
C LYS A 57 -11.15 -9.47 -1.48
N ARG A 58 -10.11 -9.96 -0.81
CA ARG A 58 -10.07 -11.26 -0.09
C ARG A 58 -9.55 -11.10 1.34
N SER A 59 -10.33 -10.45 2.19
CA SER A 59 -10.13 -10.39 3.65
C SER A 59 -11.45 -10.00 4.34
N HIS A 60 -11.62 -10.43 5.60
CA HIS A 60 -12.85 -10.41 6.39
C HIS A 60 -14.01 -11.24 5.79
N ARG A 61 -15.07 -11.50 6.58
CA ARG A 61 -16.27 -12.22 6.10
C ARG A 61 -17.59 -11.90 6.79
N GLU A 62 -17.59 -11.26 7.96
CA GLU A 62 -18.82 -10.71 8.53
C GLU A 62 -19.40 -9.54 7.68
N SER A 63 -20.72 -9.43 7.61
CA SER A 63 -21.43 -8.70 6.55
C SER A 63 -22.42 -7.68 7.12
N GLN A 64 -21.94 -6.44 7.32
CA GLN A 64 -22.66 -5.33 7.96
C GLN A 64 -23.81 -4.78 7.09
N PHE A 65 -25.03 -5.31 7.29
CA PHE A 65 -26.31 -4.75 6.81
C PHE A 65 -27.18 -4.30 8.00
N LEU A 66 -28.09 -3.35 7.78
CA LEU A 66 -28.92 -2.73 8.82
C LEU A 66 -30.28 -3.45 8.97
N MET A 67 -31.32 -2.99 8.28
CA MET A 67 -32.71 -3.47 8.31
C MET A 67 -33.46 -2.96 7.08
#